data_7Y8Y
#
_entry.id   7Y8Y
#
_cell.length_a   1.00
_cell.length_b   1.00
_cell.length_c   1.00
_cell.angle_alpha   90.00
_cell.angle_beta   90.00
_cell.angle_gamma   90.00
#
_symmetry.space_group_name_H-M   'P 1'
#
loop_
_entity.id
_entity.type
_entity.pdbx_description
1 polymer 'CHAT domain protein'
2 polymer 'RAMP superfamily protein'
3 polymer 'RNA (37-MER)'
4 polymer "RNA (5'-R(P*CP*GP*GP*GP*GP*CP*AP*GP*AP*AP*AP*AP*UP*UP*GP*GP*AP*C)-3')"
5 non-polymer 'ZINC ION'
#
loop_
_entity_poly.entity_id
_entity_poly.type
_entity_poly.pdbx_seq_one_letter_code
_entity_poly.pdbx_strand_id
1 'polypeptide(L)'
;MNNTEENIDRIQEPTREDIDRKEAERLLDEAFNPRTKPVDRKKIINSALKILIGLYKEKKDDLTSASFISIARAYYLVSI
TILPKGTTIPEKKKEALRKGIEFIDRAINKFNGSILDSQRAFRIKSVLSIEFNRIDREKCDNIKLKNLLNEAVDKGCTDF
DTYEWDIQIAIRLCELGVDMEGHFDNLIKSNKANDLQKAKAYYFIKKDDHKAKEHMDKCTASLKYTPCSHRLWDETVGFI
ERLKGDSSTLWRDFAIKTYRSCRVQEKETGTLRLRWYWSRHRVLYDMAFLAVKEQADDEEPDVNVKQAKIKKLAEISDSL
KSRFSLRLSDMEKMPKSDDESNHEFKKFLDKCVTAYQDGYVINRSEDKEGQGENKSTTSKQPEPRPQAKLLELTQVPEGW
VVVHFYLNKLEGMGNAIVFDKCANSWQYKEFQYKELFEVFLTWQANYNLYKENAAEHLVTLCKKIGETMPFLFCDNFIPN
GKDVLFVPHDFLHRLPLHGSIENKTNGKLFLENHSCCYLPAWSFASEKEASTSDEYVLLKNFDQGHFETLQNNQIWGTQS
VKDGASSDDLENIRNNPRLLTILCHGEANMSNPFRSMLKLANGGITYLEILNSVKGLKGSQVILGACETDLVPPLSDVMD
EHYSVATALLLIGAAGVVGTMWKVRSNKTKSLIEWKLENIEYKLNEWQKETGGAAYKDHPPTFYRSIAFRSIGFPL
;
B
2 'polypeptide(L)'
;MKSNDMNITVELTFFEPYRLVEWFDWDARKKSHSAMRGQAFAQWTWKGKGRTAGKSFITGTLVRSAVIKAVEELLSLNNG
KWEGVPCCNGSFQTDESKGKKPSFLRKRHTLQWQANNKNICDKEEACPFCILLGRFDNAGKVHERNKDYDIHFSNFDLDH
KQEKNDLRLVDIASGRILNRVDFDTGKAKDYFRTWEADYETYGTYTGRITLRNEHAKKLLLASLGFVDKLCGALCRIEVI
KKSESPLPSDTKEQSYTKDDTVEVLSEDHNDELRKQAEVIVEAFKQNDKLEKIRILADAIRTLRLHGEGVIEKDELPDGK
EERDKGHHLWDIKVQGTALRTKLKELWQSNKDIGWRKFTEMLGSNLYLIYKKETGGVSTRFRILGDTEYYSKAHDSEGSD
LFIPVTPPEGIETKEWIIVGRLKAATPFYFGVQQPSDSIPGKEKKSEDSLVINEHTSFNILLDKENRYRIPRSALRGALR
RDLRTAFGSGCNVSLGGQILCNCKVCIEMRRITLKDSVSDFSEPPEIRYRIAKNPGTATVEDGSLFDIEVGPEGLTFPFV
LRYRGHKFPEQLSSVIRYWEENDGKNGMAWLGGLDSTGKGRFALKDIKIFEWDLNQKINEYIKERGMRGKEKELLEMGES
SLPDGLIPYKFFEERECLFPYKENLKPQWSEVQYTIEVGSPLLTADTISALTEPGNRDAIAYKKRVYNDGNNAIEPEPRF
AVKSETHRGIFRTAVGRRTGDLGKEDHEDCTCDMCIIFGNEHESSKIRFEDLELINGNEFEKLEKHIDHVAIDRFTGGAL
DKAKFDTYPLAGSPKKPLKLKGRFWIKKGFSGDHKLLITTALSDIRDGLYPLGSKGGVGYGWVAGISIDDNVPDDFKEMI
NKTEMPLPEEVEESNNGPINNDYVHPGHQSPKQDHKNKNIYYPHYFLDSGSKVYREKDIITHEEFTEELLSGKINCKLET
LTPLIIPDTSDENGLKLQGNKPGHKNYKFFNINGELMIPGSELRGMLRTHFEALTKSCFAIFGEDSTLSWRMNADEKDYK
IDSNSIRKMESQRNPKYRIPDELQKELRNSGNGLFNRLYTSERRFWSDVSNKFENSIDYKREILRCAGRPKNYKGGIIRQ
RKDSLMAEELKVHRLPLYDNFDIPDSAYKANDHCRKSATCSTSRGCRERFTCGIKVRDKNRVFLNAANNNRQYLNNIKKS
NHDLYLQYLKGEKKIRFNSKVITGSERSPIDVIAELNERGRQTGFIKLSGLNNSNKSQGNTGTTFNSGWDRFELNILLDD
LETRPSKSDYPRPRLLFTKDQYEYNITKRCERVFEIDKGNKTGYPVDDQIKKNYEDILDSYDGIKDQEVAERFDTFTRGS
KLKVGDLVYFHIDGDNKIDSLIPVRISRKCASKTLGGKLDKALHPCTGLSDGLCPGCHLFGTTDYKGRVKFGFAKYENGP
EWLITRGNNPERSLTLGVLESPRPAFSIPDDESEIPGRKFYLHHNGWRIIRQKQLEIRETVQPERNVTTEVMDKGNVFSF
DVRFENLREWELGLLLQSLDPGKNIAHKLGKGKPYGFGSVKIKIDSLHTFKINSNNDKIKRVPQSDIREYINKGYQKLIE
WSGNNSIQKGNVLPQWHVIPHIDKLYKLLWVPFLNDSKLEPDVRYPVLNEESKGYIEGSDYTYKKLGDKDNLPYKTRVKG
LTTPWSPWNPFQVIAEHEEQEVNVTGSRPSVTDKIERDGKMV
;
A
3 'polyribonucleotide' GGACUUAAUGUCACGGUACCCAAUUUUCUGCCCCGGA D
4 'polyribonucleotide' CGGGGCAGAAAAUUGGAC E
#
# COMPACT_ATOMS: atom_id res chain seq x y z
N PRO A 14 7.26 -26.80 31.01
CA PRO A 14 5.90 -27.21 31.36
C PRO A 14 5.43 -28.40 30.54
N THR A 15 4.34 -29.04 30.98
CA THR A 15 3.78 -30.16 30.21
C THR A 15 3.23 -29.67 28.87
N ARG A 16 2.95 -28.37 28.75
CA ARG A 16 2.54 -27.82 27.47
C ARG A 16 3.76 -27.64 26.57
N GLU A 17 4.92 -27.34 27.15
CA GLU A 17 6.11 -27.05 26.36
C GLU A 17 6.57 -28.27 25.57
N ASP A 18 6.62 -29.44 26.22
CA ASP A 18 7.09 -30.64 25.54
C ASP A 18 6.14 -31.06 24.43
N ILE A 19 4.83 -31.03 24.68
CA ILE A 19 3.86 -31.40 23.65
C ILE A 19 3.90 -30.41 22.50
N ASP A 20 4.02 -29.12 22.80
CA ASP A 20 4.09 -28.10 21.76
C ASP A 20 5.34 -28.32 20.91
N ARG A 21 6.48 -28.58 21.56
CA ARG A 21 7.71 -28.80 20.82
C ARG A 21 7.63 -30.06 19.96
N LYS A 22 7.05 -31.13 20.50
CA LYS A 22 6.90 -32.37 19.72
C LYS A 22 5.98 -32.18 18.53
N GLU A 23 4.87 -31.45 18.69
CA GLU A 23 3.99 -31.16 17.58
C GLU A 23 4.64 -30.28 16.53
N ALA A 24 5.35 -29.22 16.94
CA ALA A 24 5.98 -28.29 16.01
C ALA A 24 7.23 -28.87 15.35
N GLU A 25 7.82 -29.91 15.94
CA GLU A 25 8.99 -30.55 15.35
C GLU A 25 8.66 -31.40 14.14
N ARG A 26 7.42 -31.88 14.03
CA ARG A 26 7.02 -32.62 12.84
C ARG A 26 7.13 -31.74 11.59
N LEU A 27 6.63 -30.51 11.69
CA LEU A 27 6.68 -29.60 10.54
C LEU A 27 8.11 -29.21 10.19
N LEU A 28 8.97 -29.08 11.20
CA LEU A 28 10.36 -28.71 10.98
C LEU A 28 11.21 -29.87 10.46
N ASP A 29 10.88 -31.12 10.81
CA ASP A 29 11.58 -32.29 10.33
C ASP A 29 11.06 -32.77 8.99
N GLU A 30 9.82 -32.42 8.63
CA GLU A 30 9.30 -32.67 7.29
C GLU A 30 9.93 -31.74 6.26
N ALA A 31 10.62 -30.69 6.72
CA ALA A 31 11.26 -29.75 5.80
C ALA A 31 12.36 -30.42 4.98
N PHE A 32 12.83 -31.59 5.42
CA PHE A 32 13.82 -32.36 4.69
C PHE A 32 13.19 -33.23 3.60
N ASN A 33 11.95 -32.94 3.22
CA ASN A 33 11.29 -33.64 2.14
C ASN A 33 11.26 -32.74 0.90
N PRO A 34 12.02 -33.08 -0.15
CA PRO A 34 12.04 -32.23 -1.36
C PRO A 34 10.78 -32.32 -2.20
N ARG A 35 9.84 -33.20 -1.87
CA ARG A 35 8.66 -33.38 -2.71
C ARG A 35 7.80 -32.12 -2.75
N THR A 36 7.62 -31.45 -1.62
CA THR A 36 6.75 -30.29 -1.57
C THR A 36 7.30 -29.15 -2.43
N LYS A 37 6.38 -28.45 -3.10
CA LYS A 37 6.77 -27.32 -3.93
C LYS A 37 7.27 -26.16 -3.06
N PRO A 38 8.15 -25.31 -3.58
CA PRO A 38 8.63 -24.17 -2.78
C PRO A 38 7.52 -23.23 -2.34
N VAL A 39 6.49 -23.07 -3.17
CA VAL A 39 5.38 -22.16 -2.83
C VAL A 39 4.64 -22.65 -1.58
N ASP A 40 4.65 -23.95 -1.31
CA ASP A 40 4.10 -24.49 -0.07
C ASP A 40 5.16 -24.68 1.00
N ARG A 41 6.41 -24.89 0.60
CA ARG A 41 7.50 -24.99 1.57
C ARG A 41 7.66 -23.70 2.34
N LYS A 42 7.55 -22.57 1.65
CA LYS A 42 7.68 -21.27 2.32
C LYS A 42 6.60 -21.07 3.37
N LYS A 43 5.36 -21.51 3.08
CA LYS A 43 4.29 -21.31 4.05
C LYS A 43 4.38 -22.33 5.19
N ILE A 44 4.80 -23.57 4.93
CA ILE A 44 4.89 -24.54 6.02
C ILE A 44 6.02 -24.19 6.96
N ILE A 45 7.16 -23.74 6.43
CA ILE A 45 8.24 -23.31 7.30
C ILE A 45 7.85 -22.03 8.03
N ASN A 46 7.04 -21.18 7.39
CA ASN A 46 6.53 -19.99 8.06
C ASN A 46 5.69 -20.38 9.26
N SER A 47 4.80 -21.37 9.10
CA SER A 47 3.98 -21.82 10.22
C SER A 47 4.83 -22.46 11.32
N ALA A 48 5.80 -23.29 10.93
CA ALA A 48 6.66 -23.98 11.87
C ALA A 48 7.59 -23.03 12.62
N LEU A 49 7.85 -21.85 12.05
CA LEU A 49 8.59 -20.81 12.74
C LEU A 49 7.71 -19.90 13.59
N LYS A 50 6.49 -19.62 13.13
CA LYS A 50 5.57 -18.77 13.86
C LYS A 50 4.98 -19.44 15.09
N ILE A 51 4.87 -20.77 15.09
CA ILE A 51 4.42 -21.47 16.29
C ILE A 51 5.46 -21.30 17.40
N LEU A 52 6.74 -21.28 17.05
CA LEU A 52 7.81 -21.16 18.03
C LEU A 52 8.11 -19.73 18.43
N ILE A 53 8.13 -18.78 17.48
CA ILE A 53 8.50 -17.40 17.79
C ILE A 53 7.50 -16.73 18.72
N GLY A 54 6.23 -17.15 18.70
CA GLY A 54 5.27 -16.60 19.63
C GLY A 54 5.62 -16.88 21.07
N LEU A 55 6.24 -18.04 21.32
CA LEU A 55 6.68 -18.36 22.67
C LEU A 55 7.73 -17.39 23.18
N TYR A 56 8.52 -16.79 22.29
CA TYR A 56 9.49 -15.79 22.71
C TYR A 56 8.80 -14.57 23.30
N LYS A 57 7.86 -13.98 22.55
CA LYS A 57 7.16 -12.81 23.05
C LYS A 57 6.13 -13.15 24.13
N GLU A 58 5.82 -14.43 24.32
CA GLU A 58 4.97 -14.84 25.43
C GLU A 58 5.82 -15.13 26.67
N LYS A 59 6.93 -15.84 26.49
CA LYS A 59 7.74 -16.27 27.64
C LYS A 59 9.12 -15.62 27.64
N LYS A 60 9.17 -14.33 27.30
CA LYS A 60 10.38 -13.52 27.40
C LYS A 60 11.18 -13.82 28.65
N ASP A 61 12.50 -13.92 28.48
CA ASP A 61 13.44 -14.22 29.55
C ASP A 61 13.12 -15.54 30.23
N ASP A 62 12.73 -16.54 29.43
CA ASP A 62 12.42 -17.86 29.97
C ASP A 62 12.48 -18.87 28.82
N LEU A 63 12.20 -20.14 29.12
CA LEU A 63 12.18 -21.34 28.25
C LEU A 63 13.08 -22.42 28.85
N THR A 64 12.99 -23.63 28.30
CA THR A 64 13.73 -24.77 28.84
C THR A 64 15.11 -24.87 28.23
N SER A 65 15.48 -23.88 27.40
CA SER A 65 16.79 -23.79 26.76
C SER A 65 17.00 -24.89 25.72
N ALA A 66 16.02 -25.78 25.59
CA ALA A 66 16.11 -26.82 24.57
C ALA A 66 15.31 -26.45 23.32
N SER A 67 14.28 -25.63 23.47
CA SER A 67 13.51 -25.13 22.33
C SER A 67 14.13 -23.84 21.83
N PHE A 68 15.11 -23.31 22.57
CA PHE A 68 15.86 -22.13 22.16
C PHE A 68 16.75 -22.40 20.95
N ILE A 69 17.38 -23.57 20.88
CA ILE A 69 18.21 -23.90 19.71
C ILE A 69 17.35 -24.09 18.48
N SER A 70 16.09 -24.51 18.68
CA SER A 70 15.18 -24.70 17.56
C SER A 70 14.86 -23.40 16.84
N ILE A 71 14.84 -22.27 17.56
CA ILE A 71 14.60 -20.99 16.91
C ILE A 71 15.69 -20.69 15.88
N ALA A 72 16.95 -20.90 16.25
CA ALA A 72 18.07 -20.73 15.33
C ALA A 72 18.09 -21.80 14.23
N ARG A 73 17.76 -23.04 14.56
CA ARG A 73 17.72 -24.11 13.56
C ARG A 73 16.66 -23.90 12.49
N ALA A 74 15.45 -23.46 12.87
CA ALA A 74 14.43 -23.13 11.87
C ALA A 74 14.84 -21.90 11.06
N TYR A 75 15.44 -20.90 11.73
CA TYR A 75 15.92 -19.72 11.03
C TYR A 75 17.00 -20.04 10.00
N TYR A 76 17.83 -21.05 10.26
CA TYR A 76 18.83 -21.46 9.29
C TYR A 76 18.16 -21.95 8.01
N LEU A 77 17.10 -22.76 8.14
CA LEU A 77 16.40 -23.25 6.96
C LEU A 77 15.52 -22.19 6.33
N VAL A 78 15.22 -21.12 7.08
CA VAL A 78 14.39 -20.04 6.54
C VAL A 78 15.11 -19.32 5.41
N SER A 79 16.42 -19.11 5.54
CA SER A 79 17.20 -18.39 4.54
C SER A 79 17.54 -19.33 3.38
N ILE A 80 16.50 -20.00 2.88
CA ILE A 80 16.61 -20.87 1.72
C ILE A 80 15.62 -20.37 0.68
N THR A 81 14.52 -19.81 1.14
CA THR A 81 13.48 -19.29 0.26
C THR A 81 13.43 -17.78 0.23
N ILE A 82 14.09 -17.10 1.17
CA ILE A 82 14.17 -15.64 1.17
C ILE A 82 15.31 -15.14 0.29
N LEU A 83 16.22 -16.02 -0.12
CA LEU A 83 17.31 -15.62 -0.99
C LEU A 83 16.86 -15.06 -2.34
N PRO A 84 15.93 -15.69 -3.09
CA PRO A 84 15.59 -15.14 -4.41
C PRO A 84 14.75 -13.87 -4.32
N LYS A 85 14.28 -13.40 -5.49
CA LYS A 85 13.58 -12.12 -5.63
C LYS A 85 14.56 -10.99 -5.33
N GLY A 86 15.84 -11.24 -5.58
CA GLY A 86 16.86 -10.23 -5.44
C GLY A 86 17.60 -10.03 -6.74
N THR A 87 18.31 -8.90 -6.82
CA THR A 87 19.03 -8.55 -8.04
C THR A 87 20.48 -9.02 -8.00
N THR A 88 21.26 -8.54 -7.02
CA THR A 88 22.67 -8.90 -6.97
C THR A 88 23.06 -9.41 -5.58
N ILE A 89 22.28 -9.07 -4.55
CA ILE A 89 22.53 -9.53 -3.20
C ILE A 89 21.26 -9.37 -2.38
N PRO A 90 20.80 -10.42 -1.70
CA PRO A 90 19.57 -10.29 -0.89
C PRO A 90 19.84 -9.69 0.47
N GLU A 91 19.00 -8.74 0.89
CA GLU A 91 19.14 -8.09 2.18
C GLU A 91 18.48 -8.85 3.31
N LYS A 92 17.73 -9.91 3.00
CA LYS A 92 17.06 -10.69 4.04
C LYS A 92 17.80 -11.99 4.34
N LYS A 93 18.53 -12.52 3.37
CA LYS A 93 19.41 -13.66 3.64
C LYS A 93 20.48 -13.28 4.66
N LYS A 94 21.03 -12.08 4.53
CA LYS A 94 21.99 -11.59 5.53
C LYS A 94 21.33 -11.45 6.89
N GLU A 95 20.10 -10.94 6.93
CA GLU A 95 19.43 -10.71 8.21
C GLU A 95 19.08 -12.01 8.91
N ALA A 96 18.72 -13.05 8.15
CA ALA A 96 18.28 -14.29 8.76
C ALA A 96 19.39 -14.96 9.57
N LEU A 97 20.58 -15.11 8.98
CA LEU A 97 21.70 -15.70 9.69
C LEU A 97 22.14 -14.81 10.85
N ARG A 98 22.16 -13.50 10.63
CA ARG A 98 22.56 -12.57 11.68
C ARG A 98 21.65 -12.67 12.89
N LYS A 99 20.34 -12.81 12.66
CA LYS A 99 19.38 -13.00 13.74
C LYS A 99 19.46 -14.38 14.36
N GLY A 100 19.78 -15.42 13.57
CA GLY A 100 19.91 -16.74 14.15
C GLY A 100 21.15 -16.89 15.01
N ILE A 101 22.17 -16.07 14.74
CA ILE A 101 23.34 -16.06 15.62
C ILE A 101 22.97 -15.57 17.01
N GLU A 102 22.15 -14.54 17.09
CA GLU A 102 21.77 -13.97 18.39
C GLU A 102 20.90 -14.94 19.19
N PHE A 103 20.06 -15.72 18.53
CA PHE A 103 19.19 -16.66 19.20
C PHE A 103 19.87 -17.99 19.49
N ILE A 104 21.13 -18.15 19.08
CA ILE A 104 21.94 -19.27 19.53
C ILE A 104 23.01 -18.84 20.53
N ASP A 105 23.41 -17.56 20.54
CA ASP A 105 24.35 -17.08 21.55
C ASP A 105 23.75 -17.20 22.95
N ARG A 106 22.47 -16.87 23.09
CA ARG A 106 21.76 -17.04 24.35
C ARG A 106 21.58 -18.50 24.73
N ALA A 107 21.40 -19.39 23.75
CA ALA A 107 21.31 -20.82 24.05
C ALA A 107 22.65 -21.36 24.53
N ILE A 108 23.75 -20.84 23.99
CA ILE A 108 25.08 -21.25 24.44
C ILE A 108 25.27 -20.90 25.90
N ASN A 109 24.88 -19.69 26.31
CA ASN A 109 25.04 -19.25 27.69
C ASN A 109 24.14 -20.01 28.67
N LYS A 110 23.19 -20.79 28.17
CA LYS A 110 22.33 -21.57 29.06
C LYS A 110 23.15 -22.63 29.78
N PHE A 111 22.75 -22.94 31.01
CA PHE A 111 23.50 -23.85 31.87
C PHE A 111 22.86 -25.23 31.98
N ASN A 112 22.31 -25.77 30.89
CA ASN A 112 21.71 -27.10 30.90
C ASN A 112 22.83 -28.09 31.21
N GLY A 113 23.94 -28.01 30.48
CA GLY A 113 25.07 -28.88 30.72
C GLY A 113 24.99 -30.23 30.06
N SER A 114 23.96 -30.50 29.27
CA SER A 114 23.86 -31.77 28.58
C SER A 114 24.94 -31.89 27.50
N ILE A 115 25.32 -33.13 27.21
CA ILE A 115 26.38 -33.38 26.23
C ILE A 115 25.82 -33.24 24.81
N LEU A 116 24.75 -33.99 24.51
CA LEU A 116 24.19 -33.97 23.16
C LEU A 116 23.62 -32.60 22.83
N ASP A 117 22.97 -31.95 23.79
CA ASP A 117 22.41 -30.62 23.54
C ASP A 117 23.50 -29.62 23.21
N SER A 118 24.60 -29.64 23.98
CA SER A 118 25.72 -28.74 23.69
C SER A 118 26.34 -29.05 22.34
N GLN A 119 26.47 -30.34 22.01
CA GLN A 119 27.02 -30.72 20.71
C GLN A 119 26.16 -30.18 19.57
N ARG A 120 24.85 -30.36 19.67
CA ARG A 120 23.95 -29.87 18.62
C ARG A 120 23.97 -28.36 18.52
N ALA A 121 23.99 -27.67 19.67
CA ALA A 121 24.04 -26.21 19.64
C ALA A 121 25.32 -25.71 18.99
N PHE A 122 26.46 -26.32 19.31
CA PHE A 122 27.72 -25.92 18.70
C PHE A 122 27.74 -26.24 17.21
N ARG A 123 27.14 -27.37 16.82
CA ARG A 123 27.04 -27.72 15.41
C ARG A 123 26.26 -26.66 14.63
N ILE A 124 25.10 -26.28 15.17
CA ILE A 124 24.27 -25.27 14.50
C ILE A 124 24.99 -23.94 14.43
N LYS A 125 25.64 -23.53 15.52
CA LYS A 125 26.38 -22.29 15.51
C LYS A 125 27.50 -22.32 14.47
N SER A 126 28.23 -23.43 14.39
CA SER A 126 29.33 -23.54 13.46
C SER A 126 28.85 -23.48 12.01
N VAL A 127 27.77 -24.19 11.68
CA VAL A 127 27.30 -24.19 10.30
C VAL A 127 26.74 -22.81 9.93
N LEU A 128 26.06 -22.16 10.87
CA LEU A 128 25.58 -20.80 10.61
C LEU A 128 26.73 -19.84 10.38
N SER A 129 27.80 -19.97 11.18
CA SER A 129 28.96 -19.12 10.98
C SER A 129 29.65 -19.41 9.65
N ILE A 130 29.67 -20.67 9.24
CA ILE A 130 30.25 -21.02 7.94
C ILE A 130 29.46 -20.34 6.82
N GLU A 131 28.14 -20.39 6.89
CA GLU A 131 27.31 -19.73 5.89
C GLU A 131 27.53 -18.22 5.90
N PHE A 132 27.60 -17.62 7.10
CA PHE A 132 27.81 -16.19 7.21
C PHE A 132 29.15 -15.79 6.60
N ASN A 133 30.21 -16.55 6.89
CA ASN A 133 31.51 -16.27 6.29
C ASN A 133 31.47 -16.47 4.79
N ARG A 134 30.67 -17.42 4.31
CA ARG A 134 30.53 -17.61 2.86
C ARG A 134 29.92 -16.37 2.21
N ILE A 135 28.91 -15.77 2.83
CA ILE A 135 28.24 -14.63 2.23
C ILE A 135 28.73 -13.28 2.76
N ASP A 136 29.55 -13.27 3.81
CA ASP A 136 30.04 -12.01 4.37
C ASP A 136 31.33 -12.27 5.14
N ARG A 137 32.38 -11.51 4.80
CA ARG A 137 33.70 -11.70 5.41
C ARG A 137 34.03 -10.67 6.48
N GLU A 138 33.65 -9.41 6.28
CA GLU A 138 33.97 -8.37 7.26
C GLU A 138 33.23 -8.57 8.58
N LYS A 139 32.08 -9.21 8.57
CA LYS A 139 31.33 -9.46 9.79
C LYS A 139 31.69 -10.78 10.46
N CYS A 140 32.52 -11.60 9.83
CA CYS A 140 32.96 -12.87 10.42
C CYS A 140 34.31 -13.21 9.80
N ASP A 141 35.39 -12.96 10.53
CA ASP A 141 36.73 -13.17 10.04
C ASP A 141 37.10 -14.65 10.09
N ASN A 142 38.24 -14.99 9.50
CA ASN A 142 38.70 -16.38 9.51
C ASN A 142 39.13 -16.83 10.89
N ILE A 143 39.63 -15.91 11.72
CA ILE A 143 40.12 -16.30 13.05
C ILE A 143 38.97 -16.75 13.94
N LYS A 144 37.86 -16.01 13.92
CA LYS A 144 36.70 -16.38 14.73
C LYS A 144 36.15 -17.73 14.29
N LEU A 145 36.05 -17.94 12.96
CA LEU A 145 35.58 -19.22 12.46
C LEU A 145 36.51 -20.35 12.85
N LYS A 146 37.82 -20.12 12.79
CA LYS A 146 38.79 -21.13 13.18
C LYS A 146 38.62 -21.50 14.65
N ASN A 147 38.49 -20.50 15.52
CA ASN A 147 38.33 -20.76 16.94
C ASN A 147 37.02 -21.51 17.22
N LEU A 148 35.93 -21.09 16.56
CA LEU A 148 34.65 -21.75 16.79
C LEU A 148 34.68 -23.20 16.30
N LEU A 149 35.31 -23.46 15.15
CA LEU A 149 35.39 -24.83 14.66
C LEU A 149 36.29 -25.68 15.54
N ASN A 150 37.37 -25.11 16.07
CA ASN A 150 38.21 -25.84 17.01
C ASN A 150 37.44 -26.19 18.28
N GLU A 151 36.63 -25.25 18.78
CA GLU A 151 35.80 -25.52 19.94
C GLU A 151 34.78 -26.62 19.64
N ALA A 152 34.18 -26.58 18.45
CA ALA A 152 33.20 -27.60 18.08
C ALA A 152 33.86 -28.97 18.00
N VAL A 153 35.08 -29.03 17.45
CA VAL A 153 35.81 -30.30 17.40
C VAL A 153 36.16 -30.76 18.81
N ASP A 154 36.47 -29.82 19.72
CA ASP A 154 36.81 -30.19 21.08
C ASP A 154 35.68 -30.93 21.77
N LYS A 155 34.43 -30.47 21.58
CA LYS A 155 33.28 -31.13 22.19
C LYS A 155 33.01 -32.50 21.58
N GLY A 156 33.62 -32.82 20.44
CA GLY A 156 33.44 -34.14 19.85
C GLY A 156 32.41 -34.18 18.73
N CYS A 157 32.48 -33.20 17.82
CA CYS A 157 31.57 -33.16 16.68
C CYS A 157 32.23 -33.85 15.48
N THR A 158 32.36 -35.17 15.61
CA THR A 158 32.99 -36.01 14.61
C THR A 158 32.15 -37.24 14.31
N ASP A 159 30.85 -37.04 14.16
CA ASP A 159 29.93 -38.13 13.82
C ASP A 159 29.70 -38.15 12.31
N PHE A 160 30.76 -38.46 11.58
CA PHE A 160 30.75 -38.42 10.12
C PHE A 160 29.81 -39.43 9.49
N ASP A 161 29.41 -40.47 10.22
CA ASP A 161 28.66 -41.57 9.63
C ASP A 161 27.16 -41.30 9.54
N THR A 162 26.66 -40.24 10.16
CA THR A 162 25.23 -39.97 10.19
C THR A 162 24.85 -38.56 9.81
N TYR A 163 25.77 -37.61 9.84
CA TYR A 163 25.44 -36.20 9.57
C TYR A 163 26.52 -35.59 8.70
N GLU A 164 26.10 -35.00 7.57
CA GLU A 164 27.03 -34.34 6.66
C GLU A 164 27.55 -33.01 7.19
N TRP A 165 26.93 -32.47 8.24
CA TRP A 165 27.40 -31.21 8.81
C TRP A 165 28.81 -31.36 9.37
N ASP A 166 29.11 -32.51 9.99
CA ASP A 166 30.47 -32.77 10.45
C ASP A 166 31.43 -32.84 9.28
N ILE A 167 31.00 -33.41 8.16
CA ILE A 167 31.86 -33.45 6.98
C ILE A 167 32.16 -32.05 6.48
N GLN A 168 31.14 -31.19 6.44
CA GLN A 168 31.36 -29.81 6.01
C GLN A 168 32.30 -29.08 6.96
N ILE A 169 32.13 -29.29 8.27
CA ILE A 169 32.99 -28.64 9.26
C ILE A 169 34.43 -29.09 9.08
N ALA A 170 34.63 -30.41 8.91
CA ALA A 170 35.98 -30.94 8.75
C ALA A 170 36.64 -30.42 7.48
N ILE A 171 35.89 -30.36 6.38
CA ILE A 171 36.45 -29.86 5.12
C ILE A 171 36.82 -28.38 5.28
N ARG A 172 35.96 -27.60 5.91
CA ARG A 172 36.26 -26.18 6.10
C ARG A 172 37.49 -25.98 6.97
N LEU A 173 37.61 -26.78 8.03
CA LEU A 173 38.80 -26.68 8.88
C LEU A 173 40.06 -27.10 8.13
N CYS A 174 39.97 -28.16 7.33
CA CYS A 174 41.13 -28.63 6.58
C CYS A 174 41.57 -27.63 5.53
N GLU A 175 40.62 -26.92 4.91
CA GLU A 175 40.96 -25.89 3.93
C GLU A 175 41.64 -24.68 4.57
N LEU A 176 41.57 -24.54 5.89
CA LEU A 176 42.14 -23.38 6.57
C LEU A 176 43.60 -23.58 6.99
N GLY A 177 44.02 -24.82 7.21
CA GLY A 177 45.40 -25.07 7.59
C GLY A 177 45.56 -25.89 8.86
N VAL A 178 44.51 -26.60 9.26
CA VAL A 178 44.53 -27.44 10.45
C VAL A 178 44.71 -28.89 10.01
N ASP A 179 45.74 -29.54 10.55
CA ASP A 179 46.02 -30.92 10.19
C ASP A 179 44.95 -31.83 10.80
N MET A 180 44.42 -32.73 9.98
CA MET A 180 43.33 -33.63 10.36
C MET A 180 43.62 -35.04 9.92
N GLU A 181 44.84 -35.52 10.21
CA GLU A 181 45.23 -36.86 9.78
C GLU A 181 44.46 -37.94 10.52
N GLY A 182 44.00 -37.66 11.74
CA GLY A 182 43.36 -38.67 12.56
C GLY A 182 41.94 -39.01 12.18
N HIS A 183 41.34 -38.27 11.24
CA HIS A 183 39.97 -38.53 10.81
C HIS A 183 39.84 -38.79 9.32
N PHE A 184 40.95 -38.88 8.59
CA PHE A 184 40.89 -39.04 7.14
C PHE A 184 40.25 -40.37 6.74
N ASP A 185 40.56 -41.44 7.47
CA ASP A 185 40.05 -42.75 7.13
C ASP A 185 38.52 -42.80 7.22
N ASN A 186 37.97 -42.32 8.34
CA ASN A 186 36.52 -42.30 8.49
C ASN A 186 35.86 -41.22 7.64
N LEU A 187 36.60 -40.17 7.27
CA LEU A 187 36.06 -39.20 6.33
C LEU A 187 35.87 -39.81 4.94
N ILE A 188 36.86 -40.59 4.48
CA ILE A 188 36.75 -41.24 3.19
C ILE A 188 35.73 -42.36 3.23
N LYS A 189 35.73 -43.15 4.30
CA LYS A 189 34.87 -44.32 4.37
C LYS A 189 33.38 -43.94 4.38
N SER A 190 33.03 -42.84 5.04
CA SER A 190 31.62 -42.45 5.16
C SER A 190 30.99 -42.27 3.79
N ASN A 191 29.77 -42.78 3.64
CA ASN A 191 29.09 -42.77 2.35
C ASN A 191 28.35 -41.46 2.09
N LYS A 192 28.27 -40.56 3.06
CA LYS A 192 27.56 -39.30 2.91
C LYS A 192 28.48 -38.17 2.44
N ALA A 193 29.54 -38.49 1.72
CA ALA A 193 30.47 -37.51 1.17
C ALA A 193 30.46 -37.60 -0.34
N ASN A 194 30.32 -36.46 -1.00
CA ASN A 194 30.26 -36.42 -2.46
C ASN A 194 31.68 -36.50 -3.03
N ASP A 195 31.81 -36.28 -4.34
CA ASP A 195 33.11 -36.38 -4.99
C ASP A 195 34.00 -35.19 -4.69
N LEU A 196 33.42 -33.99 -4.60
CA LEU A 196 34.23 -32.80 -4.35
C LEU A 196 34.88 -32.84 -2.97
N GLN A 197 34.14 -33.31 -1.96
CA GLN A 197 34.72 -33.42 -0.62
C GLN A 197 35.88 -34.41 -0.61
N LYS A 198 35.72 -35.54 -1.29
CA LYS A 198 36.80 -36.52 -1.37
C LYS A 198 38.01 -35.94 -2.09
N ALA A 199 37.79 -35.18 -3.16
CA ALA A 199 38.89 -34.55 -3.87
C ALA A 199 39.62 -33.55 -2.99
N LYS A 200 38.87 -32.75 -2.23
CA LYS A 200 39.49 -31.80 -1.32
C LYS A 200 40.30 -32.52 -0.25
N ALA A 201 39.75 -33.59 0.32
CA ALA A 201 40.47 -34.35 1.33
C ALA A 201 41.75 -34.96 0.77
N TYR A 202 41.70 -35.48 -0.46
CA TYR A 202 42.89 -36.06 -1.06
C TYR A 202 43.94 -35.00 -1.35
N TYR A 203 43.53 -33.84 -1.87
CA TYR A 203 44.49 -32.83 -2.27
C TYR A 203 45.11 -32.13 -1.06
N PHE A 204 44.30 -31.76 -0.08
CA PHE A 204 44.77 -30.89 0.99
C PHE A 204 45.41 -31.64 2.16
N ILE A 205 45.33 -32.97 2.20
CA ILE A 205 45.87 -33.72 3.32
C ILE A 205 47.11 -34.50 2.88
N LYS A 206 46.95 -35.41 1.93
CA LYS A 206 48.04 -36.26 1.50
C LYS A 206 48.86 -35.68 0.34
N LYS A 207 48.46 -34.51 -0.17
CA LYS A 207 49.15 -33.88 -1.30
C LYS A 207 49.19 -34.79 -2.53
N ASP A 208 48.17 -35.63 -2.68
CA ASP A 208 48.09 -36.53 -3.82
C ASP A 208 47.41 -35.84 -5.00
N ASP A 209 47.64 -36.38 -6.19
CA ASP A 209 47.11 -35.79 -7.40
C ASP A 209 46.23 -36.73 -8.22
N HIS A 210 46.55 -38.03 -8.27
CA HIS A 210 45.80 -38.96 -9.11
C HIS A 210 44.38 -39.13 -8.59
N LYS A 211 44.23 -39.38 -7.28
CA LYS A 211 42.90 -39.53 -6.70
C LYS A 211 42.09 -38.25 -6.81
N ALA A 212 42.71 -37.09 -6.58
CA ALA A 212 42.02 -35.82 -6.71
C ALA A 212 41.53 -35.63 -8.14
N LYS A 213 42.39 -35.91 -9.12
CA LYS A 213 41.99 -35.78 -10.52
C LYS A 213 40.82 -36.69 -10.85
N GLU A 214 40.88 -37.95 -10.42
CA GLU A 214 39.80 -38.88 -10.71
C GLU A 214 38.49 -38.44 -10.07
N HIS A 215 38.54 -38.08 -8.79
CA HIS A 215 37.32 -37.71 -8.09
C HIS A 215 36.70 -36.44 -8.67
N MET A 216 37.51 -35.42 -8.96
CA MET A 216 36.89 -34.20 -9.45
C MET A 216 36.49 -34.34 -10.92
N ASP A 217 37.14 -35.25 -11.66
CA ASP A 217 36.63 -35.59 -12.99
C ASP A 217 35.25 -36.22 -12.90
N LYS A 218 35.05 -37.12 -11.94
CA LYS A 218 33.73 -37.69 -11.72
C LYS A 218 32.72 -36.61 -11.35
N CYS A 219 33.12 -35.68 -10.49
CA CYS A 219 32.22 -34.58 -10.10
C CYS A 219 31.85 -33.72 -11.30
N THR A 220 32.83 -33.38 -12.13
CA THR A 220 32.56 -32.56 -13.32
C THR A 220 31.65 -33.29 -14.29
N ALA A 221 31.87 -34.59 -14.48
CA ALA A 221 30.99 -35.37 -15.35
C ALA A 221 29.57 -35.39 -14.81
N SER A 222 29.41 -35.52 -13.49
CA SER A 222 28.08 -35.51 -12.89
C SER A 222 27.43 -34.13 -12.98
N LEU A 223 28.24 -33.07 -13.06
CA LEU A 223 27.71 -31.71 -13.08
C LEU A 223 26.88 -31.40 -14.32
N LYS A 224 26.94 -32.25 -15.35
CA LYS A 224 26.24 -31.98 -16.60
C LYS A 224 24.73 -31.92 -16.43
N TYR A 225 24.18 -32.57 -15.40
CA TYR A 225 22.74 -32.64 -15.17
C TYR A 225 22.33 -31.83 -13.94
N THR A 226 22.97 -30.68 -13.72
CA THR A 226 22.68 -29.82 -12.59
C THR A 226 22.39 -28.42 -13.10
N PRO A 227 21.23 -27.85 -12.81
CA PRO A 227 20.94 -26.49 -13.28
C PRO A 227 21.83 -25.46 -12.58
N CYS A 228 21.95 -24.29 -13.23
CA CYS A 228 22.86 -23.25 -12.76
C CYS A 228 22.46 -22.67 -11.41
N SER A 229 21.24 -22.91 -10.95
CA SER A 229 20.84 -22.44 -9.62
C SER A 229 21.52 -23.21 -8.50
N HIS A 230 22.12 -24.36 -8.79
CA HIS A 230 22.72 -25.19 -7.76
C HIS A 230 23.99 -24.54 -7.22
N ARG A 231 24.31 -24.87 -5.96
CA ARG A 231 25.52 -24.35 -5.32
C ARG A 231 26.77 -25.11 -5.74
N LEU A 232 26.61 -26.32 -6.27
CA LEU A 232 27.77 -27.13 -6.67
C LEU A 232 28.65 -26.38 -7.66
N TRP A 233 28.04 -25.56 -8.53
CA TRP A 233 28.82 -24.71 -9.40
C TRP A 233 29.67 -23.74 -8.61
N ASP A 234 29.09 -23.13 -7.57
CA ASP A 234 29.84 -22.19 -6.74
C ASP A 234 31.02 -22.87 -6.06
N GLU A 235 30.79 -24.04 -5.47
CA GLU A 235 31.89 -24.77 -4.83
C GLU A 235 32.96 -25.16 -5.83
N THR A 236 32.57 -25.61 -7.03
CA THR A 236 33.55 -26.01 -8.03
C THR A 236 34.41 -24.82 -8.46
N VAL A 237 33.78 -23.67 -8.71
CA VAL A 237 34.55 -22.50 -9.14
C VAL A 237 35.45 -22.01 -8.02
N GLY A 238 34.97 -22.06 -6.78
CA GLY A 238 35.82 -21.68 -5.66
C GLY A 238 37.03 -22.59 -5.51
N PHE A 239 36.82 -23.90 -5.66
CA PHE A 239 37.94 -24.83 -5.58
C PHE A 239 38.95 -24.60 -6.70
N ILE A 240 38.46 -24.33 -7.91
CA ILE A 240 39.38 -24.09 -9.03
C ILE A 240 40.16 -22.80 -8.81
N GLU A 241 39.49 -21.77 -8.26
CA GLU A 241 40.19 -20.53 -7.94
C GLU A 241 41.27 -20.77 -6.87
N ARG A 242 40.95 -21.58 -5.86
CA ARG A 242 41.95 -21.90 -4.85
C ARG A 242 43.13 -22.65 -5.45
N LEU A 243 42.86 -23.59 -6.35
CA LEU A 243 43.94 -24.31 -7.02
C LEU A 243 44.81 -23.36 -7.84
N LYS A 244 44.18 -22.42 -8.54
CA LYS A 244 44.95 -21.44 -9.31
C LYS A 244 45.80 -20.56 -8.39
N GLY A 245 45.27 -20.21 -7.21
CA GLY A 245 46.03 -19.39 -6.29
C GLY A 245 47.29 -20.06 -5.78
N ASP A 246 47.28 -21.39 -5.66
CA ASP A 246 48.43 -22.14 -5.18
C ASP A 246 49.45 -22.44 -6.26
N SER A 247 49.20 -22.00 -7.50
CA SER A 247 50.10 -22.24 -8.64
C SER A 247 50.28 -23.74 -8.88
N SER A 248 49.16 -24.45 -8.94
CA SER A 248 49.17 -25.89 -9.22
C SER A 248 49.18 -26.10 -10.73
N THR A 249 48.95 -27.34 -11.17
CA THR A 249 48.93 -27.68 -12.59
C THR A 249 47.61 -28.24 -13.07
N LEU A 250 46.76 -28.74 -12.16
CA LEU A 250 45.51 -29.37 -12.52
C LEU A 250 44.43 -28.38 -12.97
N TRP A 251 44.56 -27.10 -12.59
CA TRP A 251 43.51 -26.14 -12.85
C TRP A 251 43.33 -25.89 -14.34
N ARG A 252 44.39 -26.01 -15.14
CA ARG A 252 44.28 -25.74 -16.56
C ARG A 252 43.30 -26.70 -17.23
N ASP A 253 43.36 -27.99 -16.90
CA ASP A 253 42.38 -28.94 -17.41
C ASP A 253 41.04 -28.86 -16.70
N PHE A 254 41.06 -28.56 -15.39
CA PHE A 254 39.82 -28.50 -14.63
C PHE A 254 38.91 -27.40 -15.15
N ALA A 255 39.47 -26.22 -15.45
CA ALA A 255 38.66 -25.12 -15.94
C ALA A 255 38.03 -25.45 -17.29
N ILE A 256 38.80 -26.08 -18.18
CA ILE A 256 38.27 -26.42 -19.50
C ILE A 256 37.15 -27.44 -19.39
N LYS A 257 37.33 -28.46 -18.55
CA LYS A 257 36.28 -29.46 -18.39
C LYS A 257 35.01 -28.85 -17.78
N THR A 258 35.17 -27.98 -16.77
CA THR A 258 34.01 -27.34 -16.17
C THR A 258 33.30 -26.44 -17.18
N TYR A 259 34.07 -25.73 -18.01
CA TYR A 259 33.47 -24.88 -19.04
C TYR A 259 32.69 -25.72 -20.04
N ARG A 260 33.24 -26.86 -20.45
CA ARG A 260 32.52 -27.74 -21.37
C ARG A 260 31.21 -28.21 -20.76
N SER A 261 31.24 -28.63 -19.49
CA SER A 261 30.02 -29.07 -18.84
C SER A 261 29.00 -27.94 -18.76
N CYS A 262 29.46 -26.72 -18.43
CA CYS A 262 28.54 -25.58 -18.34
C CYS A 262 27.92 -25.26 -19.69
N ARG A 263 28.73 -25.29 -20.75
CA ARG A 263 28.20 -25.00 -22.09
C ARG A 263 27.19 -26.05 -22.52
N VAL A 264 27.44 -27.32 -22.19
CA VAL A 264 26.48 -28.37 -22.52
C VAL A 264 25.19 -28.16 -21.73
N GLN A 265 25.29 -27.84 -20.45
CA GLN A 265 24.10 -27.71 -19.61
C GLN A 265 23.27 -26.49 -19.99
N GLU A 266 23.91 -25.40 -20.43
CA GLU A 266 23.19 -24.15 -20.67
C GLU A 266 22.16 -24.30 -21.78
N LYS A 267 22.37 -25.23 -22.72
CA LYS A 267 21.49 -25.36 -23.89
C LYS A 267 20.15 -25.95 -23.46
N GLU A 268 19.29 -25.08 -22.92
CA GLU A 268 17.92 -25.45 -22.58
C GLU A 268 16.88 -24.77 -23.48
N THR A 269 17.27 -23.74 -24.22
CA THR A 269 16.42 -23.08 -25.21
C THR A 269 15.15 -22.52 -24.57
N GLY A 270 15.36 -21.58 -23.67
CA GLY A 270 14.27 -20.79 -23.13
C GLY A 270 14.04 -19.56 -23.98
N THR A 271 12.91 -19.54 -24.71
CA THR A 271 12.58 -18.51 -25.72
C THR A 271 13.77 -18.25 -26.65
N LEU A 272 14.65 -19.24 -26.75
CA LEU A 272 15.84 -19.26 -27.61
C LEU A 272 16.93 -18.32 -27.09
N ARG A 273 16.61 -17.49 -26.09
CA ARG A 273 17.58 -16.54 -25.54
C ARG A 273 17.18 -16.31 -24.07
N LEU A 274 17.86 -16.98 -23.15
CA LEU A 274 17.56 -16.82 -21.73
C LEU A 274 18.77 -17.25 -20.91
N ARG A 275 18.74 -16.87 -19.63
CA ARG A 275 19.78 -17.23 -18.68
C ARG A 275 19.19 -17.13 -17.27
N TRP A 276 20.06 -17.16 -16.26
CA TRP A 276 19.61 -17.19 -14.87
C TRP A 276 20.31 -16.13 -14.03
N TYR A 277 21.51 -15.73 -14.43
CA TYR A 277 22.33 -14.74 -13.73
C TYR A 277 22.65 -15.21 -12.30
N TRP A 278 23.47 -16.25 -12.22
CA TRP A 278 24.17 -16.52 -10.99
C TRP A 278 25.45 -15.69 -10.93
N SER A 279 26.00 -15.56 -9.72
CA SER A 279 27.10 -14.62 -9.49
C SER A 279 28.31 -14.97 -10.35
N ARG A 280 28.63 -16.26 -10.45
CA ARG A 280 29.71 -16.74 -11.31
C ARG A 280 29.21 -16.84 -12.76
N HIS A 281 29.93 -17.60 -13.58
CA HIS A 281 29.74 -17.84 -15.02
C HIS A 281 30.39 -16.75 -15.86
N ARG A 282 30.93 -15.70 -15.25
CA ARG A 282 31.85 -14.81 -15.96
C ARG A 282 33.30 -15.11 -15.62
N VAL A 283 33.61 -15.28 -14.34
CA VAL A 283 34.95 -15.68 -13.93
C VAL A 283 35.29 -17.06 -14.46
N LEU A 284 34.30 -17.94 -14.59
CA LEU A 284 34.56 -19.27 -15.13
C LEU A 284 34.99 -19.20 -16.59
N TYR A 285 34.29 -18.39 -17.39
CA TYR A 285 34.67 -18.22 -18.78
C TYR A 285 36.03 -17.54 -18.91
N ASP A 286 36.29 -16.54 -18.07
CA ASP A 286 37.60 -15.88 -18.11
C ASP A 286 38.71 -16.86 -17.75
N MET A 287 38.48 -17.71 -16.75
CA MET A 287 39.48 -18.69 -16.36
C MET A 287 39.72 -19.72 -17.43
N ALA A 288 38.67 -20.19 -18.10
CA ALA A 288 38.85 -21.11 -19.22
C ALA A 288 39.63 -20.47 -20.35
N PHE A 289 39.32 -19.21 -20.66
CA PHE A 289 40.05 -18.48 -21.69
C PHE A 289 41.54 -18.39 -21.33
N LEU A 290 41.82 -18.05 -20.07
CA LEU A 290 43.21 -17.92 -19.62
C LEU A 290 43.94 -19.25 -19.70
N ALA A 291 43.29 -20.33 -19.27
CA ALA A 291 43.93 -21.64 -19.31
C ALA A 291 44.23 -22.06 -20.74
N VAL A 292 43.28 -21.86 -21.65
CA VAL A 292 43.52 -22.23 -23.04
C VAL A 292 44.65 -21.41 -23.65
N LYS A 293 44.66 -20.10 -23.38
CA LYS A 293 45.74 -19.27 -23.92
C LYS A 293 47.10 -19.67 -23.35
N GLU A 294 47.15 -19.96 -22.05
CA GLU A 294 48.43 -20.35 -21.44
C GLU A 294 48.93 -21.68 -22.00
N GLN A 295 48.03 -22.65 -22.17
CA GLN A 295 48.46 -23.92 -22.74
C GLN A 295 48.75 -23.82 -24.23
N ALA A 296 48.24 -22.80 -24.91
CA ALA A 296 48.61 -22.54 -26.29
C ALA A 296 49.88 -21.73 -26.44
N ASP A 297 50.35 -21.10 -25.37
CA ASP A 297 51.57 -20.29 -25.44
C ASP A 297 52.84 -21.14 -25.55
N ASP A 298 52.74 -22.46 -25.38
CA ASP A 298 53.92 -23.30 -25.41
C ASP A 298 54.46 -23.42 -26.83
N GLU A 299 55.72 -23.87 -26.93
CA GLU A 299 56.40 -24.02 -28.21
C GLU A 299 56.24 -25.47 -28.67
N GLU A 300 55.04 -25.79 -29.15
CA GLU A 300 54.79 -27.12 -29.70
C GLU A 300 55.48 -27.27 -31.04
N PRO A 301 56.00 -28.46 -31.35
CA PRO A 301 56.66 -28.65 -32.66
C PRO A 301 55.73 -28.52 -33.84
N ASP A 302 54.42 -28.64 -33.64
CA ASP A 302 53.44 -28.58 -34.71
C ASP A 302 52.58 -27.33 -34.57
N VAL A 303 52.20 -26.76 -35.71
CA VAL A 303 51.37 -25.55 -35.71
C VAL A 303 49.88 -25.86 -35.76
N ASN A 304 49.49 -27.08 -36.14
CA ASN A 304 48.08 -27.43 -36.22
C ASN A 304 47.43 -27.38 -34.84
N VAL A 305 48.14 -27.82 -33.81
CA VAL A 305 47.61 -27.75 -32.46
C VAL A 305 47.42 -26.30 -32.03
N LYS A 306 48.34 -25.42 -32.42
CA LYS A 306 48.19 -24.00 -32.10
C LYS A 306 46.98 -23.40 -32.80
N GLN A 307 46.78 -23.74 -34.07
CA GLN A 307 45.60 -23.27 -34.78
C GLN A 307 44.33 -23.78 -34.11
N ALA A 308 44.33 -25.04 -33.68
CA ALA A 308 43.17 -25.58 -32.98
C ALA A 308 42.91 -24.84 -31.68
N LYS A 309 43.98 -24.48 -30.95
CA LYS A 309 43.81 -23.75 -29.70
C LYS A 309 43.23 -22.37 -29.94
N ILE A 310 43.69 -21.66 -30.98
CA ILE A 310 43.16 -20.34 -31.27
C ILE A 310 41.70 -20.45 -31.71
N LYS A 311 41.38 -21.47 -32.50
CA LYS A 311 39.98 -21.70 -32.87
C LYS A 311 39.12 -21.97 -31.65
N LYS A 312 39.68 -22.70 -30.66
CA LYS A 312 38.95 -22.93 -29.41
C LYS A 312 38.73 -21.63 -28.64
N LEU A 313 39.72 -20.74 -28.66
CA LEU A 313 39.54 -19.43 -28.02
C LEU A 313 38.39 -18.67 -28.66
N ALA A 314 38.36 -18.64 -29.99
CA ALA A 314 37.25 -17.99 -30.69
C ALA A 314 35.92 -18.66 -30.39
N GLU A 315 35.91 -19.99 -30.28
CA GLU A 315 34.69 -20.72 -29.93
C GLU A 315 34.19 -20.30 -28.56
N ILE A 316 35.09 -20.18 -27.59
CA ILE A 316 34.69 -19.78 -26.24
C ILE A 316 34.11 -18.37 -26.25
N SER A 317 34.77 -17.45 -26.98
CA SER A 317 34.25 -16.08 -27.08
C SER A 317 32.85 -16.07 -27.68
N ASP A 318 32.65 -16.83 -28.77
CA ASP A 318 31.35 -16.88 -29.42
C ASP A 318 30.29 -17.48 -28.50
N SER A 319 30.65 -18.51 -27.75
CA SER A 319 29.70 -19.12 -26.84
C SER A 319 29.30 -18.17 -25.74
N LEU A 320 30.23 -17.33 -25.27
CA LEU A 320 29.88 -16.36 -24.25
C LEU A 320 28.98 -15.25 -24.81
N LYS A 321 29.30 -14.75 -26.00
CA LYS A 321 28.62 -13.58 -26.53
C LYS A 321 27.17 -13.84 -26.95
N SER A 322 26.72 -15.09 -26.98
CA SER A 322 25.46 -15.44 -27.60
C SER A 322 24.24 -14.77 -26.96
N ARG A 323 23.94 -15.12 -25.71
CA ARG A 323 22.72 -14.66 -25.05
C ARG A 323 23.05 -13.63 -23.97
N PHE A 324 22.01 -13.20 -23.25
CA PHE A 324 22.14 -12.26 -22.16
C PHE A 324 21.36 -12.77 -20.95
N SER A 325 21.77 -12.31 -19.78
CA SER A 325 21.14 -12.70 -18.52
C SER A 325 20.24 -11.58 -18.01
N LEU A 326 19.31 -11.96 -17.14
CA LEU A 326 18.37 -11.01 -16.55
C LEU A 326 18.07 -11.45 -15.12
N ARG A 327 17.39 -10.58 -14.38
CA ARG A 327 17.14 -10.78 -12.96
C ARG A 327 15.67 -11.11 -12.73
N LEU A 328 15.36 -11.52 -11.50
CA LEU A 328 14.00 -11.95 -11.17
C LEU A 328 13.02 -10.79 -11.21
N SER A 329 13.45 -9.60 -10.81
CA SER A 329 12.57 -8.43 -10.86
C SER A 329 12.11 -8.15 -12.28
N ASP A 330 12.94 -8.43 -13.28
CA ASP A 330 12.56 -8.26 -14.68
C ASP A 330 11.82 -9.46 -15.26
N MET A 331 12.27 -10.69 -14.96
CA MET A 331 11.61 -11.86 -15.50
C MET A 331 10.28 -12.17 -14.82
N GLU A 332 9.93 -11.45 -13.75
CA GLU A 332 8.57 -11.51 -13.20
C GLU A 332 7.69 -10.45 -13.84
N LYS A 333 8.11 -9.19 -13.81
CA LYS A 333 7.40 -8.10 -14.50
C LYS A 333 7.69 -8.25 -15.99
N MET A 334 6.97 -9.15 -16.63
CA MET A 334 7.28 -9.60 -17.98
C MET A 334 6.07 -9.35 -18.88
N PRO A 335 6.19 -8.55 -19.93
CA PRO A 335 5.10 -8.46 -20.91
C PRO A 335 4.87 -9.83 -21.55
N LYS A 336 3.60 -10.12 -21.80
CA LYS A 336 3.18 -11.47 -22.16
C LYS A 336 2.65 -11.52 -23.58
N SER A 337 2.80 -12.70 -24.21
CA SER A 337 2.21 -13.00 -25.50
C SER A 337 1.38 -14.27 -25.37
N ASP A 338 0.90 -14.81 -26.50
CA ASP A 338 0.02 -15.96 -26.44
C ASP A 338 0.74 -17.29 -26.61
N ASP A 339 1.89 -17.31 -27.30
CA ASP A 339 2.54 -18.57 -27.64
C ASP A 339 3.61 -18.95 -26.63
N GLU A 340 4.63 -18.10 -26.47
CA GLU A 340 5.83 -18.49 -25.72
C GLU A 340 5.82 -17.96 -24.28
N SER A 341 5.37 -16.72 -24.08
CA SER A 341 5.47 -16.12 -22.76
C SER A 341 4.60 -16.85 -21.73
N ASN A 342 3.49 -17.43 -22.16
CA ASN A 342 2.59 -18.08 -21.21
C ASN A 342 3.14 -19.42 -20.72
N HIS A 343 3.97 -20.09 -21.52
CA HIS A 343 4.42 -21.44 -21.19
C HIS A 343 5.91 -21.53 -20.92
N GLU A 344 6.75 -21.09 -21.86
CA GLU A 344 8.19 -21.29 -21.72
C GLU A 344 8.74 -20.51 -20.53
N PHE A 345 8.30 -19.26 -20.35
CA PHE A 345 8.79 -18.45 -19.25
C PHE A 345 8.41 -19.06 -17.91
N LYS A 346 7.16 -19.51 -17.77
CA LYS A 346 6.73 -20.11 -16.51
C LYS A 346 7.48 -21.41 -16.25
N LYS A 347 7.69 -22.23 -17.27
CA LYS A 347 8.44 -23.48 -17.08
C LYS A 347 9.87 -23.19 -16.65
N PHE A 348 10.52 -22.22 -17.29
CA PHE A 348 11.88 -21.87 -16.92
C PHE A 348 11.94 -21.33 -15.49
N LEU A 349 10.99 -20.48 -15.12
CA LEU A 349 10.95 -19.94 -13.77
C LEU A 349 10.80 -21.05 -12.74
N ASP A 350 9.85 -21.96 -12.95
CA ASP A 350 9.63 -23.04 -12.01
C ASP A 350 10.85 -23.95 -11.91
N LYS A 351 11.45 -24.28 -13.05
CA LYS A 351 12.63 -25.14 -13.03
C LYS A 351 13.78 -24.49 -12.27
N CYS A 352 14.02 -23.20 -12.52
CA CYS A 352 15.11 -22.50 -11.84
C CYS A 352 14.85 -22.42 -10.33
N VAL A 353 13.62 -22.10 -9.93
CA VAL A 353 13.32 -21.97 -8.51
C VAL A 353 13.46 -23.32 -7.81
N THR A 354 12.93 -24.39 -8.43
CA THR A 354 13.04 -25.72 -7.83
C THR A 354 14.50 -26.15 -7.72
N ALA A 355 15.31 -25.86 -8.73
CA ALA A 355 16.73 -26.17 -8.66
C ALA A 355 17.41 -25.40 -7.54
N TYR A 356 17.04 -24.13 -7.38
CA TYR A 356 17.63 -23.32 -6.30
C TYR A 356 17.28 -23.89 -4.93
N GLN A 357 16.04 -24.34 -4.76
CA GLN A 357 15.58 -24.88 -3.48
C GLN A 357 15.68 -26.41 -3.42
N ASP A 358 16.64 -27.00 -4.12
CA ASP A 358 16.82 -28.46 -4.13
C ASP A 358 18.08 -28.90 -3.40
N GLY A 359 19.23 -28.34 -3.75
CA GLY A 359 20.49 -28.75 -3.15
C GLY A 359 20.68 -28.35 -1.71
N TYR A 360 19.80 -27.48 -1.18
CA TYR A 360 19.86 -27.08 0.21
C TYR A 360 19.06 -27.99 1.13
N VAL A 361 18.39 -29.00 0.59
CA VAL A 361 17.57 -29.91 1.37
C VAL A 361 18.19 -31.31 1.43
N ILE A 362 18.52 -31.88 0.28
CA ILE A 362 19.09 -33.22 0.21
C ILE A 362 20.32 -33.19 -0.69
N ASN A 363 21.39 -33.83 -0.25
CA ASN A 363 22.63 -33.93 -1.00
C ASN A 363 22.77 -35.31 -1.60
N ARG A 364 23.07 -35.37 -2.89
CA ARG A 364 23.22 -36.65 -3.58
C ARG A 364 24.50 -36.66 -4.42
N ALA A 388 17.29 -20.92 -37.00
CA ALA A 388 18.37 -21.25 -37.93
C ALA A 388 19.35 -22.23 -37.30
N LYS A 389 20.33 -22.67 -38.08
CA LYS A 389 21.34 -23.64 -37.64
C LYS A 389 22.68 -22.95 -37.52
N LEU A 390 23.43 -23.31 -36.47
CA LEU A 390 24.74 -22.72 -36.24
C LEU A 390 25.69 -23.06 -37.38
N LEU A 391 26.39 -22.05 -37.89
CA LEU A 391 27.32 -22.23 -39.00
C LEU A 391 28.66 -22.73 -38.47
N GLU A 392 29.67 -22.70 -39.33
CA GLU A 392 31.03 -23.08 -38.97
C GLU A 392 31.92 -21.85 -38.98
N LEU A 393 32.87 -21.78 -38.04
CA LEU A 393 33.74 -20.62 -37.93
C LEU A 393 34.63 -20.44 -39.14
N THR A 394 34.83 -21.50 -39.95
CA THR A 394 35.70 -21.44 -41.11
C THR A 394 34.93 -21.43 -42.42
N GLN A 395 33.64 -21.07 -42.38
CA GLN A 395 32.79 -21.04 -43.57
C GLN A 395 32.48 -19.59 -43.89
N VAL A 396 33.36 -18.96 -44.67
CA VAL A 396 33.19 -17.57 -45.08
C VAL A 396 33.47 -17.45 -46.58
N PRO A 397 32.85 -16.51 -47.27
CA PRO A 397 33.16 -16.31 -48.69
C PRO A 397 34.59 -15.83 -48.89
N GLU A 398 35.11 -16.09 -50.09
CA GLU A 398 36.48 -15.73 -50.40
C GLU A 398 36.68 -14.22 -50.34
N GLY A 399 37.85 -13.82 -49.87
CA GLY A 399 38.17 -12.40 -49.76
C GLY A 399 37.59 -11.71 -48.55
N TRP A 400 37.27 -12.45 -47.48
CA TRP A 400 36.67 -11.90 -46.29
C TRP A 400 37.59 -12.10 -45.09
N VAL A 401 37.54 -11.16 -44.15
CA VAL A 401 38.33 -11.18 -42.94
C VAL A 401 37.38 -10.98 -41.75
N VAL A 402 37.51 -11.84 -40.74
CA VAL A 402 36.63 -11.83 -39.57
C VAL A 402 37.48 -11.54 -38.35
N VAL A 403 37.01 -10.61 -37.51
CA VAL A 403 37.69 -10.20 -36.29
C VAL A 403 36.77 -10.47 -35.11
N HIS A 404 37.32 -11.12 -34.08
CA HIS A 404 36.59 -11.43 -32.86
C HIS A 404 37.23 -10.66 -31.70
N PHE A 405 36.40 -10.01 -30.90
CA PHE A 405 36.86 -9.21 -29.76
C PHE A 405 36.45 -9.88 -28.46
N TYR A 406 37.30 -9.73 -27.45
CA TYR A 406 37.01 -10.25 -26.11
C TYR A 406 37.70 -9.38 -25.08
N LEU A 407 36.98 -9.02 -24.03
CA LEU A 407 37.49 -8.21 -22.93
C LEU A 407 37.58 -9.10 -21.69
N ASN A 408 38.79 -9.32 -21.20
CA ASN A 408 39.01 -10.17 -20.04
C ASN A 408 38.93 -9.35 -18.77
N LYS A 409 38.04 -9.75 -17.87
CA LYS A 409 37.84 -9.05 -16.61
C LYS A 409 38.71 -9.57 -15.48
N LEU A 410 39.08 -10.85 -15.53
CA LEU A 410 39.93 -11.42 -14.49
C LEU A 410 41.33 -10.82 -14.49
N GLU A 411 41.81 -10.32 -15.63
CA GLU A 411 43.14 -9.75 -15.73
C GLU A 411 43.19 -8.36 -16.33
N GLY A 412 42.04 -7.80 -16.73
CA GLY A 412 42.01 -6.46 -17.29
C GLY A 412 42.79 -6.34 -18.59
N MET A 413 42.59 -7.28 -19.50
CA MET A 413 43.31 -7.33 -20.75
C MET A 413 42.34 -7.42 -21.92
N GLY A 414 42.80 -6.98 -23.09
CA GLY A 414 42.01 -7.08 -24.30
C GLY A 414 42.59 -8.08 -25.29
N ASN A 415 41.75 -8.57 -26.21
CA ASN A 415 42.17 -9.57 -27.18
C ASN A 415 41.53 -9.27 -28.52
N ALA A 416 42.16 -9.77 -29.58
CA ALA A 416 41.64 -9.59 -30.94
C ALA A 416 42.14 -10.75 -31.80
N ILE A 417 41.22 -11.64 -32.18
CA ILE A 417 41.54 -12.83 -32.94
C ILE A 417 41.01 -12.66 -34.36
N VAL A 418 41.85 -12.94 -35.35
CA VAL A 418 41.52 -12.76 -36.75
C VAL A 418 41.70 -14.09 -37.48
N PHE A 419 40.91 -14.29 -38.53
CA PHE A 419 40.98 -15.49 -39.36
C PHE A 419 40.91 -15.08 -40.82
N ASP A 420 41.89 -15.50 -41.61
CA ASP A 420 41.95 -15.20 -43.03
C ASP A 420 41.54 -16.44 -43.83
N LYS A 421 40.54 -16.29 -44.69
CA LYS A 421 40.02 -17.43 -45.43
C LYS A 421 41.02 -17.93 -46.47
N CYS A 422 41.64 -17.02 -47.22
CA CYS A 422 42.55 -17.43 -48.28
C CYS A 422 43.78 -18.12 -47.72
N ALA A 423 44.37 -17.57 -46.65
CA ALA A 423 45.60 -18.10 -46.09
C ALA A 423 45.38 -19.22 -45.08
N ASN A 424 44.16 -19.38 -44.58
CA ASN A 424 43.84 -20.40 -43.57
C ASN A 424 44.76 -20.27 -42.35
N SER A 425 44.71 -19.09 -41.73
CA SER A 425 45.59 -18.78 -40.61
C SER A 425 44.79 -18.08 -39.50
N TRP A 426 45.31 -18.18 -38.29
CA TRP A 426 44.73 -17.54 -37.12
C TRP A 426 45.81 -16.76 -36.38
N GLN A 427 45.43 -15.62 -35.82
CA GLN A 427 46.33 -14.78 -35.05
C GLN A 427 45.59 -14.22 -33.84
N TYR A 428 46.34 -13.57 -32.95
CA TYR A 428 45.75 -12.90 -31.80
C TYR A 428 46.73 -11.85 -31.29
N LYS A 429 46.20 -10.86 -30.58
CA LYS A 429 46.99 -9.76 -30.06
C LYS A 429 46.41 -9.33 -28.72
N GLU A 430 46.94 -8.24 -28.16
CA GLU A 430 46.51 -7.75 -26.86
C GLU A 430 46.58 -6.23 -26.83
N PHE A 431 45.80 -5.63 -25.94
CA PHE A 431 45.75 -4.18 -25.79
C PHE A 431 45.16 -3.84 -24.43
N GLN A 432 45.19 -2.55 -24.10
CA GLN A 432 44.67 -2.02 -22.85
C GLN A 432 43.51 -1.07 -23.13
N TYR A 433 42.50 -1.09 -22.25
CA TYR A 433 41.26 -0.35 -22.48
C TYR A 433 40.87 0.55 -21.32
N LYS A 434 41.82 0.89 -20.44
CA LYS A 434 41.48 1.62 -19.23
C LYS A 434 41.24 3.12 -19.46
N GLU A 435 41.71 3.67 -20.57
CA GLU A 435 41.49 5.08 -20.88
C GLU A 435 40.52 5.28 -22.03
N LEU A 436 40.37 4.29 -22.91
CA LEU A 436 39.33 4.35 -23.93
C LEU A 436 37.95 4.45 -23.29
N PHE A 437 37.75 3.73 -22.18
CA PHE A 437 36.49 3.81 -21.46
C PHE A 437 36.22 5.23 -20.96
N GLU A 438 37.23 5.88 -20.40
CA GLU A 438 37.06 7.24 -19.90
C GLU A 438 36.77 8.22 -21.05
N VAL A 439 37.48 8.07 -22.16
CA VAL A 439 37.23 8.97 -23.30
C VAL A 439 35.81 8.78 -23.83
N PHE A 440 35.36 7.52 -23.92
CA PHE A 440 34.00 7.26 -24.37
C PHE A 440 32.96 7.85 -23.41
N LEU A 441 33.21 7.72 -22.11
CA LEU A 441 32.29 8.29 -21.13
C LEU A 441 32.23 9.80 -21.24
N THR A 442 33.37 10.45 -21.45
CA THR A 442 33.39 11.90 -21.65
C THR A 442 32.57 12.30 -22.88
N TRP A 443 32.76 11.56 -23.98
CA TRP A 443 31.99 11.86 -25.20
C TRP A 443 30.50 11.71 -24.96
N GLN A 444 30.10 10.63 -24.28
CA GLN A 444 28.68 10.41 -24.01
C GLN A 444 28.10 11.51 -23.13
N ALA A 445 28.82 11.90 -22.09
CA ALA A 445 28.33 12.94 -21.18
C ALA A 445 28.19 14.27 -21.89
N ASN A 446 29.15 14.63 -22.75
CA ASN A 446 29.03 15.89 -23.48
C ASN A 446 27.93 15.84 -24.53
N TYR A 447 27.73 14.69 -25.18
CA TYR A 447 26.69 14.57 -26.19
C TYR A 447 25.31 14.65 -25.56
N ASN A 448 25.13 14.08 -24.38
CA ASN A 448 23.81 14.11 -23.74
C ASN A 448 23.36 15.52 -23.37
N LEU A 449 24.27 16.50 -23.38
CA LEU A 449 23.93 17.88 -23.07
C LEU A 449 23.96 18.80 -24.29
N TYR A 450 24.93 18.63 -25.19
CA TYR A 450 25.03 19.48 -26.38
C TYR A 450 25.18 18.57 -27.60
N LYS A 451 24.06 18.21 -28.21
CA LYS A 451 24.01 17.17 -29.24
C LYS A 451 24.99 17.43 -30.38
N GLU A 452 24.78 18.49 -31.14
CA GLU A 452 25.65 18.80 -32.26
C GLU A 452 26.97 19.38 -31.78
N ASN A 453 26.94 20.24 -30.76
CA ASN A 453 28.12 20.96 -30.31
C ASN A 453 29.16 20.07 -29.67
N ALA A 454 28.84 18.80 -29.36
CA ALA A 454 29.82 17.87 -28.82
C ALA A 454 30.60 17.14 -29.91
N ALA A 455 30.74 17.74 -31.09
CA ALA A 455 31.44 17.12 -32.20
C ALA A 455 32.96 17.17 -32.05
N GLU A 456 33.48 17.99 -31.14
CA GLU A 456 34.93 18.04 -30.94
C GLU A 456 35.46 16.83 -30.19
N HIS A 457 34.67 16.26 -29.28
CA HIS A 457 35.09 15.08 -28.55
C HIS A 457 35.01 13.80 -29.37
N LEU A 458 34.21 13.80 -30.44
CA LEU A 458 34.16 12.64 -31.32
C LEU A 458 35.49 12.41 -32.01
N VAL A 459 36.14 13.49 -32.44
CA VAL A 459 37.46 13.37 -33.07
C VAL A 459 38.47 12.79 -32.08
N THR A 460 38.43 13.26 -30.83
CA THR A 460 39.33 12.74 -29.82
C THR A 460 39.07 11.26 -29.55
N LEU A 461 37.80 10.86 -29.49
CA LEU A 461 37.48 9.45 -29.28
C LEU A 461 37.99 8.60 -30.44
N CYS A 462 37.81 9.07 -31.68
CA CYS A 462 38.28 8.30 -32.83
C CYS A 462 39.80 8.19 -32.84
N LYS A 463 40.50 9.28 -32.51
CA LYS A 463 41.96 9.24 -32.46
C LYS A 463 42.43 8.28 -31.38
N LYS A 464 41.78 8.29 -30.22
CA LYS A 464 42.14 7.35 -29.16
C LYS A 464 41.91 5.90 -29.59
N ILE A 465 40.80 5.65 -30.29
CA ILE A 465 40.54 4.31 -30.80
C ILE A 465 41.64 3.88 -31.76
N GLY A 466 42.04 4.77 -32.66
CA GLY A 466 43.11 4.45 -33.60
C GLY A 466 44.43 4.18 -32.92
N GLU A 467 44.75 4.96 -31.88
CA GLU A 467 46.03 4.80 -31.20
C GLU A 467 46.07 3.52 -30.34
N THR A 468 44.97 3.23 -29.65
CA THR A 468 44.97 2.09 -28.73
C THR A 468 45.13 0.77 -29.46
N MET A 469 44.49 0.62 -30.62
CA MET A 469 44.59 -0.62 -31.39
C MET A 469 45.32 -0.38 -32.70
N PRO A 470 46.66 -0.43 -32.71
CA PRO A 470 47.40 -0.17 -33.94
C PRO A 470 47.45 -1.36 -34.90
N PHE A 471 47.03 -2.55 -34.48
CA PHE A 471 47.11 -3.71 -35.35
C PHE A 471 46.07 -3.67 -36.46
N LEU A 472 45.06 -2.81 -36.35
CA LEU A 472 44.08 -2.69 -37.43
C LEU A 472 44.72 -2.16 -38.71
N PHE A 473 45.68 -1.23 -38.56
CA PHE A 473 46.37 -0.63 -39.69
C PHE A 473 47.67 -1.36 -40.03
N CYS A 474 47.76 -2.65 -39.76
CA CYS A 474 48.96 -3.44 -40.03
C CYS A 474 48.67 -4.44 -41.14
N ASP A 475 49.59 -4.55 -42.10
CA ASP A 475 49.39 -5.44 -43.24
C ASP A 475 49.53 -6.91 -42.85
N ASN A 476 50.29 -7.20 -41.78
CA ASN A 476 50.48 -8.57 -41.35
C ASN A 476 49.28 -9.11 -40.56
N PHE A 477 48.38 -8.25 -40.10
CA PHE A 477 47.19 -8.68 -39.38
C PHE A 477 45.96 -8.70 -40.30
N ILE A 478 45.64 -7.57 -40.91
CA ILE A 478 44.52 -7.48 -41.86
C ILE A 478 45.07 -7.01 -43.20
N PRO A 479 45.11 -7.86 -44.22
CA PRO A 479 45.59 -7.42 -45.53
C PRO A 479 44.70 -6.31 -46.09
N ASN A 480 45.33 -5.35 -46.74
CA ASN A 480 44.60 -4.20 -47.26
C ASN A 480 43.76 -4.58 -48.48
N GLY A 481 42.60 -3.96 -48.59
CA GLY A 481 41.72 -4.19 -49.72
C GLY A 481 40.74 -5.33 -49.57
N LYS A 482 40.48 -5.77 -48.34
CA LYS A 482 39.55 -6.87 -48.09
C LYS A 482 38.34 -6.35 -47.33
N ASP A 483 37.40 -7.25 -47.06
CA ASP A 483 36.19 -6.93 -46.31
C ASP A 483 36.33 -7.40 -44.87
N VAL A 484 35.87 -6.56 -43.94
CA VAL A 484 36.03 -6.81 -42.52
C VAL A 484 34.66 -6.94 -41.87
N LEU A 485 34.48 -7.99 -41.08
CA LEU A 485 33.28 -8.21 -40.29
C LEU A 485 33.65 -8.11 -38.82
N PHE A 486 32.99 -7.22 -38.09
CA PHE A 486 33.31 -6.95 -36.69
C PHE A 486 32.34 -7.69 -35.78
N VAL A 487 32.88 -8.33 -34.74
CA VAL A 487 32.09 -8.95 -33.68
C VAL A 487 32.61 -8.42 -32.35
N PRO A 488 32.20 -7.22 -31.93
CA PRO A 488 32.79 -6.61 -30.74
C PRO A 488 32.32 -7.23 -29.43
N HIS A 489 32.73 -6.63 -28.32
CA HIS A 489 32.32 -7.09 -26.99
C HIS A 489 31.59 -5.97 -26.26
N ASP A 490 31.33 -6.16 -24.97
CA ASP A 490 30.33 -5.41 -24.21
C ASP A 490 30.28 -3.91 -24.49
N PHE A 491 31.33 -3.16 -24.13
CA PHE A 491 31.28 -1.72 -24.30
C PHE A 491 31.88 -1.27 -25.63
N LEU A 492 32.48 -2.18 -26.38
CA LEU A 492 32.95 -1.87 -27.73
C LEU A 492 31.82 -1.83 -28.75
N HIS A 493 30.61 -2.26 -28.37
CA HIS A 493 29.48 -2.24 -29.28
C HIS A 493 29.04 -0.84 -29.65
N ARG A 494 29.40 0.16 -28.84
CA ARG A 494 28.96 1.54 -29.05
C ARG A 494 30.04 2.42 -29.65
N LEU A 495 31.14 1.83 -30.14
CA LEU A 495 32.20 2.64 -30.71
C LEU A 495 32.11 2.64 -32.23
N PRO A 496 32.30 3.80 -32.86
CA PRO A 496 32.35 3.83 -34.33
C PRO A 496 33.65 3.25 -34.86
N LEU A 497 33.74 1.92 -34.91
CA LEU A 497 34.99 1.27 -35.29
C LEU A 497 35.37 1.54 -36.73
N HIS A 498 34.42 1.91 -37.59
CA HIS A 498 34.72 2.19 -38.99
C HIS A 498 35.30 3.57 -39.22
N GLY A 499 35.35 4.42 -38.20
CA GLY A 499 35.86 5.77 -38.38
C GLY A 499 37.13 6.03 -37.60
N SER A 500 37.92 4.99 -37.36
CA SER A 500 39.17 5.14 -36.64
C SER A 500 40.16 5.96 -37.46
N ILE A 501 41.07 6.63 -36.75
CA ILE A 501 42.08 7.48 -37.37
C ILE A 501 43.46 6.92 -37.02
N GLU A 502 44.28 6.70 -38.03
CA GLU A 502 45.61 6.13 -37.83
C GLU A 502 46.50 7.13 -37.09
N ASN A 503 47.39 6.58 -36.24
CA ASN A 503 48.26 7.39 -35.39
C ASN A 503 49.50 7.79 -36.18
N LYS A 504 49.38 8.91 -36.90
CA LYS A 504 50.52 9.51 -37.59
C LYS A 504 50.16 10.96 -37.90
N THR A 505 51.04 11.63 -38.65
CA THR A 505 50.83 13.05 -38.95
C THR A 505 49.58 13.26 -39.82
N ASN A 506 49.40 12.42 -40.82
CA ASN A 506 48.32 12.55 -41.79
C ASN A 506 47.53 11.26 -41.89
N GLY A 507 47.15 10.71 -40.73
CA GLY A 507 46.44 9.45 -40.72
C GLY A 507 45.09 9.55 -41.42
N LYS A 508 44.69 8.45 -42.04
CA LYS A 508 43.44 8.36 -42.77
C LYS A 508 42.44 7.53 -41.99
N LEU A 509 41.23 7.42 -42.53
CA LEU A 509 40.15 6.69 -41.90
C LEU A 509 40.20 5.21 -42.28
N PHE A 510 39.51 4.38 -41.49
CA PHE A 510 39.48 2.95 -41.75
C PHE A 510 38.65 2.63 -42.98
N LEU A 511 37.47 3.24 -43.11
CA LEU A 511 36.56 2.91 -44.21
C LEU A 511 37.08 3.37 -45.57
N GLU A 512 38.13 4.20 -45.61
CA GLU A 512 38.66 4.63 -46.90
C GLU A 512 39.24 3.48 -47.70
N ASN A 513 39.93 2.55 -47.04
CA ASN A 513 40.56 1.42 -47.72
C ASN A 513 39.78 0.13 -47.60
N HIS A 514 38.77 0.06 -46.73
CA HIS A 514 38.01 -1.17 -46.55
C HIS A 514 36.52 -0.91 -46.63
N SER A 515 35.72 -1.94 -46.34
CA SER A 515 34.27 -1.83 -46.26
C SER A 515 33.80 -2.73 -45.12
N CYS A 516 33.29 -2.12 -44.06
CA CYS A 516 33.04 -2.81 -42.81
C CYS A 516 31.59 -3.24 -42.68
N CYS A 517 31.37 -4.29 -41.89
CA CYS A 517 30.04 -4.74 -41.50
C CYS A 517 30.09 -5.12 -40.03
N TYR A 518 28.92 -5.12 -39.39
CA TYR A 518 28.82 -5.40 -37.97
C TYR A 518 27.88 -6.57 -37.72
N LEU A 519 28.07 -7.23 -36.59
CA LEU A 519 27.26 -8.36 -36.18
C LEU A 519 27.37 -8.57 -34.68
N PRO A 520 26.25 -8.61 -33.96
CA PRO A 520 26.34 -8.81 -32.50
C PRO A 520 27.01 -10.11 -32.10
N ALA A 521 26.81 -11.18 -32.88
CA ALA A 521 27.44 -12.45 -32.60
C ALA A 521 27.48 -13.27 -33.89
N TRP A 522 28.46 -14.17 -33.98
CA TRP A 522 28.57 -15.03 -35.14
C TRP A 522 27.40 -16.00 -35.25
N SER A 523 26.68 -16.24 -34.14
CA SER A 523 25.51 -17.11 -34.17
C SER A 523 24.34 -16.50 -34.91
N PHE A 524 24.38 -15.22 -35.25
CA PHE A 524 23.31 -14.55 -35.97
C PHE A 524 23.48 -14.61 -37.48
N ALA A 525 24.52 -15.26 -37.97
CA ALA A 525 24.74 -15.40 -39.41
C ALA A 525 24.16 -16.74 -39.87
N SER A 526 23.27 -16.68 -40.86
CA SER A 526 22.58 -17.86 -41.35
C SER A 526 22.58 -17.89 -42.87
N GLU A 527 22.49 -19.09 -43.42
CA GLU A 527 22.42 -19.24 -44.87
C GLU A 527 21.13 -18.62 -45.40
N LYS A 528 21.24 -17.93 -46.53
CA LYS A 528 20.10 -17.21 -47.10
C LYS A 528 20.32 -17.02 -48.59
N GLU A 529 19.33 -17.39 -49.39
CA GLU A 529 19.37 -17.21 -50.84
C GLU A 529 18.39 -16.11 -51.21
N ALA A 530 18.85 -15.16 -52.02
CA ALA A 530 18.03 -14.00 -52.38
C ALA A 530 16.96 -14.42 -53.38
N SER A 531 15.78 -14.76 -52.87
CA SER A 531 14.61 -15.10 -53.69
C SER A 531 13.43 -14.30 -53.15
N THR A 532 13.28 -13.07 -53.65
CA THR A 532 12.27 -12.14 -53.18
C THR A 532 11.65 -11.40 -54.36
N SER A 533 10.56 -10.69 -54.09
CA SER A 533 9.88 -9.88 -55.08
C SER A 533 10.62 -8.55 -55.24
N ASP A 534 10.00 -7.60 -55.94
CA ASP A 534 10.64 -6.32 -56.24
C ASP A 534 9.69 -5.16 -55.97
N GLU A 535 9.05 -5.18 -54.81
CA GLU A 535 8.16 -4.09 -54.39
C GLU A 535 8.83 -3.25 -53.30
N TYR A 536 8.34 -2.03 -53.15
CA TYR A 536 8.82 -1.09 -52.14
C TYR A 536 7.68 -0.75 -51.19
N VAL A 537 8.01 -0.51 -49.93
CA VAL A 537 7.02 -0.19 -48.91
C VAL A 537 7.48 1.06 -48.16
N LEU A 538 6.50 1.80 -47.62
CA LEU A 538 6.77 2.98 -46.83
C LEU A 538 5.85 2.99 -45.61
N LEU A 539 6.39 3.44 -44.47
CA LEU A 539 5.63 3.55 -43.23
C LEU A 539 6.15 4.78 -42.48
N LYS A 540 5.40 5.88 -42.55
CA LYS A 540 5.81 7.15 -41.97
C LYS A 540 4.91 7.54 -40.81
N ASN A 541 5.52 7.97 -39.71
CA ASN A 541 4.78 8.50 -38.57
C ASN A 541 5.73 9.42 -37.80
N PHE A 542 5.50 10.73 -37.89
CA PHE A 542 6.37 11.71 -37.25
C PHE A 542 5.50 12.79 -36.63
N ASP A 543 6.13 13.85 -36.14
CA ASP A 543 5.44 14.97 -35.51
C ASP A 543 5.23 16.15 -36.44
N GLN A 544 6.21 16.43 -37.30
CA GLN A 544 6.13 17.53 -38.25
C GLN A 544 6.44 17.01 -39.65
N GLY A 545 5.96 17.75 -40.66
CA GLY A 545 6.16 17.37 -42.04
C GLY A 545 7.57 17.60 -42.53
N HIS A 546 8.56 17.00 -41.85
CA HIS A 546 9.94 17.11 -42.28
C HIS A 546 10.20 16.36 -43.58
N PHE A 547 9.34 15.40 -43.93
CA PHE A 547 9.48 14.60 -45.14
C PHE A 547 8.34 14.97 -46.07
N GLU A 548 8.55 16.01 -46.88
CA GLU A 548 7.53 16.48 -47.82
C GLU A 548 7.73 15.93 -49.22
N THR A 549 8.98 15.92 -49.71
CA THR A 549 9.26 15.25 -50.98
C THR A 549 9.00 13.75 -50.88
N LEU A 550 9.33 13.15 -49.75
CA LEU A 550 8.95 11.77 -49.49
C LEU A 550 7.43 11.68 -49.30
N GLN A 551 6.94 10.45 -49.29
CA GLN A 551 5.53 10.05 -49.18
C GLN A 551 4.70 10.50 -50.38
N ASN A 552 5.30 11.19 -51.36
CA ASN A 552 4.60 11.62 -52.56
C ASN A 552 5.26 11.10 -53.83
N ASN A 553 6.25 10.22 -53.71
CA ASN A 553 6.90 9.64 -54.87
C ASN A 553 6.02 8.54 -55.47
N GLN A 554 6.19 8.32 -56.77
CA GLN A 554 5.34 7.36 -57.49
C GLN A 554 5.72 5.92 -57.16
N ILE A 555 6.99 5.67 -56.83
CA ILE A 555 7.48 4.29 -56.68
C ILE A 555 7.05 3.64 -55.38
N TRP A 556 6.43 4.38 -54.47
CA TRP A 556 6.02 3.79 -53.20
C TRP A 556 4.90 2.79 -53.39
N GLY A 557 4.89 1.77 -52.52
CA GLY A 557 3.93 0.70 -52.66
C GLY A 557 2.52 1.10 -52.28
N THR A 558 1.56 0.32 -52.78
CA THR A 558 0.15 0.60 -52.53
C THR A 558 -0.27 0.27 -51.10
N GLN A 559 0.51 -0.53 -50.38
CA GLN A 559 0.21 -0.88 -48.99
C GLN A 559 0.87 0.06 -48.00
N SER A 560 1.19 1.28 -48.42
CA SER A 560 1.82 2.26 -47.55
C SER A 560 0.78 2.97 -46.70
N VAL A 561 1.14 3.26 -45.46
CA VAL A 561 0.24 3.87 -44.48
C VAL A 561 0.80 5.23 -44.09
N LYS A 562 1.36 5.94 -45.07
CA LYS A 562 2.09 7.18 -44.83
C LYS A 562 1.37 8.16 -43.92
N ASP A 563 0.05 8.05 -43.79
CA ASP A 563 -0.74 8.93 -42.93
C ASP A 563 -1.05 8.18 -41.63
N GLY A 564 -0.08 8.18 -40.72
CA GLY A 564 -0.28 7.59 -39.41
C GLY A 564 -0.29 6.07 -39.40
N ALA A 565 0.84 5.46 -39.71
CA ALA A 565 0.94 4.00 -39.65
C ALA A 565 0.80 3.52 -38.22
N SER A 566 0.17 2.36 -38.05
CA SER A 566 -0.11 1.79 -36.74
C SER A 566 0.68 0.50 -36.55
N SER A 567 0.44 -0.15 -35.41
CA SER A 567 1.21 -1.34 -35.06
C SER A 567 0.85 -2.52 -35.96
N ASP A 568 -0.43 -2.74 -36.21
CA ASP A 568 -0.85 -3.88 -37.03
C ASP A 568 -0.77 -3.60 -38.52
N ASP A 569 -0.46 -2.36 -38.92
CA ASP A 569 -0.30 -2.08 -40.34
C ASP A 569 1.02 -2.63 -40.89
N LEU A 570 2.02 -2.81 -40.02
CA LEU A 570 3.28 -3.42 -40.46
C LEU A 570 3.08 -4.89 -40.80
N GLU A 571 2.13 -5.55 -40.14
CA GLU A 571 1.87 -6.98 -40.33
C GLU A 571 1.12 -7.29 -41.62
N ASN A 572 0.96 -6.30 -42.52
CA ASN A 572 0.19 -6.49 -43.74
C ASN A 572 1.08 -6.56 -44.98
N ILE A 573 2.38 -6.79 -44.80
CA ILE A 573 3.30 -6.98 -45.91
C ILE A 573 3.73 -8.43 -45.91
N ARG A 574 3.44 -9.14 -47.01
CA ARG A 574 3.71 -10.58 -47.07
C ARG A 574 4.25 -11.02 -48.42
N ASN A 575 4.87 -10.13 -49.19
CA ASN A 575 5.36 -10.46 -50.52
C ASN A 575 6.88 -10.43 -50.61
N ASN A 576 7.57 -10.32 -49.47
CA ASN A 576 9.03 -10.26 -49.41
C ASN A 576 9.56 -9.15 -50.32
N PRO A 577 9.38 -7.88 -49.94
CA PRO A 577 9.85 -6.78 -50.80
C PRO A 577 11.37 -6.66 -50.80
N ARG A 578 11.89 -5.61 -51.42
CA ARG A 578 13.33 -5.34 -51.45
C ARG A 578 13.73 -4.18 -50.55
N LEU A 579 12.86 -3.20 -50.35
CA LEU A 579 13.17 -2.05 -49.51
C LEU A 579 12.01 -1.80 -48.56
N LEU A 580 12.31 -1.22 -47.40
CA LEU A 580 11.29 -0.88 -46.42
C LEU A 580 11.88 0.13 -45.45
N THR A 581 11.24 1.28 -45.30
CA THR A 581 11.69 2.32 -44.38
C THR A 581 10.57 2.65 -43.40
N ILE A 582 10.93 2.79 -42.13
CA ILE A 582 9.98 3.08 -41.05
C ILE A 582 10.47 4.35 -40.36
N LEU A 583 9.85 5.48 -40.67
CA LEU A 583 10.21 6.76 -40.08
C LEU A 583 9.29 7.01 -38.88
N CYS A 584 9.83 6.84 -37.68
CA CYS A 584 9.06 7.03 -36.45
C CYS A 584 10.03 7.28 -35.30
N HIS A 585 9.52 7.23 -34.08
CA HIS A 585 10.29 7.49 -32.88
C HIS A 585 10.63 6.17 -32.19
N GLY A 586 11.27 6.28 -31.03
CA GLY A 586 11.62 5.10 -30.25
C GLY A 586 11.53 5.41 -28.77
N GLU A 587 11.19 4.37 -28.00
CA GLU A 587 11.06 4.47 -26.55
C GLU A 587 12.10 3.56 -25.92
N ALA A 588 12.85 4.08 -24.97
CA ALA A 588 13.94 3.35 -24.34
C ALA A 588 13.48 2.75 -23.03
N ASN A 589 13.82 1.48 -22.81
CA ASN A 589 13.61 0.82 -21.53
C ASN A 589 14.95 0.50 -20.90
N MET A 590 15.06 0.76 -19.60
CA MET A 590 16.34 0.72 -18.90
C MET A 590 16.70 -0.65 -18.35
N SER A 591 15.71 -1.51 -18.07
CA SER A 591 15.99 -2.79 -17.44
C SER A 591 15.63 -3.96 -18.35
N ASN A 592 14.40 -4.02 -18.87
CA ASN A 592 13.96 -5.14 -19.68
C ASN A 592 14.19 -4.83 -21.15
N PRO A 593 15.10 -5.55 -21.83
CA PRO A 593 15.23 -5.37 -23.29
C PRO A 593 13.97 -5.74 -24.05
N PHE A 594 13.19 -6.69 -23.54
CA PHE A 594 11.96 -7.12 -24.18
C PHE A 594 10.85 -6.08 -24.11
N ARG A 595 11.01 -5.02 -23.31
CA ARG A 595 9.98 -4.01 -23.14
C ARG A 595 10.20 -2.77 -24.00
N SER A 596 11.38 -2.60 -24.60
CA SER A 596 11.59 -1.49 -25.51
C SER A 596 10.70 -1.66 -26.73
N MET A 597 9.97 -0.61 -27.09
CA MET A 597 9.00 -0.69 -28.17
C MET A 597 9.24 0.40 -29.19
N LEU A 598 8.82 0.12 -30.43
CA LEU A 598 8.95 1.07 -31.52
C LEU A 598 7.73 1.98 -31.52
N LYS A 599 7.96 3.28 -31.48
CA LYS A 599 6.87 4.24 -31.32
C LYS A 599 6.07 4.37 -32.60
N LEU A 600 4.78 4.05 -32.53
CA LEU A 600 3.89 4.16 -33.68
C LEU A 600 2.61 4.89 -33.27
N ALA A 601 1.62 4.94 -34.16
CA ALA A 601 0.36 5.60 -33.86
C ALA A 601 -0.58 4.64 -33.14
N ASN A 602 -0.10 4.03 -32.07
CA ASN A 602 -0.86 3.07 -31.27
C ASN A 602 -0.14 2.90 -29.95
N GLY A 603 -0.53 1.86 -29.20
CA GLY A 603 0.18 1.53 -27.98
C GLY A 603 1.63 1.15 -28.21
N GLY A 604 1.99 0.80 -29.43
CA GLY A 604 3.36 0.50 -29.78
C GLY A 604 3.63 -0.99 -29.86
N ILE A 605 4.55 -1.37 -30.75
CA ILE A 605 4.96 -2.76 -30.91
C ILE A 605 6.31 -2.92 -30.23
N THR A 606 6.42 -3.93 -29.39
CA THR A 606 7.60 -4.10 -28.56
C THR A 606 8.53 -5.17 -29.16
N TYR A 607 9.59 -5.49 -28.44
CA TYR A 607 10.52 -6.53 -28.89
C TYR A 607 9.81 -7.88 -29.00
N LEU A 608 9.13 -8.29 -27.92
CA LEU A 608 8.41 -9.56 -27.94
C LEU A 608 7.33 -9.57 -29.02
N GLU A 609 6.59 -8.47 -29.14
CA GLU A 609 5.54 -8.39 -30.16
C GLU A 609 6.13 -8.43 -31.56
N ILE A 610 7.26 -7.79 -31.79
CA ILE A 610 7.86 -7.78 -33.13
C ILE A 610 8.42 -9.16 -33.47
N LEU A 611 8.86 -9.92 -32.46
CA LEU A 611 9.26 -11.31 -32.72
C LEU A 611 8.05 -12.20 -32.98
N ASN A 612 6.93 -11.93 -32.30
CA ASN A 612 5.78 -12.82 -32.40
C ASN A 612 4.78 -12.43 -33.50
N SER A 613 4.98 -11.30 -34.18
CA SER A 613 3.97 -10.77 -35.09
C SER A 613 4.42 -10.76 -36.54
N VAL A 614 5.52 -10.09 -36.87
CA VAL A 614 5.89 -9.88 -38.26
C VAL A 614 6.43 -11.19 -38.84
N LYS A 615 5.88 -11.58 -39.99
CA LYS A 615 6.25 -12.84 -40.64
C LYS A 615 6.53 -12.69 -42.13
N GLY A 616 6.60 -11.47 -42.66
CA GLY A 616 6.72 -11.30 -44.09
C GLY A 616 7.83 -10.38 -44.55
N LEU A 617 8.97 -10.40 -43.86
CA LEU A 617 10.10 -9.54 -44.20
C LEU A 617 11.38 -10.34 -44.40
N LYS A 618 11.28 -11.54 -44.97
CA LYS A 618 12.41 -12.44 -45.12
C LYS A 618 13.21 -12.06 -46.36
N GLY A 619 14.54 -11.99 -46.22
CA GLY A 619 15.42 -11.78 -47.35
C GLY A 619 15.46 -10.37 -47.91
N SER A 620 14.87 -9.39 -47.22
CA SER A 620 14.75 -8.04 -47.73
C SER A 620 15.83 -7.14 -47.11
N GLN A 621 15.80 -5.88 -47.53
CA GLN A 621 16.67 -4.84 -46.99
C GLN A 621 15.84 -3.78 -46.31
N VAL A 622 16.22 -3.44 -45.08
CA VAL A 622 15.46 -2.51 -44.25
C VAL A 622 16.31 -1.27 -43.97
N ILE A 623 15.64 -0.13 -43.81
CA ILE A 623 16.30 1.12 -43.46
C ILE A 623 15.49 1.81 -42.37
N LEU A 624 16.15 2.19 -41.29
CA LEU A 624 15.53 2.94 -40.22
C LEU A 624 15.89 4.43 -40.35
N GLY A 625 15.02 5.28 -39.81
CA GLY A 625 15.17 6.70 -40.03
C GLY A 625 16.37 7.33 -39.33
N ALA A 626 16.29 7.51 -38.02
CA ALA A 626 17.45 7.97 -37.25
C ALA A 626 17.24 7.63 -35.77
N CYS A 627 17.80 6.50 -35.33
CA CYS A 627 17.78 6.18 -33.91
C CYS A 627 18.74 5.02 -33.64
N GLU A 628 19.69 5.25 -32.75
CA GLU A 628 20.44 4.17 -32.13
C GLU A 628 20.63 4.36 -30.63
N THR A 629 20.37 5.57 -30.11
CA THR A 629 20.43 5.85 -28.69
C THR A 629 19.08 6.15 -28.09
N ASP A 630 18.01 6.09 -28.88
CA ASP A 630 16.66 6.25 -28.36
C ASP A 630 16.08 4.96 -27.82
N LEU A 631 16.78 3.83 -27.98
CA LEU A 631 16.31 2.54 -27.52
C LEU A 631 17.22 1.94 -26.44
N VAL A 632 18.52 1.86 -26.69
CA VAL A 632 19.45 1.36 -25.69
C VAL A 632 19.57 2.38 -24.57
N PRO A 633 19.74 1.96 -23.32
CA PRO A 633 19.86 2.91 -22.23
C PRO A 633 21.30 3.34 -22.05
N PRO A 634 21.54 4.45 -21.34
CA PRO A 634 22.91 4.83 -21.01
C PRO A 634 23.55 3.80 -20.08
N LEU A 635 24.86 3.64 -20.22
CA LEU A 635 25.62 2.65 -19.48
C LEU A 635 26.56 3.32 -18.49
N SER A 636 26.74 2.67 -17.34
CA SER A 636 27.62 3.16 -16.29
C SER A 636 28.81 2.26 -16.00
N ASP A 637 28.76 0.99 -16.40
CA ASP A 637 29.83 0.04 -16.15
C ASP A 637 30.56 -0.28 -17.45
N VAL A 638 31.64 -1.05 -17.32
CA VAL A 638 32.44 -1.44 -18.48
C VAL A 638 31.74 -2.49 -19.34
N MET A 639 30.62 -3.05 -18.86
CA MET A 639 29.92 -4.10 -19.59
C MET A 639 28.51 -3.65 -19.93
N ASP A 640 27.95 -4.28 -20.97
CA ASP A 640 26.56 -4.08 -21.36
C ASP A 640 26.19 -5.16 -22.37
N GLU A 641 25.02 -5.78 -22.17
CA GLU A 641 24.54 -6.82 -23.07
C GLU A 641 23.15 -6.50 -23.60
N HIS A 642 22.79 -5.22 -23.63
CA HIS A 642 21.50 -4.79 -24.15
C HIS A 642 21.48 -4.89 -25.66
N TYR A 643 20.28 -5.09 -26.22
CA TYR A 643 20.09 -5.22 -27.65
C TYR A 643 19.04 -4.23 -28.12
N SER A 644 19.20 -3.77 -29.36
CA SER A 644 18.29 -2.83 -29.98
C SER A 644 17.21 -3.59 -30.75
N VAL A 645 16.44 -2.86 -31.58
CA VAL A 645 15.43 -3.49 -32.43
C VAL A 645 16.01 -3.98 -33.75
N ALA A 646 17.22 -3.56 -34.11
CA ALA A 646 17.86 -4.08 -35.31
C ALA A 646 18.12 -5.57 -35.19
N THR A 647 18.52 -6.04 -34.00
CA THR A 647 18.66 -7.48 -33.80
C THR A 647 17.32 -8.19 -33.91
N ALA A 648 16.23 -7.54 -33.47
CA ALA A 648 14.90 -8.12 -33.64
C ALA A 648 14.55 -8.25 -35.12
N LEU A 649 14.87 -7.22 -35.91
CA LEU A 649 14.65 -7.32 -37.36
C LEU A 649 15.50 -8.42 -37.98
N LEU A 650 16.74 -8.58 -37.50
CA LEU A 650 17.58 -9.66 -37.98
C LEU A 650 17.01 -11.03 -37.60
N LEU A 651 16.30 -11.11 -36.48
CA LEU A 651 15.77 -12.39 -36.02
C LEU A 651 14.56 -12.84 -36.83
N ILE A 652 13.73 -11.92 -37.30
CA ILE A 652 12.56 -12.32 -38.06
C ILE A 652 12.91 -12.78 -39.47
N GLY A 653 14.08 -12.39 -39.99
CA GLY A 653 14.51 -12.88 -41.28
C GLY A 653 15.09 -11.85 -42.23
N ALA A 654 15.20 -10.60 -41.78
CA ALA A 654 15.77 -9.56 -42.63
C ALA A 654 17.23 -9.85 -42.93
N ALA A 655 17.67 -9.46 -44.13
CA ALA A 655 19.03 -9.71 -44.58
C ALA A 655 19.97 -8.55 -44.30
N GLY A 656 19.49 -7.47 -43.71
CA GLY A 656 20.35 -6.34 -43.41
C GLY A 656 19.61 -5.07 -43.04
N VAL A 657 20.16 -4.30 -42.10
CA VAL A 657 19.57 -3.04 -41.67
C VAL A 657 20.63 -1.95 -41.78
N VAL A 658 20.17 -0.72 -42.01
CA VAL A 658 21.03 0.45 -42.06
C VAL A 658 20.43 1.49 -41.13
N GLY A 659 21.23 1.97 -40.15
CA GLY A 659 20.75 2.91 -39.18
C GLY A 659 21.81 3.95 -38.85
N THR A 660 21.37 5.00 -38.17
CA THR A 660 22.24 6.09 -37.75
C THR A 660 22.61 5.93 -36.28
N MET A 661 23.89 6.10 -35.97
CA MET A 661 24.37 5.83 -34.61
C MET A 661 23.88 6.85 -33.60
N TRP A 662 23.71 8.11 -34.00
CA TRP A 662 23.22 9.14 -33.11
C TRP A 662 22.24 10.03 -33.87
N LYS A 663 21.66 10.99 -33.16
CA LYS A 663 20.61 11.83 -33.72
C LYS A 663 21.20 12.82 -34.72
N VAL A 664 20.59 12.87 -35.91
CA VAL A 664 20.99 13.81 -36.95
C VAL A 664 19.75 14.51 -37.48
N ARG A 665 19.92 15.38 -38.47
CA ARG A 665 18.81 16.07 -39.09
C ARG A 665 18.20 15.23 -40.21
N SER A 666 16.94 15.52 -40.52
CA SER A 666 16.18 14.69 -41.45
C SER A 666 16.67 14.82 -42.88
N ASN A 667 17.44 15.86 -43.21
CA ASN A 667 17.93 16.03 -44.57
C ASN A 667 18.81 14.86 -44.99
N LYS A 668 19.74 14.47 -44.13
CA LYS A 668 20.64 13.36 -44.46
C LYS A 668 19.89 12.05 -44.59
N THR A 669 18.94 11.80 -43.69
CA THR A 669 18.15 10.57 -43.77
C THR A 669 17.34 10.52 -45.06
N LYS A 670 16.72 11.64 -45.43
CA LYS A 670 15.94 11.68 -46.67
C LYS A 670 16.84 11.49 -47.89
N SER A 671 18.04 12.09 -47.88
CA SER A 671 18.96 11.91 -48.99
C SER A 671 19.39 10.45 -49.10
N LEU A 672 19.67 9.81 -47.98
CA LEU A 672 20.05 8.40 -48.01
C LEU A 672 18.90 7.53 -48.50
N ILE A 673 17.67 7.83 -48.08
CA ILE A 673 16.52 7.05 -48.54
C ILE A 673 16.34 7.20 -50.04
N GLU A 674 16.47 8.43 -50.55
CA GLU A 674 16.34 8.64 -51.99
C GLU A 674 17.46 7.93 -52.75
N TRP A 675 18.68 7.95 -52.22
CA TRP A 675 19.78 7.25 -52.87
C TRP A 675 19.52 5.75 -52.91
N LYS A 676 19.02 5.18 -51.82
CA LYS A 676 18.72 3.76 -51.80
C LYS A 676 17.57 3.41 -52.74
N LEU A 677 16.59 4.31 -52.87
CA LEU A 677 15.53 4.10 -53.84
C LEU A 677 16.07 4.11 -55.26
N GLU A 678 17.00 5.02 -55.56
CA GLU A 678 17.53 5.12 -56.92
C GLU A 678 18.31 3.87 -57.31
N ASN A 679 19.13 3.35 -56.40
CA ASN A 679 19.94 2.17 -56.70
C ASN A 679 20.28 1.43 -55.41
N ILE A 680 20.62 0.15 -55.57
CA ILE A 680 21.01 -0.70 -54.46
C ILE A 680 22.29 -1.48 -54.73
N GLU A 681 22.96 -1.24 -55.86
CA GLU A 681 24.11 -2.02 -56.26
C GLU A 681 25.43 -1.40 -55.82
N TYR A 682 25.40 -0.29 -55.09
CA TYR A 682 26.62 0.40 -54.67
C TYR A 682 26.80 0.28 -53.15
N LYS A 683 28.06 0.30 -52.73
CA LYS A 683 28.39 0.14 -51.32
C LYS A 683 28.06 1.41 -50.54
N LEU A 684 28.11 1.30 -49.22
CA LEU A 684 27.83 2.41 -48.32
C LEU A 684 29.08 3.24 -48.03
N ASN A 685 30.23 2.59 -47.90
CA ASN A 685 31.46 3.33 -47.65
C ASN A 685 31.81 4.24 -48.81
N GLU A 686 31.46 3.84 -50.05
CA GLU A 686 31.66 4.71 -51.19
C GLU A 686 30.83 5.97 -51.07
N TRP A 687 29.56 5.84 -50.65
CA TRP A 687 28.72 7.01 -50.44
C TRP A 687 29.28 7.90 -49.33
N GLN A 688 29.76 7.29 -48.25
CA GLN A 688 30.34 8.08 -47.15
C GLN A 688 31.58 8.83 -47.61
N LYS A 689 32.43 8.19 -48.41
CA LYS A 689 33.69 8.78 -48.83
C LYS A 689 33.49 9.87 -49.88
N GLU A 690 32.54 9.67 -50.81
CA GLU A 690 32.34 10.63 -51.89
C GLU A 690 31.55 11.85 -51.44
N THR A 691 30.97 11.83 -50.24
CA THR A 691 30.21 12.95 -49.70
C THR A 691 31.10 13.88 -48.89
N GLY A 692 32.41 13.59 -48.85
CA GLY A 692 33.34 14.38 -48.07
C GLY A 692 33.16 14.20 -46.58
N GLY A 693 32.99 12.96 -46.14
CA GLY A 693 32.88 12.65 -44.73
C GLY A 693 34.24 12.41 -44.09
N ALA A 694 35.30 12.51 -44.89
CA ALA A 694 36.67 12.32 -44.41
C ALA A 694 37.40 13.64 -44.24
N ALA A 695 36.68 14.69 -43.83
CA ALA A 695 37.23 16.01 -43.63
C ALA A 695 37.13 16.43 -42.17
N TYR A 696 37.48 15.51 -41.26
CA TYR A 696 37.34 15.77 -39.83
C TYR A 696 38.20 16.94 -39.36
N LYS A 697 39.31 17.22 -40.05
CA LYS A 697 40.17 18.33 -39.64
C LYS A 697 39.55 19.67 -40.00
N ASP A 698 38.85 19.76 -41.14
CA ASP A 698 38.31 21.03 -41.58
C ASP A 698 37.00 21.37 -40.87
N HIS A 699 35.99 20.51 -40.99
CA HIS A 699 34.68 20.77 -40.40
C HIS A 699 34.27 19.55 -39.58
N PRO A 700 34.45 19.59 -38.26
CA PRO A 700 34.02 18.48 -37.40
C PRO A 700 32.53 18.20 -37.51
N PRO A 701 31.66 19.21 -37.68
CA PRO A 701 30.24 18.88 -37.90
C PRO A 701 29.98 18.00 -39.11
N THR A 702 30.73 18.18 -40.20
CA THR A 702 30.55 17.30 -41.35
C THR A 702 30.91 15.86 -41.02
N PHE A 703 32.02 15.66 -40.31
CA PHE A 703 32.40 14.33 -39.85
C PHE A 703 31.32 13.72 -38.97
N TYR A 704 30.80 14.51 -38.03
CA TYR A 704 29.77 14.04 -37.12
C TYR A 704 28.51 13.64 -37.87
N ARG A 705 28.10 14.43 -38.85
CA ARG A 705 26.89 14.15 -39.60
C ARG A 705 27.07 13.05 -40.63
N SER A 706 28.31 12.75 -41.04
CA SER A 706 28.54 11.78 -42.10
C SER A 706 28.88 10.38 -41.60
N ILE A 707 29.63 10.25 -40.49
CA ILE A 707 30.11 8.93 -40.11
C ILE A 707 29.13 8.24 -39.17
N ALA A 708 27.90 8.76 -39.09
CA ALA A 708 26.90 8.19 -38.20
C ALA A 708 26.23 6.95 -38.77
N PHE A 709 26.48 6.61 -40.03
CA PHE A 709 25.81 5.50 -40.69
C PHE A 709 26.69 4.25 -40.69
N ARG A 710 26.06 3.10 -40.47
CA ARG A 710 26.76 1.83 -40.51
C ARG A 710 25.80 0.74 -40.94
N SER A 711 26.37 -0.37 -41.44
CA SER A 711 25.60 -1.47 -42.00
C SER A 711 25.64 -2.67 -41.05
N ILE A 712 24.48 -3.26 -40.81
CA ILE A 712 24.35 -4.41 -39.93
C ILE A 712 23.90 -5.61 -40.76
N GLY A 713 24.61 -6.72 -40.63
CA GLY A 713 24.28 -7.93 -41.36
C GLY A 713 25.45 -8.45 -42.15
N PHE A 714 25.49 -9.77 -42.37
CA PHE A 714 26.57 -10.42 -43.08
C PHE A 714 26.06 -10.96 -44.40
N PRO A 715 26.56 -10.49 -45.55
CA PRO A 715 26.13 -11.04 -46.83
C PRO A 715 26.71 -12.43 -47.08
N LEU A 716 25.86 -13.45 -47.00
CA LEU A 716 26.30 -14.82 -47.21
C LEU A 716 26.20 -15.21 -48.69
N ASP B 5 48.09 40.27 3.49
CA ASP B 5 47.83 39.54 4.74
C ASP B 5 46.73 40.23 5.54
N MET B 6 45.60 39.54 5.71
CA MET B 6 44.50 40.08 6.48
C MET B 6 43.68 38.94 7.06
N ASN B 7 42.91 39.25 8.10
CA ASN B 7 42.07 38.28 8.79
C ASN B 7 40.64 38.82 8.81
N ILE B 8 39.74 38.11 8.15
CA ILE B 8 38.34 38.51 8.05
C ILE B 8 37.48 37.50 8.79
N THR B 9 36.55 37.99 9.60
CA THR B 9 35.64 37.16 10.37
C THR B 9 34.27 37.17 9.72
N VAL B 10 33.71 35.99 9.49
CA VAL B 10 32.43 35.84 8.82
C VAL B 10 31.48 35.03 9.70
N GLU B 11 30.19 35.22 9.46
CA GLU B 11 29.14 34.50 10.18
C GLU B 11 28.20 33.85 9.18
N LEU B 12 27.59 32.75 9.58
CA LEU B 12 26.73 31.96 8.70
C LEU B 12 25.38 31.78 9.38
N THR B 13 24.31 32.04 8.63
CA THR B 13 22.95 32.00 9.15
C THR B 13 22.12 31.02 8.34
N PHE B 14 21.30 30.23 9.02
CA PHE B 14 20.43 29.25 8.39
C PHE B 14 18.99 29.74 8.39
N PHE B 15 18.25 29.38 7.33
CA PHE B 15 16.84 29.70 7.22
C PHE B 15 15.93 28.48 7.18
N GLU B 16 16.48 27.28 7.12
CA GLU B 16 15.74 26.03 7.15
C GLU B 16 16.40 25.10 8.16
N PRO B 17 15.70 24.06 8.61
CA PRO B 17 16.36 23.04 9.44
C PRO B 17 17.51 22.40 8.68
N TYR B 18 18.60 22.14 9.40
CA TYR B 18 19.78 21.49 8.83
C TYR B 18 20.01 20.17 9.55
N ARG B 19 21.11 19.50 9.19
CA ARG B 19 21.37 18.15 9.63
C ARG B 19 22.65 18.07 10.45
N LEU B 20 22.68 17.11 11.37
CA LEU B 20 23.78 16.96 12.32
C LEU B 20 24.21 15.50 12.36
N VAL B 21 25.49 15.28 12.62
CA VAL B 21 26.06 13.94 12.71
C VAL B 21 27.12 13.92 13.82
N GLU B 22 27.42 12.72 14.28
CA GLU B 22 28.40 12.52 15.36
C GLU B 22 29.81 12.50 14.77
N TRP B 23 30.76 13.04 15.52
CA TRP B 23 32.13 13.22 15.04
C TRP B 23 32.97 11.98 15.35
N PHE B 24 33.62 11.44 14.33
CA PHE B 24 34.54 10.32 14.46
C PHE B 24 35.86 10.67 13.77
N ASP B 25 36.93 10.04 14.24
CA ASP B 25 38.22 10.20 13.60
C ASP B 25 38.20 9.57 12.22
N TRP B 26 39.08 10.08 11.33
CA TRP B 26 39.08 9.61 9.95
C TRP B 26 39.43 8.13 9.86
N ASP B 27 40.39 7.67 10.68
CA ASP B 27 40.74 6.26 10.68
C ASP B 27 39.58 5.40 11.17
N ALA B 28 38.90 5.83 12.23
CA ALA B 28 37.82 5.07 12.83
C ALA B 28 36.46 5.33 12.18
N ARG B 29 36.41 6.21 11.18
CA ARG B 29 35.14 6.54 10.54
C ARG B 29 34.60 5.39 9.69
N LYS B 30 35.46 4.47 9.26
CA LYS B 30 35.03 3.40 8.37
C LYS B 30 34.17 2.36 9.07
N LYS B 31 34.20 2.30 10.41
CA LYS B 31 33.40 1.32 11.13
C LYS B 31 31.93 1.69 11.17
N SER B 32 31.60 2.98 11.12
CA SER B 32 30.23 3.45 11.25
C SER B 32 29.68 3.83 9.88
N HIS B 33 28.53 3.26 9.53
CA HIS B 33 27.91 3.58 8.25
C HIS B 33 27.29 4.97 8.25
N SER B 34 26.71 5.38 9.38
CA SER B 34 26.08 6.69 9.47
C SER B 34 27.10 7.81 9.31
N ALA B 35 28.28 7.65 9.92
CA ALA B 35 29.32 8.66 9.79
C ALA B 35 29.81 8.78 8.35
N MET B 36 29.95 7.65 7.66
CA MET B 36 30.32 7.68 6.26
C MET B 36 29.25 8.34 5.40
N ARG B 37 27.97 8.08 5.70
CA ARG B 37 26.88 8.69 4.94
C ARG B 37 26.83 10.19 5.15
N GLY B 38 26.95 10.64 6.40
CA GLY B 38 26.86 12.05 6.69
C GLY B 38 28.18 12.78 6.74
N GLN B 39 28.90 12.79 5.62
CA GLN B 39 30.20 13.45 5.55
C GLN B 39 30.12 14.92 5.19
N ALA B 40 28.92 15.42 4.87
CA ALA B 40 28.75 16.83 4.50
C ALA B 40 27.80 17.55 5.46
N PHE B 41 27.69 17.04 6.68
CA PHE B 41 26.83 17.60 7.71
C PHE B 41 27.66 18.38 8.73
N ALA B 42 26.98 18.84 9.77
CA ALA B 42 27.64 19.44 10.92
C ALA B 42 27.97 18.36 11.95
N GLN B 43 29.06 18.56 12.67
CA GLN B 43 29.61 17.55 13.55
C GLN B 43 29.33 17.87 15.01
N TRP B 44 29.16 16.82 15.81
CA TRP B 44 28.85 16.94 17.23
C TRP B 44 29.79 16.05 18.03
N THR B 45 30.36 16.59 19.11
CA THR B 45 31.29 15.85 19.95
C THR B 45 30.86 15.97 21.41
N TRP B 46 30.98 14.87 22.14
CA TRP B 46 30.61 14.84 23.55
C TRP B 46 31.63 15.60 24.38
N LYS B 47 31.24 15.88 25.63
CA LYS B 47 32.11 16.53 26.62
C LYS B 47 32.05 15.70 27.90
N GLY B 48 32.91 14.70 27.99
CA GLY B 48 32.94 13.82 29.14
C GLY B 48 32.36 12.44 28.82
N LYS B 49 32.80 11.46 29.60
CA LYS B 49 32.37 10.08 29.42
C LYS B 49 31.04 9.85 30.13
N GLY B 50 30.15 9.13 29.46
CA GLY B 50 28.81 8.92 30.00
C GLY B 50 28.03 10.21 30.14
N ARG B 51 28.13 11.09 29.16
CA ARG B 51 27.55 12.43 29.21
C ARG B 51 26.44 12.56 28.19
N THR B 52 25.62 13.60 28.37
CA THR B 52 24.56 13.97 27.43
C THR B 52 24.72 15.39 26.93
N ALA B 53 25.92 15.95 27.01
CA ALA B 53 26.21 17.31 26.59
C ALA B 53 27.34 17.33 25.59
N GLY B 54 27.58 18.50 25.00
CA GLY B 54 28.63 18.64 24.02
C GLY B 54 28.53 19.96 23.30
N LYS B 55 29.23 20.07 22.17
CA LYS B 55 29.20 21.26 21.35
C LYS B 55 29.39 20.87 19.89
N SER B 56 28.85 21.71 19.00
CA SER B 56 28.84 21.45 17.57
C SER B 56 29.65 22.50 16.83
N PHE B 57 30.07 22.14 15.61
CA PHE B 57 30.92 23.00 14.80
C PHE B 57 30.81 22.56 13.35
N ILE B 58 31.43 23.34 12.46
CA ILE B 58 31.51 23.04 11.05
C ILE B 58 32.96 23.14 10.62
N THR B 59 33.47 22.10 9.95
CA THR B 59 34.86 22.09 9.52
C THR B 59 35.09 23.08 8.38
N GLY B 60 36.31 23.62 8.32
CA GLY B 60 36.65 24.57 7.27
C GLY B 60 36.87 23.95 5.91
N THR B 61 37.13 22.65 5.86
CA THR B 61 37.32 21.98 4.57
C THR B 61 36.03 21.95 3.76
N LEU B 62 34.90 21.72 4.42
CA LEU B 62 33.61 21.72 3.72
C LEU B 62 33.28 23.10 3.18
N VAL B 63 33.52 24.15 3.97
CA VAL B 63 33.31 25.51 3.50
C VAL B 63 34.24 25.82 2.34
N ARG B 64 35.48 25.32 2.41
CA ARG B 64 36.42 25.49 1.29
C ARG B 64 35.89 24.82 0.03
N SER B 65 35.34 23.62 0.17
CA SER B 65 34.78 22.91 -0.98
C SER B 65 33.65 23.71 -1.61
N ALA B 66 32.73 24.21 -0.78
CA ALA B 66 31.62 25.01 -1.29
C ALA B 66 32.13 26.27 -1.99
N VAL B 67 33.13 26.93 -1.40
CA VAL B 67 33.65 28.16 -1.97
C VAL B 67 34.30 27.90 -3.32
N ILE B 68 35.08 26.83 -3.44
CA ILE B 68 35.74 26.56 -4.72
C ILE B 68 34.73 26.12 -5.76
N LYS B 69 33.66 25.42 -5.36
CA LYS B 69 32.60 25.11 -6.31
C LYS B 69 31.93 26.38 -6.83
N ALA B 70 31.67 27.34 -5.93
CA ALA B 70 31.09 28.61 -6.35
C ALA B 70 32.05 29.37 -7.27
N VAL B 71 33.35 29.32 -6.98
CA VAL B 71 34.34 29.96 -7.84
C VAL B 71 34.30 29.36 -9.24
N GLU B 72 34.23 28.02 -9.31
CA GLU B 72 34.19 27.35 -10.60
C GLU B 72 32.95 27.75 -11.39
N GLU B 73 31.79 27.79 -10.73
CA GLU B 73 30.56 28.17 -11.43
C GLU B 73 30.62 29.63 -11.91
N LEU B 74 31.12 30.53 -11.06
CA LEU B 74 31.21 31.93 -11.45
C LEU B 74 32.15 32.12 -12.63
N LEU B 75 33.29 31.43 -12.62
CA LEU B 75 34.22 31.53 -13.75
C LEU B 75 33.62 30.93 -15.01
N SER B 76 32.86 29.83 -14.88
CA SER B 76 32.23 29.23 -16.04
C SER B 76 31.20 30.17 -16.66
N LEU B 77 30.40 30.84 -15.84
CA LEU B 77 29.37 31.72 -16.37
C LEU B 77 29.92 32.92 -17.13
N ASN B 78 31.18 33.28 -16.92
CA ASN B 78 31.77 34.48 -17.53
C ASN B 78 32.86 34.13 -18.53
N ASN B 79 32.80 32.93 -19.12
CA ASN B 79 33.77 32.46 -20.10
C ASN B 79 35.19 32.47 -19.55
N GLY B 80 35.33 32.08 -18.28
CA GLY B 80 36.65 31.95 -17.69
C GLY B 80 37.35 33.25 -17.37
N LYS B 81 36.61 34.34 -17.22
CA LYS B 81 37.16 35.63 -16.86
C LYS B 81 36.46 36.18 -15.63
N TRP B 82 37.11 37.15 -14.99
CA TRP B 82 36.52 37.83 -13.84
C TRP B 82 37.15 39.22 -13.75
N GLU B 83 36.34 40.25 -13.96
CA GLU B 83 36.80 41.64 -13.89
C GLU B 83 37.93 41.91 -14.88
N GLY B 84 37.92 41.23 -16.02
CA GLY B 84 38.90 41.46 -17.06
C GLY B 84 40.21 40.71 -16.92
N VAL B 85 40.39 39.94 -15.86
CA VAL B 85 41.60 39.16 -15.63
C VAL B 85 41.31 37.70 -15.99
N PRO B 86 41.96 37.14 -17.01
CA PRO B 86 41.69 35.75 -17.37
C PRO B 86 42.26 34.78 -16.36
N CYS B 87 41.67 33.58 -16.33
CA CYS B 87 42.09 32.49 -15.47
C CYS B 87 42.31 31.24 -16.32
N CYS B 88 42.95 30.24 -15.73
CA CYS B 88 43.25 28.99 -16.41
C CYS B 88 42.31 27.90 -15.88
N ASN B 89 42.51 26.68 -16.36
CA ASN B 89 41.62 25.57 -16.04
C ASN B 89 41.90 24.94 -14.68
N GLY B 90 43.01 25.27 -14.04
CA GLY B 90 43.32 24.68 -12.76
C GLY B 90 43.74 23.23 -12.88
N SER B 91 43.70 22.53 -11.75
CA SER B 91 44.08 21.12 -11.70
C SER B 91 43.20 20.40 -10.68
N PHE B 92 42.74 19.20 -11.04
CA PHE B 92 41.88 18.40 -10.17
C PHE B 92 42.27 16.93 -10.21
N GLN B 93 43.55 16.63 -10.49
CA GLN B 93 44.02 15.27 -10.60
C GLN B 93 45.31 15.10 -9.82
N THR B 94 45.53 13.89 -9.29
CA THR B 94 46.75 13.55 -8.58
C THR B 94 47.19 12.15 -8.96
N ASP B 95 48.46 11.87 -8.73
CA ASP B 95 49.07 10.59 -9.08
C ASP B 95 49.19 9.72 -7.84
N GLU B 96 48.77 8.46 -7.94
CA GLU B 96 48.91 7.54 -6.82
C GLU B 96 50.37 7.32 -6.48
N SER B 97 51.22 7.16 -7.49
CA SER B 97 52.65 7.14 -7.27
C SER B 97 53.14 8.56 -6.98
N LYS B 98 54.38 8.65 -6.51
CA LYS B 98 55.05 9.90 -6.13
C LYS B 98 54.12 10.84 -5.37
N GLY B 99 53.29 10.28 -4.50
CA GLY B 99 52.36 11.09 -3.73
C GLY B 99 51.32 10.22 -3.06
N LYS B 100 50.23 10.86 -2.61
CA LYS B 100 49.15 10.15 -1.97
C LYS B 100 47.83 10.79 -2.37
N LYS B 101 46.76 10.01 -2.26
CA LYS B 101 45.44 10.47 -2.66
C LYS B 101 44.93 11.54 -1.70
N PRO B 102 44.07 12.44 -2.18
CA PRO B 102 43.31 13.30 -1.26
C PRO B 102 42.28 12.48 -0.51
N SER B 103 41.57 13.15 0.38
CA SER B 103 40.72 12.44 1.33
C SER B 103 39.28 12.27 0.88
N PHE B 104 38.88 12.82 -0.27
CA PHE B 104 37.46 12.79 -0.59
C PHE B 104 37.11 12.28 -1.99
N LEU B 105 37.98 12.49 -2.97
CA LEU B 105 37.89 11.80 -4.27
C LEU B 105 36.57 12.10 -4.99
N ARG B 106 36.48 13.33 -5.50
CA ARG B 106 35.33 13.82 -6.26
C ARG B 106 34.78 12.82 -7.27
N LYS B 107 33.45 12.83 -7.45
CA LYS B 107 32.78 11.87 -8.34
C LYS B 107 31.78 12.54 -9.28
N ARG B 108 31.95 13.84 -9.56
CA ARG B 108 31.02 14.56 -10.42
C ARG B 108 31.75 15.17 -11.60
N HIS B 109 31.00 15.88 -12.44
CA HIS B 109 31.56 16.54 -13.61
C HIS B 109 32.22 17.86 -13.22
N THR B 110 33.09 18.34 -14.11
CA THR B 110 33.84 19.58 -13.89
C THR B 110 33.64 20.50 -15.08
N LEU B 111 33.20 21.72 -14.81
CA LEU B 111 33.03 22.70 -15.88
C LEU B 111 34.38 23.25 -16.30
N GLN B 112 34.64 23.24 -17.61
CA GLN B 112 35.89 23.73 -18.17
C GLN B 112 35.59 24.69 -19.30
N TRP B 113 36.63 25.40 -19.74
CA TRP B 113 36.48 26.43 -20.76
C TRP B 113 37.76 26.52 -21.57
N GLN B 114 37.90 27.59 -22.34
CA GLN B 114 39.11 27.83 -23.13
C GLN B 114 40.18 28.47 -22.26
N ALA B 115 41.43 28.06 -22.46
CA ALA B 115 42.53 28.56 -21.63
C ALA B 115 42.73 30.06 -21.81
N ASN B 116 43.05 30.48 -23.04
CA ASN B 116 43.28 31.89 -23.37
C ASN B 116 44.34 32.50 -22.46
N ASN B 117 45.45 31.77 -22.29
CA ASN B 117 46.53 32.19 -21.41
C ASN B 117 47.86 32.03 -22.15
N LYS B 118 48.84 32.82 -21.72
CA LYS B 118 50.17 32.80 -22.30
C LYS B 118 51.26 32.36 -21.33
N ASN B 119 51.02 32.44 -20.03
CA ASN B 119 52.00 32.09 -19.02
C ASN B 119 51.52 30.87 -18.24
N ILE B 120 52.41 29.89 -18.07
CA ILE B 120 52.09 28.73 -17.26
C ILE B 120 52.13 29.11 -15.79
N CYS B 121 51.08 28.75 -15.05
CA CYS B 121 51.02 29.05 -13.63
C CYS B 121 52.15 28.33 -12.89
N ASP B 122 52.98 29.09 -12.20
CA ASP B 122 54.14 28.55 -11.50
C ASP B 122 54.26 29.25 -10.15
N LYS B 123 55.38 28.99 -9.46
CA LYS B 123 55.56 29.55 -8.12
C LYS B 123 55.76 31.06 -8.14
N GLU B 124 56.19 31.63 -9.27
CA GLU B 124 56.41 33.07 -9.36
C GLU B 124 55.15 33.85 -9.71
N GLU B 125 54.19 33.21 -10.38
CA GLU B 125 52.96 33.88 -10.78
C GLU B 125 51.87 32.85 -11.00
N ALA B 126 50.67 33.15 -10.52
CA ALA B 126 49.55 32.24 -10.66
C ALA B 126 48.25 33.03 -10.72
N CYS B 127 47.27 32.48 -11.42
CA CYS B 127 45.96 33.10 -11.53
C CYS B 127 45.20 32.97 -10.22
N PRO B 128 44.16 33.79 -10.02
CA PRO B 128 43.39 33.71 -8.76
C PRO B 128 42.82 32.33 -8.48
N PHE B 129 42.46 31.56 -9.51
CA PHE B 129 42.01 30.19 -9.27
C PHE B 129 43.12 29.34 -8.68
N CYS B 130 44.33 29.46 -9.20
CA CYS B 130 45.48 28.73 -8.67
C CYS B 130 45.99 29.30 -7.35
N ILE B 131 45.49 30.47 -6.95
CA ILE B 131 45.81 31.00 -5.62
C ILE B 131 44.81 30.52 -4.58
N LEU B 132 43.52 30.51 -4.93
CA LEU B 132 42.52 29.94 -4.04
C LEU B 132 42.75 28.45 -3.84
N LEU B 133 43.08 27.74 -4.92
CA LEU B 133 43.56 26.38 -4.77
C LEU B 133 44.97 26.39 -4.20
N GLY B 134 45.21 25.56 -3.18
CA GLY B 134 46.52 25.54 -2.55
C GLY B 134 47.57 24.83 -3.40
N ARG B 135 47.87 25.39 -4.58
CA ARG B 135 48.77 24.72 -5.50
C ARG B 135 50.23 24.98 -5.15
N PHE B 136 50.66 26.24 -5.22
CA PHE B 136 52.05 26.60 -4.96
C PHE B 136 52.17 27.21 -3.56
N ASP B 137 52.25 26.33 -2.56
CA ASP B 137 52.35 26.75 -1.18
C ASP B 137 53.46 25.97 -0.47
N ASN B 138 53.56 26.14 0.85
CA ASN B 138 54.47 25.36 1.67
C ASN B 138 53.72 24.38 2.57
N ALA B 139 52.41 24.27 2.43
CA ALA B 139 51.58 23.38 3.23
C ALA B 139 50.98 22.32 2.32
N GLY B 140 51.14 21.06 2.70
CA GLY B 140 50.63 19.96 1.91
C GLY B 140 49.54 19.18 2.59
N LYS B 141 49.65 17.85 2.58
CA LYS B 141 48.65 16.99 3.20
C LYS B 141 48.85 16.82 4.70
N VAL B 142 49.91 17.40 5.26
CA VAL B 142 50.20 17.32 6.69
C VAL B 142 50.26 18.73 7.25
N HIS B 143 49.50 18.99 8.31
CA HIS B 143 49.46 20.30 8.94
C HIS B 143 50.54 20.37 10.01
N GLU B 144 51.43 21.36 9.88
CA GLU B 144 52.58 21.47 10.76
C GLU B 144 52.61 22.77 11.55
N ARG B 145 52.57 23.92 10.89
CA ARG B 145 52.60 25.22 11.56
C ARG B 145 51.40 26.12 11.30
N ASN B 146 50.53 25.80 10.35
CA ASN B 146 49.35 26.59 10.02
C ASN B 146 49.72 27.94 9.40
N LYS B 147 50.98 28.35 9.50
CA LYS B 147 51.46 29.61 8.95
C LYS B 147 51.75 29.51 7.47
N ASP B 148 52.16 28.34 6.98
CA ASP B 148 52.55 28.20 5.57
C ASP B 148 51.37 28.35 4.62
N TYR B 149 50.14 28.18 5.10
CA TYR B 149 48.96 28.33 4.25
C TYR B 149 48.86 29.76 3.74
N ASP B 150 48.89 29.92 2.41
CA ASP B 150 48.62 31.22 1.82
C ASP B 150 47.18 31.65 2.09
N ILE B 151 46.23 30.73 1.97
CA ILE B 151 44.84 30.97 2.33
C ILE B 151 44.38 29.85 3.26
N HIS B 152 43.86 30.23 4.42
CA HIS B 152 43.51 29.27 5.46
C HIS B 152 42.05 29.42 5.84
N PHE B 153 41.38 28.28 6.03
CA PHE B 153 40.00 28.23 6.48
C PHE B 153 39.96 27.58 7.86
N SER B 154 39.39 28.27 8.83
CA SER B 154 39.29 27.77 10.19
C SER B 154 37.91 27.18 10.44
N ASN B 155 37.79 26.49 11.57
CA ASN B 155 36.51 25.88 11.93
C ASN B 155 35.50 26.95 12.33
N PHE B 156 34.22 26.60 12.18
CA PHE B 156 33.11 27.50 12.48
C PHE B 156 32.38 26.98 13.71
N ASP B 157 32.15 27.86 14.67
CA ASP B 157 31.62 27.47 15.97
C ASP B 157 30.25 28.07 16.21
N LEU B 158 29.40 27.32 16.91
CA LEU B 158 28.06 27.78 17.24
C LEU B 158 28.11 28.97 18.19
N ASP B 159 27.19 29.92 17.97
CA ASP B 159 27.15 31.14 18.76
C ASP B 159 26.27 30.93 19.99
N HIS B 160 26.88 30.53 21.09
CA HIS B 160 26.20 30.49 22.39
C HIS B 160 26.53 31.76 23.17
N LYS B 161 26.08 32.88 22.60
CA LYS B 161 26.44 34.19 23.14
C LYS B 161 25.64 34.54 24.39
N GLN B 162 24.55 33.82 24.68
CA GLN B 162 23.69 34.22 25.79
C GLN B 162 24.24 33.74 27.13
N GLU B 163 24.29 32.43 27.33
CA GLU B 163 24.74 31.81 28.58
C GLU B 163 24.67 30.30 28.40
N LYS B 164 25.16 29.59 29.42
CA LYS B 164 25.02 28.13 29.53
C LYS B 164 25.64 27.42 28.33
N ASN B 165 26.97 27.54 28.25
CA ASN B 165 27.73 26.86 27.21
C ASN B 165 27.58 25.35 27.31
N ASP B 166 27.15 24.85 28.47
CA ASP B 166 26.86 23.43 28.66
C ASP B 166 25.52 23.14 27.98
N LEU B 167 25.60 22.77 26.71
CA LEU B 167 24.42 22.57 25.87
C LEU B 167 24.14 21.08 25.71
N ARG B 168 22.87 20.70 25.89
CA ARG B 168 22.44 19.32 25.73
C ARG B 168 22.02 19.06 24.30
N LEU B 169 22.17 17.81 23.87
CA LEU B 169 21.80 17.45 22.50
C LEU B 169 20.28 17.34 22.35
N VAL B 170 19.57 16.99 23.41
CA VAL B 170 18.11 16.85 23.32
C VAL B 170 17.41 18.18 23.10
N ASP B 171 18.06 19.29 23.43
CA ASP B 171 17.47 20.62 23.28
C ASP B 171 17.77 21.26 21.93
N ILE B 172 18.60 20.63 21.10
CA ILE B 172 18.99 21.20 19.81
C ILE B 172 18.50 20.34 18.65
N ALA B 173 18.52 19.02 18.79
CA ALA B 173 18.26 18.12 17.66
C ALA B 173 17.06 17.22 17.95
N SER B 174 16.64 16.51 16.91
CA SER B 174 15.54 15.56 17.00
C SER B 174 15.72 14.51 15.91
N GLY B 175 15.11 13.35 16.11
CA GLY B 175 15.25 12.25 15.16
C GLY B 175 14.08 12.11 14.21
N ARG B 176 14.37 11.61 13.02
CA ARG B 176 13.35 11.38 12.01
C ARG B 176 13.80 10.25 11.09
N ILE B 177 12.83 9.66 10.39
CA ILE B 177 13.06 8.53 9.50
C ILE B 177 12.55 8.89 8.10
N LEU B 178 13.38 8.64 7.10
CA LEU B 178 13.02 8.80 5.70
C LEU B 178 13.03 7.41 5.04
N ASN B 179 12.56 7.35 3.79
CA ASN B 179 12.52 6.07 3.09
C ASN B 179 12.57 6.31 1.58
N ARG B 180 12.53 5.21 0.82
CA ARG B 180 12.52 5.23 -0.63
C ARG B 180 11.34 4.42 -1.12
N VAL B 181 10.63 4.93 -2.13
CA VAL B 181 9.38 4.35 -2.60
C VAL B 181 9.55 3.85 -4.03
N ASP B 182 9.04 2.65 -4.28
CA ASP B 182 9.14 2.03 -5.60
C ASP B 182 8.05 2.56 -6.53
N PHE B 183 8.45 2.97 -7.73
CA PHE B 183 7.52 3.62 -8.65
C PHE B 183 6.45 2.66 -9.16
N ASP B 184 6.82 1.41 -9.45
CA ASP B 184 5.89 0.51 -10.12
C ASP B 184 4.81 -0.02 -9.18
N THR B 185 5.12 -0.25 -7.91
CA THR B 185 4.16 -0.82 -6.97
C THR B 185 3.62 0.19 -5.97
N GLY B 186 4.36 1.25 -5.68
CA GLY B 186 3.94 2.24 -4.70
C GLY B 186 4.37 1.95 -3.27
N LYS B 187 4.93 0.77 -3.01
CA LYS B 187 5.42 0.42 -1.69
C LYS B 187 6.83 0.97 -1.49
N ALA B 188 7.34 0.81 -0.28
CA ALA B 188 8.64 1.36 0.10
C ALA B 188 9.58 0.24 0.56
N LYS B 189 10.81 0.63 0.85
CA LYS B 189 11.85 -0.26 1.36
C LYS B 189 13.01 0.59 1.87
N ASP B 190 14.08 -0.09 2.31
CA ASP B 190 15.38 0.48 2.65
C ASP B 190 15.35 1.88 3.27
N TYR B 191 14.64 2.03 4.38
CA TYR B 191 14.57 3.31 5.05
C TYR B 191 15.91 3.67 5.72
N PHE B 192 16.02 4.91 6.15
CA PHE B 192 17.18 5.38 6.91
C PHE B 192 16.75 6.58 7.75
N ARG B 193 17.59 6.93 8.73
CA ARG B 193 17.25 7.97 9.69
C ARG B 193 18.40 8.96 9.84
N THR B 194 18.06 10.15 10.32
CA THR B 194 19.02 11.25 10.43
C THR B 194 18.64 12.11 11.63
N TRP B 195 19.35 13.25 11.77
CA TRP B 195 19.12 14.21 12.85
C TRP B 195 18.76 15.57 12.26
N GLU B 196 17.83 16.27 12.89
CA GLU B 196 17.38 17.58 12.45
C GLU B 196 17.48 18.56 13.60
N ALA B 197 18.08 19.73 13.33
CA ALA B 197 18.30 20.75 14.34
C ALA B 197 17.28 21.87 14.20
N ASP B 198 17.37 22.84 15.10
CA ASP B 198 16.44 23.98 15.13
C ASP B 198 17.19 25.24 14.72
N TYR B 199 16.71 25.90 13.66
CA TYR B 199 17.36 27.06 13.10
C TYR B 199 16.92 28.37 13.73
N GLU B 200 15.83 28.38 14.49
CA GLU B 200 15.33 29.63 15.06
C GLU B 200 16.15 30.09 16.24
N THR B 201 16.67 29.16 17.05
CA THR B 201 17.48 29.50 18.21
C THR B 201 18.97 29.28 17.98
N TYR B 202 19.34 28.15 17.38
CA TYR B 202 20.73 27.82 17.10
C TYR B 202 20.89 27.76 15.58
N GLY B 203 21.14 28.92 14.98
CA GLY B 203 21.27 29.00 13.54
C GLY B 203 22.34 29.96 13.08
N THR B 204 23.27 30.31 13.96
CA THR B 204 24.36 31.22 13.64
C THR B 204 25.69 30.58 14.02
N TYR B 205 26.63 30.59 13.08
CA TYR B 205 27.97 30.04 13.29
C TYR B 205 28.99 31.09 12.89
N THR B 206 30.08 31.18 13.66
CA THR B 206 31.13 32.16 13.42
C THR B 206 32.46 31.47 13.16
N GLY B 207 33.21 32.00 12.20
CA GLY B 207 34.51 31.44 11.86
C GLY B 207 35.38 32.51 11.23
N ARG B 208 36.64 32.14 11.01
CA ARG B 208 37.64 33.06 10.48
C ARG B 208 38.27 32.48 9.22
N ILE B 209 38.61 33.36 8.29
CA ILE B 209 39.29 33.00 7.05
C ILE B 209 40.51 33.90 6.90
N THR B 210 41.67 33.29 6.66
CA THR B 210 42.93 34.01 6.52
C THR B 210 43.40 33.95 5.08
N LEU B 211 43.74 35.11 4.52
CA LEU B 211 44.21 35.22 3.15
C LEU B 211 45.44 36.12 3.11
N ARG B 212 46.44 35.71 2.33
CA ARG B 212 47.73 36.38 2.34
C ARG B 212 48.17 36.91 0.97
N ASN B 213 47.36 36.76 -0.07
CA ASN B 213 47.70 37.24 -1.40
C ASN B 213 46.56 38.13 -1.91
N GLU B 214 46.88 39.39 -2.19
CA GLU B 214 45.87 40.38 -2.54
C GLU B 214 45.37 40.24 -3.97
N HIS B 215 45.70 39.16 -4.67
CA HIS B 215 45.30 38.97 -6.05
C HIS B 215 44.01 38.19 -6.20
N ALA B 216 43.34 37.85 -5.11
CA ALA B 216 42.10 37.07 -5.19
C ALA B 216 41.02 37.54 -4.22
N LYS B 217 41.15 38.75 -3.65
CA LYS B 217 40.21 39.20 -2.63
C LYS B 217 38.80 39.39 -3.20
N LYS B 218 38.71 40.05 -4.35
CA LYS B 218 37.39 40.30 -4.95
C LYS B 218 36.71 39.00 -5.33
N LEU B 219 37.46 38.08 -5.93
CA LEU B 219 36.90 36.78 -6.31
C LEU B 219 36.43 36.01 -5.09
N LEU B 220 37.24 36.04 -4.01
CA LEU B 220 36.84 35.34 -2.79
C LEU B 220 35.57 35.93 -2.20
N LEU B 221 35.46 37.27 -2.17
CA LEU B 221 34.26 37.89 -1.62
C LEU B 221 33.03 37.59 -2.46
N ALA B 222 33.15 37.66 -3.79
CA ALA B 222 32.01 37.33 -4.65
C ALA B 222 31.60 35.88 -4.48
N SER B 223 32.58 34.97 -4.39
CA SER B 223 32.27 33.56 -4.19
C SER B 223 31.57 33.33 -2.86
N LEU B 224 32.02 34.03 -1.81
CA LEU B 224 31.35 33.93 -0.52
C LEU B 224 29.91 34.41 -0.62
N GLY B 225 29.67 35.48 -1.36
CA GLY B 225 28.32 35.96 -1.56
C GLY B 225 27.47 35.12 -2.50
N PHE B 226 28.08 34.22 -3.26
CA PHE B 226 27.36 33.41 -4.25
C PHE B 226 26.95 32.04 -3.72
N VAL B 227 27.38 31.64 -2.53
CA VAL B 227 27.05 30.32 -2.01
C VAL B 227 25.61 30.32 -1.51
N ASP B 228 24.86 29.29 -1.88
CA ASP B 228 23.43 29.25 -1.59
C ASP B 228 22.99 28.11 -0.68
N LYS B 229 23.72 26.99 -0.65
CA LYS B 229 23.31 25.83 0.13
C LYS B 229 24.47 25.30 0.95
N LEU B 230 24.15 24.73 2.11
CA LEU B 230 25.13 24.10 2.98
C LEU B 230 24.43 23.25 4.03
N CYS B 231 24.91 22.02 4.23
CA CYS B 231 24.41 21.09 5.24
C CYS B 231 22.93 20.77 5.07
N GLY B 232 22.40 20.90 3.85
CA GLY B 232 21.03 20.52 3.58
C GLY B 232 19.98 21.59 3.81
N ALA B 233 20.37 22.86 3.87
CA ALA B 233 19.42 23.95 4.08
C ALA B 233 19.95 25.21 3.42
N LEU B 234 19.05 26.14 3.14
CA LEU B 234 19.43 27.43 2.57
C LEU B 234 20.13 28.28 3.62
N CYS B 235 21.24 28.89 3.23
CA CYS B 235 22.10 29.61 4.16
C CYS B 235 22.51 30.95 3.58
N ARG B 236 22.86 31.87 4.48
CA ARG B 236 23.39 33.19 4.12
C ARG B 236 24.72 33.39 4.81
N ILE B 237 25.68 33.97 4.09
CA ILE B 237 27.03 34.19 4.60
C ILE B 237 27.33 35.67 4.53
N GLU B 238 27.70 36.27 5.67
CA GLU B 238 27.96 37.69 5.76
C GLU B 238 29.33 37.92 6.40
N VAL B 239 29.92 39.06 6.09
CA VAL B 239 31.21 39.47 6.62
C VAL B 239 30.99 40.64 7.57
N ILE B 240 31.46 40.49 8.81
CA ILE B 240 31.31 41.55 9.80
C ILE B 240 32.24 42.72 9.48
N SER B 266 9.10 18.89 33.72
CA SER B 266 10.39 18.44 34.24
C SER B 266 10.29 17.02 34.78
N GLU B 267 11.28 16.62 35.58
CA GLU B 267 11.28 15.29 36.16
C GLU B 267 10.10 15.09 37.12
N ASP B 268 9.80 16.09 37.93
CA ASP B 268 8.71 15.96 38.89
C ASP B 268 7.37 15.76 38.17
N HIS B 269 7.11 16.57 37.13
CA HIS B 269 5.83 16.52 36.45
C HIS B 269 5.57 15.15 35.82
N ASN B 270 6.47 14.73 34.92
CA ASN B 270 6.25 13.47 34.22
C ASN B 270 6.38 12.28 35.16
N ASP B 271 7.25 12.38 36.17
CA ASP B 271 7.37 11.29 37.13
C ASP B 271 6.08 11.10 37.91
N GLU B 272 5.52 12.19 38.44
CA GLU B 272 4.26 12.11 39.19
C GLU B 272 3.12 11.63 38.29
N LEU B 273 3.06 12.13 37.05
CA LEU B 273 1.97 11.72 36.19
C LEU B 273 2.10 10.26 35.76
N ARG B 274 3.33 9.77 35.57
CA ARG B 274 3.51 8.36 35.27
C ARG B 274 3.15 7.49 36.47
N LYS B 275 3.48 7.94 37.67
CA LYS B 275 3.06 7.21 38.87
C LYS B 275 1.53 7.16 38.97
N GLN B 276 0.88 8.28 38.69
CA GLN B 276 -0.58 8.31 38.73
C GLN B 276 -1.17 7.41 37.64
N ALA B 277 -0.56 7.38 36.46
CA ALA B 277 -1.02 6.49 35.39
C ALA B 277 -0.88 5.04 35.81
N GLU B 278 0.24 4.68 36.45
CA GLU B 278 0.40 3.33 36.95
C GLU B 278 -0.64 3.00 38.02
N VAL B 279 -0.95 3.97 38.89
CA VAL B 279 -1.98 3.77 39.90
C VAL B 279 -3.33 3.50 39.24
N ILE B 280 -3.66 4.28 38.20
CA ILE B 280 -4.93 4.11 37.49
C ILE B 280 -4.96 2.75 36.80
N VAL B 281 -3.85 2.32 36.21
CA VAL B 281 -3.79 1.01 35.57
C VAL B 281 -4.02 -0.10 36.58
N GLU B 282 -3.38 0.00 37.75
CA GLU B 282 -3.56 -0.99 38.79
C GLU B 282 -5.00 -1.02 39.29
N ALA B 283 -5.62 0.15 39.44
CA ALA B 283 -7.01 0.20 39.85
C ALA B 283 -7.92 -0.42 38.80
N PHE B 284 -7.67 -0.14 37.52
CA PHE B 284 -8.47 -0.70 36.44
C PHE B 284 -8.35 -2.22 36.41
N LYS B 285 -7.14 -2.74 36.60
CA LYS B 285 -6.95 -4.19 36.63
C LYS B 285 -7.64 -4.79 37.86
N GLN B 286 -7.57 -4.11 39.00
CA GLN B 286 -8.24 -4.59 40.20
C GLN B 286 -9.76 -4.63 40.02
N ASN B 287 -10.32 -3.62 39.37
CA ASN B 287 -11.75 -3.59 39.09
C ASN B 287 -12.13 -4.48 37.92
N ASP B 288 -11.19 -5.24 37.35
CA ASP B 288 -11.44 -6.13 36.22
C ASP B 288 -11.99 -5.38 35.02
N LYS B 289 -11.47 -4.17 34.80
CA LYS B 289 -11.80 -3.35 33.63
C LYS B 289 -10.47 -2.91 33.01
N LEU B 290 -9.91 -3.76 32.16
CA LEU B 290 -8.60 -3.49 31.54
C LEU B 290 -8.70 -3.03 30.10
N GLU B 291 -9.55 -3.67 29.28
CA GLU B 291 -9.76 -3.21 27.92
C GLU B 291 -10.47 -1.85 27.89
N LYS B 292 -11.15 -1.48 28.97
CA LYS B 292 -11.78 -0.17 29.09
C LYS B 292 -10.77 0.95 29.23
N ILE B 293 -9.48 0.64 29.44
CA ILE B 293 -8.49 1.67 29.70
C ILE B 293 -8.32 2.58 28.49
N ARG B 294 -8.63 2.09 27.29
CA ARG B 294 -8.60 2.91 26.09
C ARG B 294 -9.85 3.78 25.95
N ILE B 295 -10.80 3.62 26.86
CA ILE B 295 -11.94 4.54 26.93
C ILE B 295 -11.64 5.72 27.86
N LEU B 296 -10.71 5.57 28.80
CA LEU B 296 -10.22 6.72 29.56
C LEU B 296 -9.03 7.37 28.84
N ALA B 297 -7.94 6.62 28.70
CA ALA B 297 -6.78 7.14 28.02
C ALA B 297 -7.05 7.24 26.53
N ASP B 298 -6.40 8.22 25.89
CA ASP B 298 -6.52 8.47 24.46
C ASP B 298 -7.95 8.84 24.06
N ALA B 299 -8.86 8.92 25.01
CA ALA B 299 -10.20 9.47 24.80
C ALA B 299 -10.47 10.71 25.62
N ILE B 300 -9.84 10.85 26.80
CA ILE B 300 -9.83 12.14 27.47
C ILE B 300 -8.77 13.06 26.87
N ARG B 301 -7.96 12.56 25.94
CA ARG B 301 -6.95 13.42 25.32
C ARG B 301 -7.62 14.50 24.47
N THR B 302 -8.86 14.26 24.03
CA THR B 302 -9.58 15.19 23.18
C THR B 302 -10.00 16.46 23.91
N LEU B 303 -9.84 16.50 25.24
CA LEU B 303 -10.17 17.71 25.99
C LEU B 303 -9.26 18.88 25.64
N ARG B 304 -8.15 18.63 24.95
CA ARG B 304 -7.30 19.73 24.50
C ARG B 304 -8.00 20.62 23.49
N LEU B 305 -9.04 20.12 22.84
CA LEU B 305 -9.82 20.94 21.91
C LEU B 305 -10.88 21.77 22.63
N HIS B 306 -11.13 21.50 23.91
CA HIS B 306 -12.17 22.22 24.64
C HIS B 306 -11.60 23.40 25.41
N GLY B 307 -10.66 23.13 26.32
CA GLY B 307 -10.13 24.14 27.22
C GLY B 307 -10.34 23.74 28.67
N GLU B 308 -9.85 24.61 29.55
CA GLU B 308 -9.96 24.37 30.98
C GLU B 308 -11.36 24.68 31.51
N GLY B 309 -12.21 25.34 30.71
CA GLY B 309 -13.52 25.72 31.20
C GLY B 309 -14.40 24.53 31.53
N VAL B 310 -14.27 23.45 30.76
CA VAL B 310 -15.14 22.29 30.97
C VAL B 310 -14.87 21.64 32.33
N ILE B 311 -13.62 21.64 32.78
CA ILE B 311 -13.27 21.00 34.04
C ILE B 311 -13.41 22.00 35.18
N GLU B 312 -13.25 23.30 34.86
CA GLU B 312 -13.38 24.32 35.89
C GLU B 312 -14.83 24.55 36.31
N LYS B 313 -15.79 24.04 35.56
CA LYS B 313 -17.20 24.17 35.91
C LYS B 313 -17.91 22.83 36.03
N ASP B 314 -17.22 21.72 35.77
CA ASP B 314 -17.78 20.38 35.87
C ASP B 314 -19.06 20.24 35.03
N GLU B 315 -18.99 20.72 33.79
CA GLU B 315 -20.10 20.60 32.85
C GLU B 315 -20.04 19.32 32.04
N LEU B 316 -19.39 18.28 32.55
CA LEU B 316 -19.32 17.01 31.87
C LEU B 316 -20.71 16.36 31.84
N PRO B 317 -20.98 15.49 30.86
CA PRO B 317 -22.28 14.81 30.82
C PRO B 317 -22.36 13.76 31.93
N ASP B 318 -23.17 14.06 32.94
CA ASP B 318 -23.29 13.19 34.11
C ASP B 318 -23.96 11.88 33.72
N GLY B 319 -23.95 10.92 34.65
CA GLY B 319 -24.67 9.68 34.49
C GLY B 319 -25.89 9.62 35.36
N LYS B 320 -27.02 9.15 34.83
CA LYS B 320 -28.20 9.08 35.66
C LYS B 320 -28.36 7.68 36.26
N GLU B 321 -28.72 6.71 35.43
CA GLU B 321 -28.63 5.27 35.69
C GLU B 321 -29.44 4.82 36.90
N GLU B 322 -29.77 5.76 37.80
CA GLU B 322 -30.82 5.60 38.80
C GLU B 322 -31.38 6.95 39.21
N ARG B 323 -30.97 8.02 38.50
CA ARG B 323 -31.21 9.43 38.83
C ARG B 323 -30.53 9.85 40.14
N ASP B 324 -29.66 9.01 40.70
CA ASP B 324 -28.98 9.34 41.94
C ASP B 324 -27.47 9.48 41.76
N LYS B 325 -26.77 8.44 41.31
CA LYS B 325 -25.31 8.47 41.28
C LYS B 325 -24.73 7.79 40.02
N GLY B 326 -25.43 7.87 38.89
CA GLY B 326 -24.98 7.24 37.68
C GLY B 326 -23.59 7.67 37.25
N HIS B 327 -22.79 6.73 36.73
CA HIS B 327 -21.37 6.99 36.55
C HIS B 327 -21.10 7.76 35.26
N HIS B 328 -21.63 7.29 34.13
CA HIS B 328 -21.26 7.78 32.81
C HIS B 328 -19.76 8.04 32.70
N LEU B 329 -18.96 7.00 32.93
CA LEU B 329 -17.52 6.94 32.71
C LEU B 329 -16.73 7.63 33.82
N TRP B 330 -17.38 8.33 34.75
CA TRP B 330 -16.65 9.16 35.71
C TRP B 330 -16.90 8.75 37.16
N ASP B 331 -16.87 7.45 37.46
CA ASP B 331 -16.98 6.96 38.84
C ASP B 331 -16.21 5.64 38.92
N ILE B 332 -14.99 5.69 39.46
CA ILE B 332 -14.07 4.55 39.42
C ILE B 332 -13.54 4.32 40.84
N LYS B 333 -12.61 3.37 40.98
CA LYS B 333 -12.15 2.84 42.26
C LYS B 333 -10.63 2.95 42.39
N VAL B 334 -10.11 4.17 42.25
CA VAL B 334 -8.68 4.40 42.03
C VAL B 334 -7.97 4.63 43.37
N GLN B 335 -8.49 4.00 44.42
CA GLN B 335 -7.91 4.05 45.76
C GLN B 335 -7.96 5.46 46.33
N GLY B 336 -9.17 5.98 46.49
CA GLY B 336 -9.40 7.29 47.03
C GLY B 336 -10.86 7.68 46.82
N THR B 337 -11.09 8.87 46.29
CA THR B 337 -12.42 9.26 45.86
C THR B 337 -12.64 8.77 44.43
N ALA B 338 -13.80 9.09 43.86
CA ALA B 338 -14.11 8.65 42.50
C ALA B 338 -13.26 9.42 41.49
N LEU B 339 -13.45 9.08 40.21
CA LEU B 339 -12.78 9.76 39.11
C LEU B 339 -13.45 11.10 38.78
N ARG B 340 -14.48 11.46 39.53
CA ARG B 340 -15.07 12.79 39.45
C ARG B 340 -14.56 13.74 40.53
N THR B 341 -14.31 13.24 41.74
CA THR B 341 -13.52 13.97 42.74
C THR B 341 -12.04 13.73 42.44
N LYS B 342 -11.60 14.33 41.34
CA LYS B 342 -10.39 13.95 40.62
C LYS B 342 -9.85 15.20 39.93
N LEU B 343 -9.27 15.02 38.74
CA LEU B 343 -8.50 16.02 38.01
C LEU B 343 -9.05 17.44 38.11
N LYS B 344 -10.33 17.61 38.45
CA LYS B 344 -10.79 18.92 38.88
C LYS B 344 -9.97 19.43 40.07
N GLU B 345 -9.38 18.53 40.85
CA GLU B 345 -8.48 18.89 41.93
C GLU B 345 -7.00 18.70 41.56
N LEU B 346 -6.72 18.26 40.34
CA LEU B 346 -5.34 18.05 39.89
C LEU B 346 -4.87 19.09 38.89
N TRP B 347 -5.77 19.66 38.09
CA TRP B 347 -5.41 20.78 37.23
C TRP B 347 -4.98 21.97 38.07
N GLN B 348 -5.69 22.23 39.17
CA GLN B 348 -5.26 23.26 40.11
C GLN B 348 -3.90 22.94 40.71
N SER B 349 -3.66 21.66 41.01
CA SER B 349 -2.37 21.27 41.56
C SER B 349 -1.25 21.54 40.57
N ASN B 350 -1.47 21.22 39.28
CA ASN B 350 -0.38 21.36 38.31
C ASN B 350 -0.27 22.80 37.80
N LYS B 351 -1.25 23.25 37.02
CA LYS B 351 -1.28 24.63 36.49
C LYS B 351 0.03 25.11 35.89
N ASP B 352 0.95 24.20 35.55
CA ASP B 352 2.27 24.61 35.10
C ASP B 352 2.55 24.23 33.65
N ILE B 353 2.43 22.95 33.31
CA ILE B 353 2.67 22.52 31.94
C ILE B 353 1.61 23.09 31.00
N GLY B 354 0.38 23.19 31.49
CA GLY B 354 -0.74 23.67 30.70
C GLY B 354 -1.78 22.58 30.46
N TRP B 355 -2.96 23.03 30.05
CA TRP B 355 -4.06 22.11 29.80
C TRP B 355 -3.71 21.10 28.71
N ARG B 356 -3.21 21.60 27.58
CA ARG B 356 -2.88 20.75 26.45
C ARG B 356 -1.82 19.71 26.84
N LYS B 357 -0.72 20.17 27.42
CA LYS B 357 0.37 19.26 27.79
C LYS B 357 -0.07 18.29 28.87
N PHE B 358 -0.85 18.76 29.84
CA PHE B 358 -1.34 17.87 30.89
C PHE B 358 -2.15 16.72 30.30
N THR B 359 -3.15 17.05 29.48
CA THR B 359 -3.99 16.01 28.89
C THR B 359 -3.17 15.09 27.99
N GLU B 360 -2.32 15.65 27.14
CA GLU B 360 -1.55 14.84 26.20
C GLU B 360 -0.61 13.89 26.93
N MET B 361 0.10 14.37 27.95
CA MET B 361 1.06 13.53 28.64
C MET B 361 0.36 12.47 29.47
N LEU B 362 -0.74 12.81 30.14
CA LEU B 362 -1.51 11.80 30.85
C LEU B 362 -1.96 10.69 29.90
N GLY B 363 -2.56 11.07 28.76
CA GLY B 363 -3.03 10.07 27.82
C GLY B 363 -1.91 9.22 27.26
N SER B 364 -0.79 9.85 26.89
CA SER B 364 0.32 9.11 26.31
C SER B 364 0.91 8.12 27.32
N ASN B 365 1.08 8.56 28.58
CA ASN B 365 1.62 7.65 29.59
C ASN B 365 0.70 6.47 29.82
N LEU B 366 -0.60 6.73 29.96
CA LEU B 366 -1.53 5.63 30.20
C LEU B 366 -1.55 4.66 29.01
N TYR B 367 -1.56 5.19 27.79
CA TYR B 367 -1.58 4.34 26.61
C TYR B 367 -0.32 3.49 26.52
N LEU B 368 0.84 4.10 26.77
CA LEU B 368 2.09 3.35 26.70
C LEU B 368 2.13 2.26 27.77
N ILE B 369 1.67 2.57 28.98
CA ILE B 369 1.67 1.56 30.04
C ILE B 369 0.77 0.39 29.66
N TYR B 370 -0.43 0.68 29.16
CA TYR B 370 -1.34 -0.40 28.78
C TYR B 370 -0.78 -1.23 27.63
N LYS B 371 -0.17 -0.55 26.64
CA LYS B 371 0.41 -1.27 25.50
C LYS B 371 1.55 -2.17 25.94
N LYS B 372 2.38 -1.70 26.86
CA LYS B 372 3.43 -2.56 27.42
C LYS B 372 2.84 -3.74 28.17
N GLU B 373 1.77 -3.50 28.93
CA GLU B 373 1.14 -4.58 29.69
C GLU B 373 0.59 -5.66 28.78
N THR B 374 -0.08 -5.27 27.69
CA THR B 374 -0.69 -6.25 26.78
C THR B 374 0.25 -6.65 25.64
N GLY B 375 0.68 -5.67 24.85
CA GLY B 375 1.56 -5.95 23.73
C GLY B 375 1.27 -5.09 22.51
N ILE B 383 9.64 -10.76 11.78
CA ILE B 383 10.37 -11.98 11.45
C ILE B 383 11.51 -11.66 10.49
N LEU B 384 11.17 -11.01 9.38
CA LEU B 384 12.16 -10.61 8.37
C LEU B 384 11.67 -9.33 7.70
N GLY B 385 12.47 -8.82 6.78
CA GLY B 385 12.06 -7.73 5.91
C GLY B 385 12.22 -6.33 6.46
N ASP B 386 12.94 -6.13 7.56
CA ASP B 386 13.15 -4.78 8.07
C ASP B 386 13.99 -3.96 7.11
N THR B 387 15.14 -4.50 6.68
CA THR B 387 16.01 -3.99 5.62
C THR B 387 16.18 -2.47 5.68
N GLU B 388 16.85 -2.03 6.74
CA GLU B 388 17.36 -0.66 6.82
C GLU B 388 18.72 -0.63 6.13
N TYR B 389 18.82 0.12 5.04
CA TYR B 389 19.99 0.08 4.17
C TYR B 389 20.56 1.48 3.98
N TYR B 390 21.87 1.60 4.16
CA TYR B 390 22.60 2.84 3.90
C TYR B 390 23.45 2.66 2.64
N SER B 391 23.57 3.74 1.87
CA SER B 391 24.40 3.71 0.67
C SER B 391 25.87 3.60 1.05
N LYS B 392 26.57 2.65 0.42
CA LYS B 392 27.97 2.42 0.73
C LYS B 392 28.87 3.30 -0.11
N ALA B 393 30.10 3.46 0.35
CA ALA B 393 31.14 4.18 -0.39
C ALA B 393 32.08 3.17 -1.03
N HIS B 394 32.16 3.19 -2.35
CA HIS B 394 32.93 2.21 -3.09
C HIS B 394 34.42 2.53 -3.02
N ASP B 395 35.24 1.51 -3.28
CA ASP B 395 36.69 1.67 -3.31
C ASP B 395 37.26 0.57 -4.20
N SER B 396 37.72 0.94 -5.39
CA SER B 396 38.31 -0.02 -6.31
C SER B 396 39.22 0.73 -7.28
N GLU B 397 40.17 -0.01 -7.84
CA GLU B 397 41.11 0.55 -8.79
C GLU B 397 40.43 0.81 -10.12
N GLY B 398 40.79 1.92 -10.76
CA GLY B 398 40.20 2.27 -12.03
C GLY B 398 38.74 2.67 -11.96
N SER B 399 38.25 3.02 -10.78
CA SER B 399 36.86 3.44 -10.59
C SER B 399 36.74 4.95 -10.40
N ASP B 400 37.81 5.69 -10.61
CA ASP B 400 37.80 7.14 -10.50
C ASP B 400 38.21 7.76 -11.84
N LEU B 401 37.39 8.69 -12.32
CA LEU B 401 37.59 9.28 -13.64
C LEU B 401 37.41 10.78 -13.53
N PHE B 402 38.00 11.50 -14.49
CA PHE B 402 37.86 12.94 -14.61
C PHE B 402 37.10 13.24 -15.89
N ILE B 403 35.88 13.74 -15.76
CA ILE B 403 35.02 14.01 -16.91
C ILE B 403 34.77 15.51 -17.02
N PRO B 404 35.41 16.20 -17.98
CA PRO B 404 35.15 17.63 -18.18
C PRO B 404 34.03 17.88 -19.17
N VAL B 405 33.27 18.93 -18.91
CA VAL B 405 32.18 19.37 -19.79
C VAL B 405 32.44 20.81 -20.20
N THR B 406 32.36 21.08 -21.50
CA THR B 406 32.63 22.40 -22.05
C THR B 406 31.38 22.97 -22.69
N PRO B 407 30.66 23.87 -22.02
CA PRO B 407 29.45 24.43 -22.62
C PRO B 407 29.78 25.28 -23.83
N PRO B 408 28.84 25.43 -24.77
CA PRO B 408 29.10 26.24 -25.96
C PRO B 408 29.27 27.71 -25.60
N GLU B 409 30.10 28.40 -26.38
CA GLU B 409 30.38 29.81 -26.16
C GLU B 409 29.27 30.65 -26.79
N GLY B 410 28.73 31.58 -26.01
CA GLY B 410 27.63 32.42 -26.46
C GLY B 410 26.28 32.03 -25.91
N ILE B 411 26.17 30.89 -25.24
CA ILE B 411 24.90 30.51 -24.64
C ILE B 411 24.60 31.40 -23.43
N GLU B 412 23.33 31.46 -23.06
CA GLU B 412 22.87 32.30 -21.96
C GLU B 412 22.24 31.45 -20.88
N THR B 413 22.39 31.89 -19.63
CA THR B 413 21.86 31.20 -18.47
C THR B 413 20.92 32.12 -17.72
N LYS B 414 19.85 31.56 -17.17
CA LYS B 414 18.85 32.34 -16.44
C LYS B 414 18.54 31.72 -15.09
N GLU B 415 17.53 32.26 -14.40
CA GLU B 415 17.14 31.78 -13.09
C GLU B 415 15.69 32.18 -12.87
N TRP B 416 14.80 31.19 -12.75
CA TRP B 416 13.38 31.43 -12.62
C TRP B 416 12.92 31.08 -11.20
N ILE B 417 11.99 31.89 -10.69
CA ILE B 417 11.42 31.70 -9.35
C ILE B 417 9.92 31.61 -9.48
N ILE B 418 9.32 30.65 -8.78
CA ILE B 418 7.88 30.46 -8.74
C ILE B 418 7.43 30.58 -7.29
N VAL B 419 6.43 31.43 -7.05
CA VAL B 419 5.88 31.63 -5.71
C VAL B 419 4.38 31.43 -5.75
N GLY B 420 3.81 31.07 -4.60
CA GLY B 420 2.39 30.83 -4.51
C GLY B 420 2.02 30.27 -3.15
N ARG B 421 0.81 29.71 -3.08
CA ARG B 421 0.33 29.08 -1.85
C ARG B 421 -0.31 27.75 -2.20
N LEU B 422 -0.26 26.82 -1.25
CA LEU B 422 -0.85 25.50 -1.39
C LEU B 422 -2.04 25.40 -0.45
N LYS B 423 -3.21 25.10 -1.01
CA LYS B 423 -4.45 25.01 -0.25
C LYS B 423 -4.90 23.56 -0.16
N ALA B 424 -5.27 23.14 1.04
CA ALA B 424 -5.71 21.78 1.29
C ALA B 424 -7.20 21.67 1.02
N ALA B 425 -7.57 20.86 0.03
CA ALA B 425 -8.96 20.60 -0.29
C ALA B 425 -9.53 19.41 0.46
N THR B 426 -8.71 18.70 1.23
CA THR B 426 -9.11 17.49 1.93
C THR B 426 -8.19 17.36 3.14
N PRO B 427 -8.62 16.68 4.20
CA PRO B 427 -7.71 16.45 5.34
C PRO B 427 -6.44 15.74 4.90
N PHE B 428 -5.32 16.17 5.47
CA PHE B 428 -4.00 15.70 5.09
C PHE B 428 -3.36 14.93 6.24
N TYR B 429 -2.22 14.30 5.94
CA TYR B 429 -1.51 13.48 6.93
C TYR B 429 -0.07 13.28 6.47
N PHE B 430 0.87 13.76 7.29
CA PHE B 430 2.28 13.44 7.13
C PHE B 430 2.72 12.64 8.34
N GLY B 431 3.28 11.45 8.09
CA GLY B 431 3.53 10.49 9.15
C GLY B 431 4.89 10.62 9.80
N VAL B 432 4.92 10.29 11.10
CA VAL B 432 6.15 10.20 11.88
C VAL B 432 6.07 8.94 12.75
N GLN B 433 7.08 8.75 13.58
CA GLN B 433 7.14 7.62 14.50
C GLN B 433 6.93 8.09 15.93
N GLN B 434 6.81 7.12 16.83
CA GLN B 434 6.48 7.42 18.22
C GLN B 434 7.57 8.29 18.85
N PRO B 435 7.21 9.32 19.61
CA PRO B 435 8.23 10.22 20.18
C PRO B 435 9.18 9.54 21.15
N SER B 436 8.79 8.41 21.74
CA SER B 436 9.68 7.68 22.64
C SER B 436 10.88 7.09 21.92
N ASP B 437 10.79 6.89 20.60
CA ASP B 437 11.87 6.32 19.81
C ASP B 437 12.61 7.36 18.98
N SER B 438 12.34 8.64 19.18
CA SER B 438 12.93 9.71 18.38
C SER B 438 13.86 10.60 19.19
N ILE B 439 14.51 10.04 20.21
CA ILE B 439 15.43 10.80 21.05
C ILE B 439 16.80 10.80 20.37
N PRO B 440 17.33 11.97 19.99
CA PRO B 440 18.62 11.99 19.30
C PRO B 440 19.78 11.70 20.23
N GLY B 441 20.40 10.53 20.07
CA GLY B 441 21.55 10.16 20.89
C GLY B 441 21.44 8.76 21.45
N LYS B 442 20.22 8.23 21.50
CA LYS B 442 19.96 6.90 22.03
C LYS B 442 19.21 6.08 20.99
N GLU B 443 18.82 4.88 21.37
CA GLU B 443 18.09 4.00 20.46
C GLU B 443 16.80 3.50 21.10
N SER B 449 18.43 -9.42 19.94
CA SER B 449 17.35 -10.14 20.60
C SER B 449 16.07 -9.31 20.63
N LEU B 450 15.46 -9.12 19.46
CA LEU B 450 14.24 -8.35 19.35
C LEU B 450 13.56 -8.68 18.03
N VAL B 451 12.22 -8.71 18.05
CA VAL B 451 11.43 -8.97 16.86
C VAL B 451 10.41 -7.86 16.69
N ILE B 452 9.53 -8.00 15.69
CA ILE B 452 8.64 -6.91 15.31
C ILE B 452 7.59 -6.68 16.38
N ASN B 453 7.36 -5.42 16.72
CA ASN B 453 6.29 -5.00 17.62
C ASN B 453 6.02 -3.53 17.37
N GLU B 454 4.84 -3.20 16.86
CA GLU B 454 4.55 -1.87 16.37
C GLU B 454 3.35 -1.28 17.11
N HIS B 455 3.31 0.05 17.17
CA HIS B 455 2.25 0.77 17.86
C HIS B 455 1.04 0.95 16.93
N THR B 456 0.06 1.73 17.42
CA THR B 456 -1.18 1.96 16.66
C THR B 456 -1.65 3.40 16.74
N SER B 457 -0.81 4.34 17.17
CA SER B 457 -1.26 5.70 17.40
C SER B 457 -1.22 6.57 16.14
N PHE B 458 -0.18 6.41 15.31
CA PHE B 458 -0.08 7.09 14.01
C PHE B 458 -0.12 8.62 14.18
N ASN B 459 0.96 9.12 14.79
CA ASN B 459 1.09 10.55 15.03
C ASN B 459 1.26 11.32 13.72
N ILE B 460 1.37 12.65 13.84
CA ILE B 460 1.54 13.54 12.71
C ILE B 460 2.74 14.44 12.97
N LEU B 461 3.29 14.99 11.88
CA LEU B 461 4.52 15.78 11.95
C LEU B 461 4.20 17.23 12.30
N LEU B 462 4.83 17.74 13.37
CA LEU B 462 4.73 19.13 13.78
C LEU B 462 6.12 19.63 14.17
N ASP B 463 6.23 20.93 14.38
CA ASP B 463 7.47 21.54 14.80
C ASP B 463 7.44 21.82 16.30
N LYS B 464 8.45 22.54 16.80
CA LYS B 464 8.57 22.78 18.23
C LYS B 464 7.50 23.72 18.76
N GLU B 465 6.85 24.50 17.90
CA GLU B 465 5.80 25.42 18.31
C GLU B 465 4.41 24.87 18.03
N ASN B 466 4.30 23.59 17.70
CA ASN B 466 3.02 22.92 17.46
C ASN B 466 2.28 23.53 16.26
N ARG B 467 3.02 23.79 15.19
CA ARG B 467 2.46 24.22 13.92
C ARG B 467 2.60 23.10 12.89
N TYR B 468 1.78 23.16 11.86
CA TYR B 468 1.79 22.14 10.82
C TYR B 468 2.92 22.40 9.84
N ARG B 469 3.53 21.32 9.35
CA ARG B 469 4.74 21.38 8.53
C ARG B 469 4.60 20.51 7.30
N ILE B 470 5.19 20.97 6.19
CA ILE B 470 5.32 20.16 4.99
C ILE B 470 6.81 19.98 4.70
N PRO B 471 7.37 18.80 4.93
CA PRO B 471 8.81 18.61 4.74
C PRO B 471 9.22 18.69 3.28
N ARG B 472 10.47 19.09 3.07
CA ARG B 472 10.99 19.21 1.71
C ARG B 472 11.12 17.86 1.02
N SER B 473 11.37 16.79 1.79
CA SER B 473 11.55 15.47 1.19
C SER B 473 10.28 14.97 0.52
N ALA B 474 9.13 15.16 1.16
CA ALA B 474 7.87 14.71 0.57
C ALA B 474 7.55 15.47 -0.71
N LEU B 475 7.75 16.79 -0.70
CA LEU B 475 7.51 17.59 -1.90
C LEU B 475 8.46 17.17 -3.02
N ARG B 476 9.72 16.94 -2.71
CA ARG B 476 10.67 16.51 -3.72
C ARG B 476 10.29 15.15 -4.32
N GLY B 477 9.86 14.22 -3.46
CA GLY B 477 9.45 12.92 -3.96
C GLY B 477 8.23 12.99 -4.86
N ALA B 478 7.23 13.77 -4.46
CA ALA B 478 6.04 13.93 -5.30
C ALA B 478 6.40 14.58 -6.63
N LEU B 479 7.25 15.60 -6.61
CA LEU B 479 7.66 16.25 -7.84
C LEU B 479 8.40 15.30 -8.76
N ARG B 480 9.30 14.47 -8.21
CA ARG B 480 10.02 13.52 -9.03
C ARG B 480 9.08 12.49 -9.65
N ARG B 481 8.12 11.99 -8.87
CA ARG B 481 7.17 11.02 -9.41
C ARG B 481 6.35 11.62 -10.54
N ASP B 482 5.86 12.85 -10.35
CA ASP B 482 5.06 13.48 -11.39
C ASP B 482 5.89 13.78 -12.63
N LEU B 483 7.15 14.18 -12.44
CA LEU B 483 8.03 14.42 -13.59
C LEU B 483 8.25 13.15 -14.39
N ARG B 484 8.50 12.03 -13.70
CA ARG B 484 8.69 10.77 -14.41
C ARG B 484 7.42 10.36 -15.14
N THR B 485 6.26 10.58 -14.53
CA THR B 485 5.00 10.28 -15.22
C THR B 485 4.84 11.12 -16.47
N ALA B 486 5.14 12.43 -16.38
CA ALA B 486 4.95 13.31 -17.52
C ALA B 486 5.95 13.05 -18.64
N PHE B 487 7.18 12.68 -18.28
CA PHE B 487 8.18 12.38 -19.31
C PHE B 487 7.84 11.12 -20.09
N GLY B 488 7.34 10.09 -19.39
CA GLY B 488 7.05 8.81 -19.99
C GLY B 488 8.08 7.73 -19.73
N SER B 489 9.27 8.10 -19.26
CA SER B 489 10.30 7.12 -18.96
C SER B 489 11.19 7.68 -17.85
N GLY B 490 11.86 6.76 -17.14
CA GLY B 490 12.70 7.15 -16.05
C GLY B 490 13.52 5.98 -15.54
N CYS B 491 14.12 6.17 -14.37
CA CYS B 491 14.97 5.15 -13.77
C CYS B 491 14.64 5.02 -12.29
N ASN B 492 14.90 3.83 -11.76
CA ASN B 492 14.82 3.59 -10.32
C ASN B 492 16.14 4.01 -9.68
N VAL B 493 16.06 4.82 -8.62
CA VAL B 493 17.24 5.45 -8.07
C VAL B 493 18.17 4.41 -7.47
N SER B 494 19.44 4.48 -7.84
CA SER B 494 20.49 3.62 -7.29
C SER B 494 21.37 4.42 -6.33
N LEU B 495 21.88 3.73 -5.31
CA LEU B 495 22.60 4.39 -4.23
C LEU B 495 24.11 4.19 -4.28
N GLY B 496 24.61 3.25 -5.07
CA GLY B 496 26.04 3.10 -5.20
C GLY B 496 26.67 4.31 -5.85
N GLY B 497 26.36 4.52 -7.12
CA GLY B 497 26.73 5.75 -7.80
C GLY B 497 28.20 5.99 -8.02
N GLN B 498 28.84 5.15 -8.83
CA GLN B 498 30.20 5.48 -9.29
C GLN B 498 30.18 6.53 -10.38
N ILE B 499 29.16 6.51 -11.24
CA ILE B 499 28.92 7.55 -12.23
C ILE B 499 27.45 7.94 -12.16
N LEU B 500 27.17 9.24 -12.21
CA LEU B 500 25.81 9.70 -12.05
C LEU B 500 24.96 9.36 -13.27
N CYS B 501 23.68 9.11 -13.02
CA CYS B 501 22.76 8.71 -14.08
C CYS B 501 22.54 9.84 -15.08
N ASN B 502 22.27 9.44 -16.32
CA ASN B 502 22.08 10.39 -17.42
C ASN B 502 20.72 10.22 -18.08
N CYS B 503 19.70 9.86 -17.31
CA CYS B 503 18.36 9.70 -17.85
C CYS B 503 17.66 11.07 -17.94
N LYS B 504 16.42 11.05 -18.42
CA LYS B 504 15.71 12.29 -18.66
C LYS B 504 15.29 12.98 -17.36
N VAL B 505 15.05 12.22 -16.30
CA VAL B 505 14.50 12.79 -15.08
C VAL B 505 15.61 13.35 -14.19
N CYS B 506 16.73 12.64 -14.07
CA CYS B 506 17.80 13.08 -13.19
C CYS B 506 18.42 14.39 -13.67
N ILE B 507 18.52 14.57 -14.98
CA ILE B 507 19.12 15.77 -15.54
C ILE B 507 18.33 17.00 -15.12
N GLU B 508 17.00 16.91 -15.17
CA GLU B 508 16.17 18.03 -14.75
C GLU B 508 16.14 18.16 -13.22
N MET B 509 16.14 17.04 -12.51
CA MET B 509 16.07 17.09 -11.06
C MET B 509 17.34 17.65 -10.43
N ARG B 510 18.46 17.63 -11.15
CA ARG B 510 19.68 18.23 -10.62
C ARG B 510 19.67 19.75 -10.67
N ARG B 511 18.60 20.38 -11.15
CA ARG B 511 18.53 21.84 -11.25
C ARG B 511 17.37 22.43 -10.45
N ILE B 512 16.67 21.64 -9.65
CA ILE B 512 15.45 22.06 -8.97
C ILE B 512 15.73 22.22 -7.49
N THR B 513 15.33 23.35 -6.92
CA THR B 513 15.50 23.65 -5.50
C THR B 513 14.16 24.03 -4.90
N LEU B 514 13.93 23.57 -3.66
CA LEU B 514 12.67 23.82 -2.98
C LEU B 514 12.90 24.46 -1.61
N LYS B 515 11.85 24.55 -0.79
CA LYS B 515 11.99 25.10 0.54
C LYS B 515 11.01 24.41 1.49
N ASP B 516 11.33 24.45 2.77
CA ASP B 516 10.44 23.91 3.80
C ASP B 516 9.34 24.92 4.13
N SER B 517 8.13 24.40 4.35
CA SER B 517 6.95 25.23 4.51
C SER B 517 6.31 24.98 5.88
N VAL B 518 5.91 26.07 6.54
CA VAL B 518 5.21 26.01 7.82
C VAL B 518 3.99 26.92 7.73
N SER B 519 2.99 26.62 8.55
CA SER B 519 1.73 27.34 8.52
C SER B 519 1.68 28.36 9.67
N ASP B 520 0.52 28.99 9.84
CA ASP B 520 0.28 29.95 10.91
C ASP B 520 -0.81 29.46 11.87
N PHE B 521 -1.15 28.18 11.82
CA PHE B 521 -2.20 27.60 12.63
C PHE B 521 -1.57 26.63 13.62
N SER B 522 -1.93 26.76 14.89
CA SER B 522 -1.29 26.04 15.98
C SER B 522 -2.32 25.44 16.93
N GLU B 523 -3.33 24.77 16.37
CA GLU B 523 -4.38 24.18 17.20
C GLU B 523 -4.35 22.66 17.08
N PRO B 524 -4.82 21.93 18.11
CA PRO B 524 -4.66 20.49 18.12
C PRO B 524 -5.46 19.85 16.99
N PRO B 525 -4.98 18.72 16.45
CA PRO B 525 -5.71 18.03 15.38
C PRO B 525 -6.77 17.09 15.94
N GLU B 526 -7.59 16.57 15.03
CA GLU B 526 -8.64 15.63 15.36
C GLU B 526 -8.15 14.20 15.15
N ILE B 527 -9.01 13.23 15.47
CA ILE B 527 -8.65 11.82 15.42
C ILE B 527 -9.71 11.06 14.62
N ARG B 528 -9.25 10.24 13.68
CA ARG B 528 -10.11 9.39 12.88
C ARG B 528 -9.98 7.94 13.36
N TYR B 529 -11.12 7.29 13.55
CA TYR B 529 -11.15 5.90 13.96
C TYR B 529 -11.43 4.99 12.77
N ARG B 530 -10.99 3.73 12.88
CA ARG B 530 -11.09 2.81 11.77
C ARG B 530 -11.14 1.38 12.29
N ILE B 531 -11.99 0.56 11.69
CA ILE B 531 -12.14 -0.85 12.04
C ILE B 531 -12.22 -1.67 10.76
N ALA B 532 -12.32 -2.99 10.92
CA ALA B 532 -12.51 -3.91 9.82
C ALA B 532 -13.57 -4.93 10.20
N LYS B 533 -14.22 -5.50 9.18
CA LYS B 533 -15.36 -6.39 9.37
C LYS B 533 -15.01 -7.81 8.96
N ASN B 534 -15.50 -8.77 9.73
CA ASN B 534 -15.34 -10.18 9.40
C ASN B 534 -16.33 -10.56 8.31
N PRO B 535 -15.89 -11.05 7.15
CA PRO B 535 -16.83 -11.42 6.09
C PRO B 535 -17.76 -12.58 6.45
N GLY B 536 -17.41 -13.39 7.45
CA GLY B 536 -18.23 -14.53 7.80
C GLY B 536 -19.48 -14.19 8.59
N THR B 537 -19.31 -13.60 9.77
CA THR B 537 -20.42 -13.24 10.63
C THR B 537 -20.87 -11.79 10.46
N ALA B 538 -20.24 -11.04 9.54
CA ALA B 538 -20.59 -9.65 9.26
C ALA B 538 -20.53 -8.79 10.52
N THR B 539 -19.54 -9.04 11.38
CA THR B 539 -19.37 -8.27 12.61
C THR B 539 -17.92 -7.83 12.73
N VAL B 540 -17.58 -7.12 13.80
CA VAL B 540 -16.21 -6.64 13.99
C VAL B 540 -15.28 -7.81 14.23
N GLU B 541 -14.18 -7.86 13.50
CA GLU B 541 -13.20 -8.93 13.63
C GLU B 541 -12.26 -8.67 14.79
N ASP B 542 -11.42 -9.67 15.08
CA ASP B 542 -10.49 -9.59 16.20
C ASP B 542 -9.25 -8.81 15.80
N GLY B 543 -8.76 -7.97 16.71
CA GLY B 543 -7.56 -7.19 16.45
C GLY B 543 -7.70 -6.21 15.30
N SER B 544 -8.77 -5.43 15.29
CA SER B 544 -9.12 -4.60 14.14
C SER B 544 -9.52 -3.19 14.56
N LEU B 545 -8.70 -2.54 15.39
CA LEU B 545 -8.98 -1.17 15.79
C LEU B 545 -7.69 -0.35 15.79
N PHE B 546 -7.78 0.86 15.25
CA PHE B 546 -6.65 1.79 15.22
C PHE B 546 -7.18 3.18 14.92
N ASP B 547 -6.32 4.18 15.11
CA ASP B 547 -6.71 5.57 14.96
C ASP B 547 -5.57 6.38 14.38
N ILE B 548 -5.93 7.45 13.66
CA ILE B 548 -4.98 8.33 13.00
C ILE B 548 -5.33 9.78 13.34
N GLU B 549 -4.33 10.65 13.25
CA GLU B 549 -4.50 12.08 13.48
C GLU B 549 -4.38 12.81 12.16
N VAL B 550 -5.36 13.67 11.86
CA VAL B 550 -5.41 14.42 10.60
C VAL B 550 -5.61 15.89 10.90
N GLY B 551 -5.24 16.72 9.93
CA GLY B 551 -5.38 18.15 10.05
C GLY B 551 -6.63 18.67 9.38
N PRO B 552 -6.92 19.96 9.56
CA PRO B 552 -8.12 20.54 8.95
C PRO B 552 -7.95 20.80 7.47
N GLU B 553 -9.08 21.00 6.80
CA GLU B 553 -9.11 21.33 5.39
C GLU B 553 -9.37 22.82 5.20
N GLY B 554 -8.58 23.44 4.32
CA GLY B 554 -8.65 24.87 4.09
C GLY B 554 -7.42 25.64 4.52
N LEU B 555 -6.41 24.98 5.07
CA LEU B 555 -5.18 25.65 5.45
C LEU B 555 -4.35 25.97 4.22
N THR B 556 -3.47 26.98 4.38
CA THR B 556 -2.61 27.43 3.31
C THR B 556 -1.16 27.42 3.77
N PHE B 557 -0.26 27.01 2.87
CA PHE B 557 1.17 26.93 3.12
C PHE B 557 1.92 27.69 2.05
N PRO B 558 3.07 28.27 2.39
CA PRO B 558 3.90 28.93 1.37
C PRO B 558 4.49 27.92 0.40
N PHE B 559 4.75 28.39 -0.82
CA PHE B 559 5.31 27.56 -1.87
C PHE B 559 6.43 28.31 -2.58
N VAL B 560 7.59 27.67 -2.70
CA VAL B 560 8.74 28.24 -3.40
C VAL B 560 9.34 27.17 -4.29
N LEU B 561 9.71 27.56 -5.51
CA LEU B 561 10.40 26.67 -6.43
C LEU B 561 11.35 27.48 -7.28
N ARG B 562 12.57 26.96 -7.48
CA ARG B 562 13.59 27.63 -8.26
C ARG B 562 14.20 26.67 -9.26
N TYR B 563 14.41 27.16 -10.49
CA TYR B 563 15.01 26.39 -11.56
C TYR B 563 16.11 27.22 -12.20
N ARG B 564 17.26 26.58 -12.46
CA ARG B 564 18.40 27.25 -13.08
C ARG B 564 18.83 26.46 -14.30
N GLY B 565 19.02 27.15 -15.42
CA GLY B 565 19.40 26.47 -16.65
C GLY B 565 19.34 27.43 -17.82
N HIS B 566 19.27 26.84 -19.02
CA HIS B 566 19.23 27.61 -20.26
C HIS B 566 17.82 27.81 -20.78
N LYS B 567 16.98 26.78 -20.76
CA LYS B 567 15.62 26.84 -21.28
C LYS B 567 14.66 26.23 -20.27
N PHE B 568 13.53 26.88 -20.06
CA PHE B 568 12.51 26.36 -19.15
C PHE B 568 11.80 25.19 -19.80
N PRO B 569 11.75 24.01 -19.17
CA PRO B 569 11.17 22.84 -19.82
C PRO B 569 9.66 22.95 -19.93
N GLU B 570 9.10 22.12 -20.81
CA GLU B 570 7.66 22.03 -20.98
C GLU B 570 7.01 21.01 -20.07
N GLN B 571 7.75 19.97 -19.66
CA GLN B 571 7.21 19.02 -18.70
C GLN B 571 6.98 19.66 -17.33
N LEU B 572 7.89 20.55 -16.92
CA LEU B 572 7.70 21.27 -15.66
C LEU B 572 6.47 22.17 -15.74
N SER B 573 6.27 22.85 -16.87
CA SER B 573 5.06 23.66 -17.05
C SER B 573 3.82 22.79 -17.02
N SER B 574 3.88 21.60 -17.63
CA SER B 574 2.75 20.68 -17.57
C SER B 574 2.45 20.27 -16.14
N VAL B 575 3.48 19.98 -15.34
CA VAL B 575 3.26 19.59 -13.96
C VAL B 575 2.64 20.74 -13.17
N ILE B 576 3.14 21.97 -13.37
CA ILE B 576 2.60 23.12 -12.66
C ILE B 576 1.14 23.35 -13.04
N ARG B 577 0.82 23.24 -14.32
CA ARG B 577 -0.57 23.41 -14.74
C ARG B 577 -1.47 22.29 -14.20
N TYR B 578 -0.94 21.07 -14.11
CA TYR B 578 -1.69 19.98 -13.50
C TYR B 578 -1.97 20.26 -12.03
N TRP B 579 -1.00 20.85 -11.32
CA TRP B 579 -1.18 21.13 -9.90
C TRP B 579 -2.10 22.31 -9.64
N GLU B 580 -2.19 23.26 -10.57
CA GLU B 580 -3.01 24.45 -10.38
C GLU B 580 -4.49 24.12 -10.54
N GLU B 581 -5.33 24.97 -9.95
CA GLU B 581 -6.78 24.88 -10.09
C GLU B 581 -7.35 26.24 -10.45
N ASN B 582 -8.25 26.26 -11.43
CA ASN B 582 -8.87 27.50 -11.87
C ASN B 582 -10.07 27.25 -12.80
N ASP B 583 -11.15 27.99 -12.59
CA ASP B 583 -12.31 28.02 -13.48
C ASP B 583 -12.85 26.60 -13.74
N GLY B 584 -13.33 25.98 -12.66
CA GLY B 584 -13.92 24.67 -12.73
C GLY B 584 -12.95 23.52 -12.78
N LYS B 585 -11.65 23.79 -12.71
CA LYS B 585 -10.63 22.75 -12.69
C LYS B 585 -10.20 22.48 -11.25
N ASN B 586 -9.87 21.23 -10.97
CA ASN B 586 -9.45 20.82 -9.64
C ASN B 586 -7.94 20.63 -9.60
N GLY B 587 -7.32 21.04 -8.52
CA GLY B 587 -5.91 20.76 -8.32
C GLY B 587 -5.67 19.28 -8.14
N MET B 588 -4.56 18.80 -8.69
CA MET B 588 -4.26 17.37 -8.67
C MET B 588 -2.89 17.10 -8.07
N ALA B 589 -2.61 17.68 -6.91
CA ALA B 589 -1.39 17.45 -6.18
C ALA B 589 -1.67 16.49 -5.02
N TRP B 590 -1.04 15.32 -5.05
CA TRP B 590 -1.17 14.33 -3.98
C TRP B 590 0.11 14.36 -3.16
N LEU B 591 -0.02 14.60 -1.86
CA LEU B 591 1.12 14.67 -0.96
C LEU B 591 0.86 13.80 0.26
N GLY B 592 1.93 13.24 0.81
CA GLY B 592 1.84 12.43 2.00
C GLY B 592 1.28 11.04 1.73
N GLY B 593 0.89 10.38 2.81
CA GLY B 593 0.37 9.04 2.75
C GLY B 593 -1.15 8.99 2.78
N LEU B 594 -1.66 7.75 2.82
CA LEU B 594 -3.10 7.47 2.86
C LEU B 594 -3.82 8.11 1.66
N ASP B 595 -3.25 7.94 0.48
CA ASP B 595 -3.86 8.46 -0.73
C ASP B 595 -5.06 7.63 -1.17
N SER B 596 -5.19 6.39 -0.66
CA SER B 596 -6.28 5.53 -1.09
C SER B 596 -7.62 5.98 -0.51
N THR B 597 -7.61 6.56 0.68
CA THR B 597 -8.82 7.10 1.30
C THR B 597 -9.01 8.57 1.01
N GLY B 598 -8.31 9.11 0.03
CA GLY B 598 -8.51 10.49 -0.38
C GLY B 598 -7.94 11.53 0.56
N LYS B 599 -6.82 11.23 1.22
CA LYS B 599 -6.22 12.16 2.16
C LYS B 599 -5.07 12.89 1.49
N GLY B 600 -5.14 14.22 1.45
CA GLY B 600 -4.02 15.03 1.02
C GLY B 600 -4.01 15.40 -0.44
N ARG B 601 -5.12 15.93 -0.95
CA ARG B 601 -5.16 16.48 -2.31
C ARG B 601 -5.10 18.00 -2.17
N PHE B 602 -4.01 18.60 -2.64
CA PHE B 602 -3.76 20.02 -2.50
C PHE B 602 -4.05 20.75 -3.80
N ALA B 603 -3.99 22.08 -3.74
CA ALA B 603 -4.23 22.91 -4.90
C ALA B 603 -3.32 24.13 -4.83
N LEU B 604 -2.88 24.59 -6.00
CA LEU B 604 -1.91 25.67 -6.12
C LEU B 604 -2.58 26.91 -6.69
N LYS B 605 -2.42 28.04 -6.01
CA LYS B 605 -3.07 29.28 -6.40
C LYS B 605 -2.12 30.45 -6.15
N ASP B 606 -2.52 31.62 -6.67
CA ASP B 606 -1.76 32.86 -6.54
C ASP B 606 -0.36 32.72 -7.12
N ILE B 607 -0.25 32.06 -8.27
CA ILE B 607 1.04 31.77 -8.86
C ILE B 607 1.63 33.04 -9.47
N LYS B 608 2.88 33.32 -9.12
CA LYS B 608 3.66 34.38 -9.75
C LYS B 608 5.01 33.80 -10.18
N ILE B 609 5.47 34.21 -11.37
CA ILE B 609 6.72 33.70 -11.92
C ILE B 609 7.59 34.88 -12.33
N PHE B 610 8.84 34.87 -11.89
CA PHE B 610 9.81 35.91 -12.21
C PHE B 610 11.03 35.27 -12.88
N GLU B 611 12.04 36.09 -13.14
CA GLU B 611 13.20 35.61 -13.90
C GLU B 611 14.39 36.51 -13.67
N TRP B 612 15.54 35.92 -13.36
CA TRP B 612 16.82 36.61 -13.31
C TRP B 612 17.55 36.44 -14.64
N ASP B 613 18.65 37.20 -14.78
CA ASP B 613 19.53 37.09 -15.94
C ASP B 613 20.96 37.04 -15.39
N LEU B 614 21.60 35.89 -15.51
CA LEU B 614 22.90 35.64 -14.88
C LEU B 614 24.08 35.99 -15.77
N ASN B 615 23.84 36.64 -16.92
CA ASN B 615 24.92 37.06 -17.80
C ASN B 615 25.18 38.56 -17.77
N GLN B 616 24.22 39.36 -17.29
CA GLN B 616 24.43 40.79 -17.13
C GLN B 616 23.92 41.32 -15.79
N LYS B 617 23.18 40.54 -15.02
CA LYS B 617 22.66 40.98 -13.73
C LYS B 617 23.16 40.08 -12.61
N ILE B 618 24.45 39.76 -12.61
CA ILE B 618 25.01 38.89 -11.58
C ILE B 618 25.43 39.69 -10.34
N ASN B 619 25.85 40.95 -10.52
CA ASN B 619 26.17 41.78 -9.36
C ASN B 619 24.93 42.04 -8.51
N GLU B 620 23.79 42.30 -9.16
CA GLU B 620 22.54 42.49 -8.42
C GLU B 620 22.11 41.21 -7.72
N TYR B 621 22.30 40.06 -8.37
CA TYR B 621 21.97 38.79 -7.73
C TYR B 621 22.83 38.55 -6.50
N ILE B 622 24.13 38.87 -6.60
CA ILE B 622 25.01 38.71 -5.44
C ILE B 622 24.61 39.68 -4.33
N LYS B 623 24.31 40.93 -4.68
CA LYS B 623 24.01 41.94 -3.67
C LYS B 623 22.72 41.62 -2.92
N GLU B 624 21.69 41.13 -3.64
CA GLU B 624 20.41 40.82 -3.03
C GLU B 624 20.34 39.43 -2.44
N ARG B 625 21.39 38.63 -2.59
CA ARG B 625 21.44 37.26 -2.06
C ARG B 625 20.34 36.38 -2.63
N GLY B 626 19.86 36.72 -3.83
CA GLY B 626 18.83 35.92 -4.48
C GLY B 626 17.52 35.83 -3.73
N MET B 627 17.22 36.81 -2.87
CA MET B 627 16.01 36.82 -2.06
C MET B 627 15.85 35.53 -1.25
N ARG B 628 16.94 35.07 -0.66
CA ARG B 628 16.91 33.86 0.17
C ARG B 628 16.43 34.24 1.56
N GLY B 629 15.25 33.77 1.92
CA GLY B 629 14.67 34.07 3.21
C GLY B 629 13.71 35.24 3.25
N LYS B 630 13.40 35.83 2.09
CA LYS B 630 12.49 36.98 1.99
C LYS B 630 11.48 36.76 0.87
N GLU B 631 10.87 35.58 0.85
CA GLU B 631 9.96 35.21 -0.23
C GLU B 631 8.53 35.68 0.00
N LYS B 632 8.09 35.79 1.25
CA LYS B 632 6.74 36.28 1.52
C LYS B 632 6.60 37.75 1.11
N GLU B 633 7.66 38.54 1.27
CA GLU B 633 7.62 39.92 0.79
C GLU B 633 7.42 39.96 -0.72
N LEU B 634 8.12 39.10 -1.46
CA LEU B 634 7.91 39.02 -2.90
C LEU B 634 6.50 38.55 -3.24
N LEU B 635 5.94 37.64 -2.43
CA LEU B 635 4.56 37.22 -2.66
C LEU B 635 3.58 38.35 -2.42
N GLU B 636 3.92 39.29 -1.54
CA GLU B 636 3.01 40.40 -1.25
C GLU B 636 3.63 41.75 -1.61
N MET B 637 4.22 41.86 -2.79
CA MET B 637 4.89 43.07 -3.23
C MET B 637 4.32 43.53 -4.57
N GLY B 638 4.26 44.84 -4.76
CA GLY B 638 3.83 45.40 -6.03
C GLY B 638 4.90 45.28 -7.10
N GLU B 639 4.48 45.56 -8.33
CA GLU B 639 5.40 45.44 -9.46
C GLU B 639 6.48 46.51 -9.40
N SER B 640 6.14 47.73 -9.01
CA SER B 640 7.10 48.82 -9.01
C SER B 640 8.16 48.69 -7.92
N SER B 641 7.91 47.89 -6.89
CA SER B 641 8.82 47.76 -5.77
C SER B 641 9.87 46.67 -5.97
N LEU B 642 9.82 45.93 -7.08
CA LEU B 642 10.78 44.86 -7.30
C LEU B 642 12.18 45.44 -7.50
N PRO B 643 13.22 44.79 -7.01
CA PRO B 643 14.58 45.28 -7.20
C PRO B 643 15.07 45.05 -8.62
N ASP B 644 16.16 45.74 -8.96
CA ASP B 644 16.73 45.61 -10.29
C ASP B 644 17.21 44.18 -10.54
N GLY B 645 16.97 43.68 -11.75
CA GLY B 645 17.35 42.36 -12.15
C GLY B 645 16.21 41.35 -12.09
N LEU B 646 15.15 41.64 -11.36
CA LEU B 646 14.00 40.76 -11.25
C LEU B 646 12.84 41.35 -12.03
N ILE B 647 12.40 40.64 -13.05
CA ILE B 647 11.32 41.10 -13.93
C ILE B 647 10.27 40.00 -14.05
N PRO B 648 9.00 40.35 -14.28
CA PRO B 648 7.97 39.32 -14.43
C PRO B 648 8.19 38.47 -15.68
N TYR B 649 7.72 37.23 -15.62
CA TYR B 649 7.79 36.29 -16.73
C TYR B 649 6.40 36.14 -17.31
N LYS B 650 6.25 36.40 -18.62
CA LYS B 650 4.96 36.42 -19.27
C LYS B 650 4.83 35.35 -20.35
N PHE B 651 5.75 34.39 -20.41
CA PHE B 651 5.74 33.36 -21.44
C PHE B 651 5.27 32.01 -20.89
N PHE B 652 4.66 31.99 -19.72
CA PHE B 652 4.14 30.74 -19.16
C PHE B 652 2.96 30.27 -20.00
N GLU B 653 3.08 29.09 -20.59
CA GLU B 653 2.06 28.58 -21.49
C GLU B 653 0.79 28.22 -20.73
N GLU B 654 -0.35 28.40 -21.40
CA GLU B 654 -1.63 28.01 -20.84
C GLU B 654 -1.86 26.53 -21.07
N ARG B 655 -3.06 26.05 -20.70
CA ARG B 655 -3.41 24.67 -20.94
C ARG B 655 -3.77 24.46 -22.41
N GLU B 656 -3.89 23.18 -22.78
CA GLU B 656 -4.35 22.74 -24.09
C GLU B 656 -3.41 23.13 -25.23
N CYS B 657 -2.26 23.74 -24.91
CA CYS B 657 -1.26 24.06 -25.92
C CYS B 657 0.04 23.30 -25.75
N LEU B 658 0.21 22.57 -24.66
CA LEU B 658 1.39 21.75 -24.45
C LEU B 658 1.10 20.31 -24.87
N PHE B 659 2.03 19.70 -25.60
CA PHE B 659 1.87 18.31 -25.99
C PHE B 659 1.77 17.42 -24.75
N PRO B 660 2.63 17.52 -23.74
CA PRO B 660 2.38 16.80 -22.49
C PRO B 660 1.15 17.37 -21.79
N TYR B 661 0.70 16.63 -20.77
CA TYR B 661 -0.49 16.95 -19.99
C TYR B 661 -1.75 16.66 -20.80
N LYS B 662 -1.60 16.36 -22.09
CA LYS B 662 -2.72 15.99 -22.94
C LYS B 662 -2.72 14.51 -23.31
N GLU B 663 -1.55 13.89 -23.37
CA GLU B 663 -1.43 12.46 -23.63
C GLU B 663 -0.99 11.66 -22.41
N ASN B 664 -0.47 12.32 -21.38
CA ASN B 664 0.11 11.63 -20.23
C ASN B 664 -0.58 11.97 -18.92
N LEU B 665 -0.81 13.24 -18.63
CA LEU B 665 -1.26 13.65 -17.31
C LEU B 665 -2.77 13.70 -17.16
N LYS B 666 -3.48 14.27 -18.14
CA LYS B 666 -4.93 14.40 -18.02
C LYS B 666 -5.65 13.06 -17.92
N PRO B 667 -5.39 12.05 -18.74
CA PRO B 667 -6.09 10.77 -18.60
C PRO B 667 -5.59 9.90 -17.45
N GLN B 668 -4.78 10.43 -16.53
CA GLN B 668 -4.25 9.62 -15.44
C GLN B 668 -5.34 9.20 -14.47
N TRP B 669 -6.17 10.16 -14.05
CA TRP B 669 -7.26 9.89 -13.11
C TRP B 669 -8.54 10.50 -13.64
N SER B 670 -9.63 9.72 -13.60
CA SER B 670 -10.92 10.15 -14.09
C SER B 670 -11.90 10.29 -12.93
N GLU B 671 -12.72 11.32 -12.98
CA GLU B 671 -13.59 11.70 -11.86
C GLU B 671 -15.02 11.27 -12.12
N VAL B 672 -15.64 10.65 -11.12
CA VAL B 672 -17.05 10.27 -11.14
C VAL B 672 -17.74 10.93 -9.96
N GLN B 673 -18.82 11.66 -10.23
CA GLN B 673 -19.55 12.38 -9.20
C GLN B 673 -21.03 12.00 -9.25
N TYR B 674 -21.65 11.90 -8.07
CA TYR B 674 -23.04 11.49 -8.00
C TYR B 674 -23.63 11.95 -6.67
N THR B 675 -24.96 11.94 -6.62
CA THR B 675 -25.72 12.36 -5.45
C THR B 675 -26.55 11.19 -4.94
N ILE B 676 -26.65 11.06 -3.62
CA ILE B 676 -27.37 9.97 -2.97
C ILE B 676 -28.52 10.56 -2.17
N GLU B 677 -29.72 10.04 -2.37
CA GLU B 677 -30.92 10.49 -1.69
C GLU B 677 -31.30 9.47 -0.63
N VAL B 678 -31.39 9.90 0.63
CA VAL B 678 -31.71 9.04 1.75
C VAL B 678 -33.02 9.52 2.36
N GLY B 679 -34.01 8.63 2.40
CA GLY B 679 -35.31 8.97 2.93
C GLY B 679 -35.60 8.30 4.25
N SER B 680 -34.60 8.25 5.12
CA SER B 680 -34.72 7.61 6.43
C SER B 680 -33.73 8.28 7.36
N PRO B 681 -33.98 8.22 8.67
CA PRO B 681 -33.01 8.79 9.61
C PRO B 681 -31.65 8.13 9.48
N LEU B 682 -30.60 8.94 9.59
CA LEU B 682 -29.23 8.50 9.35
C LEU B 682 -28.40 8.71 10.62
N LEU B 683 -27.63 7.70 11.00
CA LEU B 683 -26.81 7.77 12.21
C LEU B 683 -25.49 7.04 11.97
N THR B 684 -24.42 7.81 11.80
CA THR B 684 -23.05 7.29 11.86
C THR B 684 -22.53 7.59 13.27
N ALA B 685 -22.43 6.54 14.09
CA ALA B 685 -22.25 6.72 15.52
C ALA B 685 -20.91 7.36 15.86
N ASP B 686 -20.90 8.12 16.95
CA ASP B 686 -19.68 8.74 17.47
C ASP B 686 -19.78 8.70 18.99
N THR B 687 -18.84 8.01 19.63
CA THR B 687 -18.93 7.72 21.05
C THR B 687 -18.20 8.72 21.93
N ILE B 688 -16.96 9.08 21.58
CA ILE B 688 -16.19 10.00 22.42
C ILE B 688 -16.88 11.35 22.49
N SER B 689 -17.36 11.86 21.35
CA SER B 689 -18.11 13.11 21.36
C SER B 689 -19.39 12.98 22.18
N ALA B 690 -20.10 11.87 22.04
CA ALA B 690 -21.32 11.66 22.81
C ALA B 690 -21.06 11.68 24.30
N LEU B 691 -19.93 11.14 24.76
CA LEU B 691 -19.59 11.12 26.17
C LEU B 691 -18.78 12.33 26.62
N THR B 692 -18.48 13.27 25.71
CA THR B 692 -17.76 14.48 26.06
C THR B 692 -18.62 15.74 26.07
N GLU B 693 -19.44 15.96 25.04
CA GLU B 693 -20.30 17.14 25.02
C GLU B 693 -21.37 17.04 26.11
N PRO B 694 -21.87 18.17 26.60
CA PRO B 694 -22.80 18.15 27.74
C PRO B 694 -24.25 17.84 27.38
N GLY B 695 -24.52 17.30 26.18
CA GLY B 695 -25.89 16.98 25.83
C GLY B 695 -26.47 15.80 26.56
N ASN B 696 -25.61 14.93 27.11
CA ASN B 696 -26.03 13.72 27.83
C ASN B 696 -26.89 12.83 26.94
N ARG B 697 -26.32 12.43 25.81
CA ARG B 697 -26.97 11.56 24.85
C ARG B 697 -26.12 10.32 24.60
N ASP B 698 -26.79 9.19 24.40
CA ASP B 698 -26.09 7.92 24.27
C ASP B 698 -25.25 7.86 23.00
N ALA B 699 -25.81 8.30 21.87
CA ALA B 699 -25.10 8.25 20.59
C ALA B 699 -25.52 9.44 19.74
N ILE B 700 -24.54 10.07 19.09
CA ILE B 700 -24.77 11.24 18.25
C ILE B 700 -24.15 11.01 16.89
N ALA B 701 -24.32 11.97 16.00
CA ALA B 701 -23.86 11.87 14.62
C ALA B 701 -22.43 12.40 14.49
N TYR B 702 -21.82 12.11 13.33
CA TYR B 702 -20.44 12.48 13.07
C TYR B 702 -20.38 13.84 12.38
N LYS B 703 -19.36 14.62 12.74
CA LYS B 703 -19.12 15.92 12.13
C LYS B 703 -17.65 16.26 12.26
N LYS B 704 -17.21 17.23 11.46
CA LYS B 704 -15.80 17.59 11.38
C LYS B 704 -15.64 19.10 11.42
N ARG B 705 -14.40 19.54 11.59
CA ARG B 705 -14.04 20.95 11.64
C ARG B 705 -13.42 21.38 10.33
N VAL B 706 -13.87 22.52 9.80
CA VAL B 706 -13.40 23.06 8.54
C VAL B 706 -12.81 24.44 8.79
N TYR B 707 -11.60 24.66 8.27
CA TYR B 707 -10.93 25.95 8.41
C TYR B 707 -11.38 26.88 7.29
N ASN B 708 -11.44 28.17 7.60
CA ASN B 708 -11.86 29.20 6.67
C ASN B 708 -10.67 30.10 6.33
N ASP B 709 -10.36 30.21 5.03
CA ASP B 709 -9.27 31.09 4.60
C ASP B 709 -9.58 32.54 4.95
N GLY B 710 -10.80 32.98 4.66
CA GLY B 710 -11.19 34.31 5.07
C GLY B 710 -11.26 34.44 6.58
N ASN B 711 -10.76 35.57 7.09
CA ASN B 711 -10.70 35.96 8.50
C ASN B 711 -9.88 34.99 9.36
N ASN B 712 -9.30 33.95 8.78
CA ASN B 712 -8.34 33.07 9.44
C ASN B 712 -8.87 32.53 10.78
N ALA B 713 -9.94 31.75 10.68
CA ALA B 713 -10.53 31.16 11.87
C ALA B 713 -11.26 29.88 11.51
N ILE B 714 -11.49 29.05 12.52
CA ILE B 714 -12.29 27.83 12.35
C ILE B 714 -13.76 28.21 12.33
N GLU B 715 -14.47 27.72 11.32
CA GLU B 715 -15.89 28.03 11.21
C GLU B 715 -16.65 27.33 12.34
N PRO B 716 -17.40 28.08 13.16
CA PRO B 716 -18.02 27.46 14.35
C PRO B 716 -19.21 26.55 14.03
N GLU B 717 -19.72 26.52 12.79
CA GLU B 717 -20.75 25.56 12.44
C GLU B 717 -20.09 24.30 11.93
N PRO B 718 -20.24 23.16 12.60
CA PRO B 718 -19.67 21.91 12.07
C PRO B 718 -20.48 21.40 10.89
N ARG B 719 -19.85 20.52 10.11
CA ARG B 719 -20.46 19.94 8.92
C ARG B 719 -20.62 18.43 9.11
N PHE B 720 -21.82 17.94 8.85
CA PHE B 720 -22.11 16.51 8.93
C PHE B 720 -21.70 15.82 7.63
N ALA B 721 -21.14 14.62 7.76
CA ALA B 721 -20.65 13.90 6.59
C ALA B 721 -20.56 12.42 6.92
N VAL B 722 -20.31 11.62 5.88
CA VAL B 722 -20.06 10.20 6.00
C VAL B 722 -18.63 9.93 5.56
N LYS B 723 -17.86 9.26 6.42
CA LYS B 723 -16.42 9.12 6.19
C LYS B 723 -16.13 8.32 4.93
N SER B 724 -14.99 8.62 4.31
CA SER B 724 -14.59 7.95 3.07
C SER B 724 -14.24 6.49 3.29
N GLU B 725 -13.91 6.10 4.52
CA GLU B 725 -13.61 4.69 4.79
C GLU B 725 -14.83 3.81 4.58
N THR B 726 -16.00 4.26 5.05
CA THR B 726 -17.24 3.51 4.80
C THR B 726 -17.56 3.48 3.32
N HIS B 727 -17.33 4.59 2.62
CA HIS B 727 -17.55 4.66 1.19
C HIS B 727 -16.72 3.62 0.45
N ARG B 728 -15.44 3.52 0.81
CA ARG B 728 -14.57 2.52 0.19
C ARG B 728 -14.99 1.11 0.57
N GLY B 729 -15.34 0.89 1.84
CA GLY B 729 -15.65 -0.46 2.28
C GLY B 729 -16.90 -1.02 1.64
N ILE B 730 -17.92 -0.17 1.43
CA ILE B 730 -19.15 -0.64 0.81
C ILE B 730 -18.87 -1.15 -0.60
N PHE B 731 -18.13 -0.36 -1.38
CA PHE B 731 -17.79 -0.77 -2.75
C PHE B 731 -16.95 -2.04 -2.75
N ARG B 732 -15.95 -2.11 -1.86
CA ARG B 732 -15.09 -3.29 -1.84
C ARG B 732 -15.88 -4.54 -1.50
N THR B 733 -16.74 -4.46 -0.48
CA THR B 733 -17.54 -5.61 -0.09
C THR B 733 -18.51 -6.01 -1.20
N ALA B 734 -19.14 -5.04 -1.85
CA ALA B 734 -20.07 -5.36 -2.93
C ALA B 734 -19.36 -6.07 -4.07
N VAL B 735 -18.19 -5.56 -4.48
CA VAL B 735 -17.45 -6.18 -5.58
C VAL B 735 -16.99 -7.59 -5.19
N GLY B 736 -16.47 -7.74 -3.96
CA GLY B 736 -16.00 -9.04 -3.53
C GLY B 736 -17.10 -10.07 -3.46
N ARG B 737 -18.27 -9.68 -2.96
CA ARG B 737 -19.40 -10.60 -2.91
C ARG B 737 -19.94 -10.90 -4.31
N ARG B 738 -19.86 -9.94 -5.22
CA ARG B 738 -20.28 -10.18 -6.60
C ARG B 738 -19.40 -11.21 -7.28
N THR B 739 -18.08 -11.03 -7.19
CA THR B 739 -17.14 -11.89 -7.90
C THR B 739 -16.68 -13.09 -7.09
N GLY B 740 -17.06 -13.19 -5.83
CA GLY B 740 -16.77 -14.39 -5.05
C GLY B 740 -15.35 -14.54 -4.58
N ASP B 741 -14.57 -13.46 -4.51
CA ASP B 741 -13.22 -13.51 -3.99
C ASP B 741 -13.13 -13.24 -2.49
N LEU B 742 -14.25 -12.93 -1.84
CA LEU B 742 -14.23 -12.60 -0.42
C LEU B 742 -14.02 -13.83 0.46
N GLY B 743 -14.31 -15.02 -0.05
CA GLY B 743 -14.24 -16.24 0.74
C GLY B 743 -12.87 -16.84 0.93
N LYS B 744 -11.84 -16.29 0.29
CA LYS B 744 -10.50 -16.84 0.43
C LYS B 744 -9.97 -16.63 1.84
N GLU B 745 -9.16 -17.58 2.29
CA GLU B 745 -8.65 -17.59 3.66
C GLU B 745 -7.65 -16.48 3.92
N ASP B 746 -6.71 -16.25 3.01
CA ASP B 746 -5.70 -15.22 3.20
C ASP B 746 -5.22 -14.73 1.85
N HIS B 747 -4.61 -13.55 1.85
CA HIS B 747 -4.13 -12.87 0.66
C HIS B 747 -2.66 -12.50 0.80
N GLU B 748 -1.85 -13.46 1.23
CA GLU B 748 -0.43 -13.21 1.44
C GLU B 748 0.26 -12.88 0.10
N ASP B 749 0.22 -13.81 -0.84
CA ASP B 749 0.72 -13.57 -2.19
C ASP B 749 -0.38 -13.78 -3.23
N CYS B 750 -1.64 -13.64 -2.81
CA CYS B 750 -2.76 -13.83 -3.72
C CYS B 750 -2.82 -12.70 -4.75
N THR B 751 -3.39 -13.01 -5.91
CA THR B 751 -3.54 -12.06 -7.00
C THR B 751 -4.95 -12.16 -7.60
N CYS B 752 -5.96 -12.16 -6.72
CA CYS B 752 -7.34 -12.27 -7.16
C CYS B 752 -7.81 -10.96 -7.79
N ASP B 753 -9.10 -10.93 -8.16
CA ASP B 753 -9.67 -9.73 -8.77
C ASP B 753 -9.67 -8.56 -7.80
N MET B 754 -9.99 -8.81 -6.53
CA MET B 754 -9.94 -7.75 -5.53
C MET B 754 -8.53 -7.22 -5.36
N CYS B 755 -7.53 -8.11 -5.36
CA CYS B 755 -6.14 -7.68 -5.26
C CYS B 755 -5.70 -6.89 -6.49
N ILE B 756 -6.42 -7.01 -7.60
CA ILE B 756 -6.10 -6.24 -8.79
C ILE B 756 -6.77 -4.87 -8.77
N ILE B 757 -8.04 -4.82 -8.37
CA ILE B 757 -8.77 -3.56 -8.41
C ILE B 757 -8.45 -2.69 -7.20
N PHE B 758 -8.63 -3.23 -6.00
CA PHE B 758 -8.48 -2.45 -4.77
C PHE B 758 -7.10 -2.56 -4.15
N GLY B 759 -6.18 -3.29 -4.77
CA GLY B 759 -4.83 -3.39 -4.25
C GLY B 759 -4.72 -4.30 -3.03
N ASN B 760 -3.50 -4.55 -2.59
CA ASN B 760 -3.25 -5.39 -1.43
C ASN B 760 -1.97 -4.91 -0.75
N GLU B 761 -1.40 -5.75 0.11
CA GLU B 761 -0.20 -5.37 0.84
C GLU B 761 1.06 -5.34 -0.03
N HIS B 762 0.97 -5.78 -1.29
CA HIS B 762 2.10 -5.72 -2.21
C HIS B 762 2.02 -4.58 -3.21
N GLU B 763 0.82 -4.22 -3.65
CA GLU B 763 0.61 -3.16 -4.62
C GLU B 763 -0.49 -2.22 -4.14
N SER B 764 -0.35 -0.95 -4.47
CA SER B 764 -1.31 0.07 -4.04
C SER B 764 -2.65 -0.14 -4.75
N SER B 765 -3.61 0.70 -4.40
CA SER B 765 -4.96 0.63 -4.93
C SER B 765 -5.11 1.57 -6.12
N LYS B 766 -5.93 1.16 -7.09
CA LYS B 766 -6.16 1.92 -8.31
C LYS B 766 -7.48 2.68 -8.28
N ILE B 767 -8.15 2.73 -7.14
CA ILE B 767 -9.37 3.51 -6.97
C ILE B 767 -9.30 4.25 -5.65
N ARG B 768 -9.71 5.52 -5.65
CA ARG B 768 -9.57 6.40 -4.50
C ARG B 768 -10.90 7.08 -4.23
N PHE B 769 -11.35 7.03 -2.98
CA PHE B 769 -12.65 7.53 -2.57
C PHE B 769 -12.51 8.83 -1.80
N GLU B 770 -13.65 9.49 -1.58
CA GLU B 770 -13.68 10.77 -0.86
C GLU B 770 -14.92 10.78 0.05
N ASP B 771 -15.25 11.96 0.57
CA ASP B 771 -16.29 12.11 1.57
C ASP B 771 -17.64 12.43 0.94
N LEU B 772 -18.71 12.01 1.62
CA LEU B 772 -20.08 12.35 1.26
C LEU B 772 -20.58 13.37 2.28
N GLU B 773 -20.92 14.57 1.81
CA GLU B 773 -21.25 15.68 2.69
C GLU B 773 -22.69 16.13 2.48
N LEU B 774 -23.38 16.40 3.57
CA LEU B 774 -24.75 16.91 3.51
C LEU B 774 -24.76 18.30 2.92
N ILE B 775 -25.72 18.56 2.03
CA ILE B 775 -25.78 19.83 1.31
C ILE B 775 -27.08 20.59 1.50
N ASN B 776 -28.13 19.98 2.04
CA ASN B 776 -29.42 20.64 2.23
C ASN B 776 -29.78 20.72 3.71
N GLY B 777 -28.81 21.05 4.56
CA GLY B 777 -29.07 21.12 5.98
C GLY B 777 -29.80 22.36 6.44
N ASN B 778 -29.94 23.36 5.57
CA ASN B 778 -30.59 24.61 5.91
C ASN B 778 -32.10 24.58 5.66
N GLU B 779 -32.63 23.47 5.16
CA GLU B 779 -34.06 23.34 4.87
C GLU B 779 -34.82 22.64 5.98
N PHE B 780 -34.18 22.32 7.10
CA PHE B 780 -34.81 21.64 8.22
C PHE B 780 -34.88 22.57 9.42
N GLU B 781 -36.08 22.68 10.01
CA GLU B 781 -36.24 23.49 11.20
C GLU B 781 -35.66 22.82 12.45
N LYS B 782 -35.46 21.50 12.39
CA LYS B 782 -34.86 20.73 13.48
C LYS B 782 -34.13 19.56 12.83
N LEU B 783 -32.81 19.72 12.66
CA LEU B 783 -32.04 18.78 11.85
C LEU B 783 -31.93 17.41 12.53
N GLU B 784 -31.93 17.37 13.86
CA GLU B 784 -31.75 16.13 14.59
C GLU B 784 -32.98 15.83 15.44
N LYS B 785 -33.30 14.55 15.56
CA LYS B 785 -34.47 14.11 16.32
C LYS B 785 -34.04 13.17 17.44
N HIS B 786 -34.80 13.19 18.52
CA HIS B 786 -34.54 12.35 19.68
C HIS B 786 -35.47 11.14 19.63
N ILE B 787 -34.89 9.94 19.58
CA ILE B 787 -35.63 8.69 19.50
C ILE B 787 -35.17 7.78 20.63
N ASP B 788 -36.13 7.10 21.27
CA ASP B 788 -35.86 6.21 22.38
C ASP B 788 -36.10 4.76 21.98
N HIS B 789 -35.43 3.86 22.69
CA HIS B 789 -35.54 2.43 22.45
C HIS B 789 -35.54 1.69 23.78
N VAL B 790 -36.06 0.46 23.77
CA VAL B 790 -36.10 -0.37 24.97
C VAL B 790 -36.22 -1.82 24.52
N ALA B 791 -35.88 -2.74 25.41
CA ALA B 791 -36.00 -4.17 25.17
C ALA B 791 -37.06 -4.76 26.10
N ILE B 792 -37.89 -5.63 25.54
CA ILE B 792 -39.05 -6.17 26.25
C ILE B 792 -38.75 -7.60 26.67
N ASP B 793 -38.97 -7.90 27.96
CA ASP B 793 -38.82 -9.26 28.45
C ASP B 793 -39.83 -10.19 27.78
N ARG B 794 -39.42 -11.43 27.54
CA ARG B 794 -40.24 -12.39 26.83
C ARG B 794 -41.14 -13.20 27.76
N PHE B 795 -41.04 -13.01 29.07
CA PHE B 795 -41.83 -13.75 30.04
C PHE B 795 -42.92 -12.93 30.70
N THR B 796 -42.63 -11.68 31.06
CA THR B 796 -43.58 -10.84 31.79
C THR B 796 -44.10 -9.68 30.95
N GLY B 797 -43.60 -9.49 29.73
CA GLY B 797 -44.09 -8.40 28.90
C GLY B 797 -43.71 -7.01 29.38
N GLY B 798 -42.69 -6.91 30.23
CA GLY B 798 -42.26 -5.62 30.74
C GLY B 798 -40.85 -5.26 30.32
N ALA B 799 -40.50 -3.98 30.41
CA ALA B 799 -39.18 -3.52 30.01
C ALA B 799 -38.11 -4.13 30.89
N LEU B 800 -37.02 -4.58 30.25
CA LEU B 800 -35.92 -5.21 30.95
C LEU B 800 -35.06 -4.16 31.67
N ASP B 801 -34.31 -4.63 32.65
CA ASP B 801 -33.41 -3.76 33.39
C ASP B 801 -32.14 -3.49 32.59
N LYS B 802 -31.60 -2.28 32.76
CA LYS B 802 -30.40 -1.80 32.07
C LYS B 802 -30.51 -2.00 30.55
N ALA B 803 -31.69 -1.87 29.98
CA ALA B 803 -31.91 -2.09 28.56
C ALA B 803 -32.41 -0.84 27.85
N LYS B 804 -32.41 0.32 28.51
CA LYS B 804 -32.95 1.54 27.94
C LYS B 804 -31.81 2.35 27.32
N PHE B 805 -32.05 2.84 26.10
CA PHE B 805 -31.06 3.63 25.38
C PHE B 805 -31.79 4.49 24.36
N ASP B 806 -31.08 5.51 23.87
CA ASP B 806 -31.64 6.47 22.93
C ASP B 806 -30.60 6.86 21.90
N THR B 807 -31.06 7.32 20.75
CA THR B 807 -30.20 7.74 19.66
C THR B 807 -30.55 9.18 19.26
N TYR B 808 -29.63 9.82 18.54
CA TYR B 808 -29.79 11.20 18.09
C TYR B 808 -29.41 11.30 16.62
N PRO B 809 -30.19 10.70 15.73
CA PRO B 809 -29.84 10.72 14.30
C PRO B 809 -30.36 11.96 13.59
N LEU B 810 -29.96 12.08 12.33
CA LEU B 810 -30.48 13.14 11.48
C LEU B 810 -31.92 12.82 11.08
N ALA B 811 -32.67 13.87 10.74
CA ALA B 811 -34.10 13.76 10.47
C ALA B 811 -34.33 13.66 8.96
N GLY B 812 -34.82 12.52 8.51
CA GLY B 812 -35.18 12.32 7.13
C GLY B 812 -36.54 11.65 7.02
N SER B 813 -37.30 12.05 6.00
CA SER B 813 -38.65 11.56 5.80
C SER B 813 -38.84 11.21 4.34
N PRO B 814 -39.80 10.33 4.02
CA PRO B 814 -40.03 9.97 2.61
C PRO B 814 -40.38 11.16 1.73
N LYS B 815 -41.11 12.14 2.25
CA LYS B 815 -41.49 13.31 1.47
C LYS B 815 -40.52 14.47 1.61
N LYS B 816 -39.44 14.30 2.38
CA LYS B 816 -38.42 15.32 2.53
C LYS B 816 -37.09 14.65 2.86
N PRO B 817 -36.41 14.10 1.88
CA PRO B 817 -35.21 13.30 2.13
C PRO B 817 -33.93 14.15 2.20
N LEU B 818 -32.86 13.50 2.63
CA LEU B 818 -31.55 14.13 2.75
C LEU B 818 -30.78 13.98 1.44
N LYS B 819 -29.80 14.86 1.24
CA LYS B 819 -28.97 14.86 0.05
C LYS B 819 -27.51 14.79 0.43
N LEU B 820 -26.77 13.88 -0.18
CA LEU B 820 -25.34 13.72 0.05
C LEU B 820 -24.61 13.68 -1.29
N LYS B 821 -23.49 14.38 -1.37
CA LYS B 821 -22.73 14.50 -2.61
C LYS B 821 -21.28 14.11 -2.38
N GLY B 822 -20.76 13.26 -3.26
CA GLY B 822 -19.38 12.81 -3.16
C GLY B 822 -18.77 12.46 -4.50
N ARG B 823 -17.59 11.83 -4.48
CA ARG B 823 -16.91 11.47 -5.72
C ARG B 823 -15.86 10.41 -5.43
N PHE B 824 -15.37 9.79 -6.51
CA PHE B 824 -14.21 8.91 -6.43
C PHE B 824 -13.49 8.95 -7.77
N TRP B 825 -12.23 8.50 -7.77
CA TRP B 825 -11.35 8.60 -8.92
C TRP B 825 -10.93 7.21 -9.39
N ILE B 826 -10.82 7.05 -10.71
CA ILE B 826 -10.49 5.77 -11.33
C ILE B 826 -9.25 5.95 -12.21
N LYS B 827 -8.28 5.06 -12.06
CA LYS B 827 -7.06 5.12 -12.84
C LYS B 827 -7.28 4.57 -14.24
N LYS B 828 -6.43 5.01 -15.17
CA LYS B 828 -6.50 4.54 -16.54
C LYS B 828 -6.01 3.10 -16.64
N GLY B 829 -6.37 2.45 -17.74
CA GLY B 829 -5.98 1.09 -18.00
C GLY B 829 -6.97 0.03 -17.55
N PHE B 830 -8.18 0.42 -17.18
CA PHE B 830 -9.18 -0.55 -16.75
C PHE B 830 -9.81 -1.23 -17.95
N SER B 831 -10.04 -2.54 -17.82
CA SER B 831 -10.68 -3.31 -18.87
C SER B 831 -12.20 -3.10 -18.83
N GLY B 832 -12.90 -3.67 -19.80
CA GLY B 832 -14.34 -3.59 -19.81
C GLY B 832 -15.00 -4.34 -18.68
N ASP B 833 -14.43 -5.47 -18.28
CA ASP B 833 -15.00 -6.25 -17.18
C ASP B 833 -14.97 -5.47 -15.88
N HIS B 834 -13.88 -4.75 -15.61
CA HIS B 834 -13.77 -4.01 -14.36
C HIS B 834 -14.76 -2.84 -14.33
N LYS B 835 -14.92 -2.14 -15.46
CA LYS B 835 -15.91 -1.07 -15.53
C LYS B 835 -17.32 -1.64 -15.34
N LEU B 836 -17.59 -2.81 -15.92
CA LEU B 836 -18.89 -3.45 -15.74
C LEU B 836 -19.11 -3.80 -14.27
N LEU B 837 -18.07 -4.30 -13.59
CA LEU B 837 -18.20 -4.62 -12.17
C LEU B 837 -18.48 -3.38 -11.35
N ILE B 838 -17.79 -2.28 -11.63
CA ILE B 838 -18.00 -1.04 -10.89
C ILE B 838 -19.43 -0.53 -11.12
N THR B 839 -19.89 -0.59 -12.37
CA THR B 839 -21.25 -0.15 -12.68
C THR B 839 -22.28 -1.03 -11.99
N THR B 840 -22.04 -2.34 -11.94
CA THR B 840 -22.95 -3.24 -11.23
C THR B 840 -22.98 -2.94 -9.74
N ALA B 841 -21.83 -2.61 -9.15
CA ALA B 841 -21.81 -2.22 -7.75
C ALA B 841 -22.61 -0.95 -7.51
N LEU B 842 -22.46 0.03 -8.40
CA LEU B 842 -23.24 1.26 -8.28
C LEU B 842 -24.74 0.97 -8.39
N SER B 843 -25.13 0.10 -9.32
CA SER B 843 -26.53 -0.26 -9.47
C SER B 843 -27.05 -0.98 -8.23
N ASP B 844 -26.23 -1.86 -7.65
CA ASP B 844 -26.63 -2.54 -6.43
C ASP B 844 -26.84 -1.56 -5.28
N ILE B 845 -25.95 -0.57 -5.16
CA ILE B 845 -26.13 0.45 -4.14
C ILE B 845 -27.40 1.24 -4.39
N ARG B 846 -27.69 1.56 -5.65
CA ARG B 846 -28.88 2.33 -5.98
C ARG B 846 -30.16 1.58 -5.62
N ASP B 847 -30.18 0.26 -5.84
CA ASP B 847 -31.40 -0.51 -5.61
C ASP B 847 -31.78 -0.54 -4.13
N GLY B 848 -30.81 -0.41 -3.25
CA GLY B 848 -31.06 -0.44 -1.82
C GLY B 848 -30.55 -1.67 -1.09
N LEU B 849 -29.56 -2.38 -1.64
CA LEU B 849 -29.05 -3.57 -0.97
C LEU B 849 -28.20 -3.21 0.23
N TYR B 850 -27.42 -2.13 0.14
CA TYR B 850 -26.46 -1.77 1.18
C TYR B 850 -26.86 -0.45 1.84
N PRO B 851 -27.43 -0.48 3.04
CA PRO B 851 -27.69 0.77 3.76
C PRO B 851 -26.42 1.37 4.34
N LEU B 852 -26.48 2.66 4.65
CA LEU B 852 -25.37 3.39 5.21
C LEU B 852 -25.53 3.55 6.71
N GLY B 853 -24.39 3.64 7.40
CA GLY B 853 -24.41 3.85 8.84
C GLY B 853 -24.73 2.59 9.62
N SER B 854 -25.24 2.78 10.83
CA SER B 854 -25.55 1.70 11.75
C SER B 854 -27.06 1.57 11.92
N LYS B 855 -27.46 0.48 12.59
CA LYS B 855 -28.85 0.18 12.87
C LYS B 855 -29.68 0.13 11.60
N GLY B 856 -29.09 -0.41 10.53
CA GLY B 856 -29.78 -0.50 9.26
C GLY B 856 -30.82 -1.59 9.18
N GLY B 857 -30.88 -2.48 10.16
CA GLY B 857 -31.88 -3.53 10.17
C GLY B 857 -33.24 -3.11 10.68
N VAL B 858 -33.38 -1.89 11.18
CA VAL B 858 -34.65 -1.38 11.69
C VAL B 858 -35.07 -0.12 10.94
N GLY B 859 -34.54 0.11 9.75
CA GLY B 859 -35.00 1.19 8.90
C GLY B 859 -34.12 2.42 8.81
N TYR B 860 -32.91 2.38 9.36
CA TYR B 860 -32.01 3.53 9.28
C TYR B 860 -31.18 3.47 8.01
N GLY B 861 -30.95 4.64 7.42
CA GLY B 861 -29.98 4.75 6.33
C GLY B 861 -30.37 4.07 5.04
N TRP B 862 -31.66 3.89 4.77
CA TRP B 862 -32.10 3.26 3.53
C TRP B 862 -32.03 4.26 2.38
N VAL B 863 -31.43 3.83 1.27
CA VAL B 863 -31.23 4.69 0.10
C VAL B 863 -32.46 4.63 -0.78
N ALA B 864 -32.87 5.78 -1.30
CA ALA B 864 -34.03 5.88 -2.18
C ALA B 864 -33.66 5.92 -3.66
N GLY B 865 -32.59 6.61 -4.02
CA GLY B 865 -32.19 6.69 -5.41
C GLY B 865 -30.83 7.34 -5.54
N ILE B 866 -30.30 7.31 -6.76
CA ILE B 866 -29.00 7.87 -7.07
C ILE B 866 -29.10 8.64 -8.39
N SER B 867 -28.59 9.88 -8.40
CA SER B 867 -28.62 10.73 -9.58
C SER B 867 -27.19 11.03 -9.99
N ILE B 868 -26.72 10.39 -11.07
CA ILE B 868 -25.37 10.60 -11.56
C ILE B 868 -25.27 11.99 -12.19
N ASP B 869 -24.10 12.59 -12.07
CA ASP B 869 -23.86 13.90 -12.65
C ASP B 869 -23.74 13.81 -14.17
N ASP B 870 -23.80 14.97 -14.82
CA ASP B 870 -23.77 15.05 -16.27
C ASP B 870 -22.37 15.23 -16.84
N ASN B 871 -21.35 15.37 -15.99
CA ASN B 871 -19.97 15.53 -16.45
C ASN B 871 -19.16 14.25 -16.38
N VAL B 872 -19.77 13.14 -15.97
CA VAL B 872 -19.08 11.85 -15.90
C VAL B 872 -18.89 11.34 -17.32
N PRO B 873 -17.97 10.40 -17.56
CA PRO B 873 -17.76 9.92 -18.93
C PRO B 873 -19.03 9.35 -19.55
N ASP B 874 -19.16 9.55 -20.87
CA ASP B 874 -20.37 9.12 -21.56
C ASP B 874 -20.53 7.61 -21.52
N ASP B 875 -19.43 6.87 -21.64
CA ASP B 875 -19.51 5.41 -21.57
C ASP B 875 -20.01 4.93 -20.22
N PHE B 876 -19.64 5.63 -19.14
CA PHE B 876 -20.15 5.27 -17.82
C PHE B 876 -21.67 5.44 -17.75
N LYS B 877 -22.19 6.54 -18.28
CA LYS B 877 -23.63 6.74 -18.31
C LYS B 877 -24.32 5.70 -19.18
N GLU B 878 -23.72 5.36 -20.33
CA GLU B 878 -24.31 4.35 -21.19
C GLU B 878 -24.36 2.99 -20.50
N MET B 879 -23.29 2.65 -19.77
CA MET B 879 -23.28 1.41 -19.00
C MET B 879 -24.29 1.44 -17.86
N ILE B 880 -24.46 2.59 -17.20
CA ILE B 880 -25.47 2.71 -16.15
C ILE B 880 -26.86 2.47 -16.74
N ASN B 881 -27.13 3.03 -17.92
CA ASN B 881 -28.41 2.79 -18.57
C ASN B 881 -28.58 1.33 -18.97
N LYS B 882 -27.50 0.72 -19.48
CA LYS B 882 -27.57 -0.69 -19.90
C LYS B 882 -27.87 -1.60 -18.71
N THR B 883 -27.18 -1.38 -17.60
CA THR B 883 -27.32 -2.27 -16.44
C THR B 883 -28.52 -1.93 -15.57
N GLU B 884 -29.22 -0.83 -15.84
CA GLU B 884 -30.42 -0.50 -15.08
C GLU B 884 -31.44 -1.62 -15.23
N MET B 885 -32.12 -1.93 -14.13
CA MET B 885 -33.07 -3.03 -14.06
C MET B 885 -34.10 -2.92 -15.18
N PRO B 886 -34.14 -3.89 -16.10
CA PRO B 886 -35.11 -3.83 -17.21
C PRO B 886 -36.53 -4.10 -16.73
N LEU B 887 -37.47 -4.19 -17.65
CA LEU B 887 -38.86 -4.45 -17.28
C LEU B 887 -38.96 -5.85 -16.67
N PRO B 888 -39.42 -5.98 -15.43
CA PRO B 888 -39.52 -7.30 -14.81
C PRO B 888 -40.62 -8.13 -15.44
N GLU B 889 -40.48 -9.45 -15.30
CA GLU B 889 -41.44 -10.40 -15.84
C GLU B 889 -42.68 -10.40 -14.94
N GLU B 890 -43.40 -9.29 -14.98
CA GLU B 890 -44.59 -9.13 -14.15
C GLU B 890 -45.74 -9.97 -14.68
N VAL B 891 -46.50 -10.56 -13.75
CA VAL B 891 -47.66 -11.35 -14.13
C VAL B 891 -48.75 -10.42 -14.67
N GLU B 892 -49.35 -10.82 -15.80
CA GLU B 892 -50.34 -9.97 -16.48
C GLU B 892 -51.67 -10.01 -15.72
N GLU B 893 -51.64 -9.39 -14.53
CA GLU B 893 -52.81 -9.18 -13.66
C GLU B 893 -53.71 -10.41 -13.55
N SER B 894 -53.13 -11.60 -13.60
CA SER B 894 -53.92 -12.82 -13.44
C SER B 894 -54.02 -13.23 -11.98
N ASN B 895 -52.87 -13.42 -11.33
CA ASN B 895 -52.81 -13.74 -9.91
C ASN B 895 -51.73 -12.91 -9.22
N ASN B 896 -51.60 -11.65 -9.62
CA ASN B 896 -50.60 -10.74 -9.09
C ASN B 896 -51.25 -9.58 -8.35
N GLY B 897 -52.48 -9.79 -7.86
CA GLY B 897 -53.17 -8.79 -7.11
C GLY B 897 -52.90 -8.91 -5.63
N PRO B 898 -53.83 -8.41 -4.80
CA PRO B 898 -53.63 -8.52 -3.34
C PRO B 898 -53.72 -9.95 -2.86
N ILE B 899 -52.59 -10.51 -2.45
CA ILE B 899 -52.52 -11.90 -2.02
C ILE B 899 -53.19 -12.01 -0.65
N ASN B 900 -54.36 -12.65 -0.59
CA ASN B 900 -55.11 -12.82 0.64
C ASN B 900 -55.23 -14.31 0.95
N ASN B 901 -54.86 -14.68 2.16
CA ASN B 901 -54.93 -16.09 2.57
C ASN B 901 -56.38 -16.53 2.71
N ASP B 902 -56.62 -17.82 2.45
CA ASP B 902 -57.95 -18.42 2.53
C ASP B 902 -57.90 -19.49 3.62
N TYR B 903 -58.18 -19.10 4.85
CA TYR B 903 -58.14 -20.01 5.98
C TYR B 903 -59.06 -19.50 7.07
N VAL B 904 -59.74 -20.42 7.75
CA VAL B 904 -60.69 -20.10 8.81
C VAL B 904 -60.30 -20.87 10.06
N HIS B 905 -60.12 -20.15 11.17
CA HIS B 905 -59.89 -20.90 12.39
C HIS B 905 -61.22 -21.19 13.10
N PRO B 906 -61.38 -22.38 13.67
CA PRO B 906 -62.63 -22.68 14.38
C PRO B 906 -62.92 -21.72 15.52
N GLY B 907 -61.90 -21.29 16.25
CA GLY B 907 -62.08 -20.36 17.34
C GLY B 907 -62.58 -21.04 18.61
N HIS B 908 -62.50 -20.30 19.70
CA HIS B 908 -62.99 -20.80 20.98
C HIS B 908 -64.51 -20.86 20.99
N GLN B 909 -65.06 -21.86 21.68
CA GLN B 909 -66.50 -22.07 21.71
C GLN B 909 -67.16 -21.52 22.97
N SER B 910 -66.40 -21.30 24.04
CA SER B 910 -67.01 -20.77 25.27
C SER B 910 -67.63 -19.39 25.07
N PRO B 911 -66.96 -18.41 24.44
CA PRO B 911 -67.65 -17.15 24.14
C PRO B 911 -68.60 -17.24 22.95
N LYS B 912 -68.53 -18.31 22.16
CA LYS B 912 -69.40 -18.43 21.00
C LYS B 912 -70.83 -18.78 21.38
N GLN B 913 -71.01 -19.52 22.47
CA GLN B 913 -72.35 -19.92 22.92
C GLN B 913 -72.97 -18.93 23.89
N ASP B 914 -72.29 -17.83 24.19
CA ASP B 914 -72.79 -16.79 25.10
C ASP B 914 -72.78 -15.47 24.34
N HIS B 915 -73.87 -15.17 23.66
CA HIS B 915 -74.02 -13.92 22.92
C HIS B 915 -74.65 -12.82 23.76
N LYS B 916 -74.93 -13.08 25.03
CA LYS B 916 -75.51 -12.09 25.93
C LYS B 916 -74.47 -11.34 26.74
N ASN B 917 -73.17 -11.62 26.52
CA ASN B 917 -72.07 -10.91 27.18
C ASN B 917 -72.18 -11.02 28.70
N LYS B 918 -72.09 -12.26 29.19
CA LYS B 918 -72.23 -12.55 30.62
C LYS B 918 -70.92 -12.92 31.29
N ASN B 919 -70.03 -13.63 30.60
CA ASN B 919 -68.80 -14.11 31.21
C ASN B 919 -67.77 -12.98 31.31
N ILE B 920 -66.81 -13.17 32.21
CA ILE B 920 -65.70 -12.24 32.42
C ILE B 920 -64.41 -13.02 32.25
N TYR B 921 -63.52 -12.52 31.39
CA TYR B 921 -62.27 -13.19 31.08
C TYR B 921 -61.09 -12.34 31.57
N TYR B 922 -59.92 -12.99 31.64
CA TYR B 922 -58.68 -12.36 32.07
C TYR B 922 -57.97 -11.71 30.88
N PRO B 923 -57.33 -10.55 31.09
CA PRO B 923 -56.70 -9.86 29.96
C PRO B 923 -55.59 -10.65 29.27
N HIS B 924 -54.81 -11.44 30.00
CA HIS B 924 -53.67 -12.14 29.41
C HIS B 924 -53.60 -13.57 29.91
N TYR B 925 -53.07 -14.45 29.05
CA TYR B 925 -52.83 -15.85 29.38
C TYR B 925 -51.44 -16.24 28.89
N PHE B 926 -50.94 -17.34 29.43
CA PHE B 926 -49.60 -17.83 29.13
C PHE B 926 -49.65 -19.02 28.20
N LEU B 927 -48.61 -19.15 27.38
CA LEU B 927 -48.49 -20.22 26.39
C LEU B 927 -47.29 -21.08 26.75
N ASP B 928 -47.49 -22.39 26.77
CA ASP B 928 -46.45 -23.35 27.12
C ASP B 928 -46.21 -24.30 25.96
N SER B 929 -44.95 -24.60 25.70
CA SER B 929 -44.57 -25.51 24.61
C SER B 929 -43.22 -26.11 24.96
N GLY B 930 -42.80 -27.08 24.14
CA GLY B 930 -41.51 -27.71 24.35
C GLY B 930 -41.51 -28.64 25.55
N SER B 931 -40.33 -28.81 26.14
CA SER B 931 -39.10 -28.15 25.72
C SER B 931 -38.20 -29.08 24.92
N LYS B 932 -38.14 -28.83 23.60
CA LYS B 932 -37.27 -29.59 22.69
C LYS B 932 -36.88 -28.64 21.57
N VAL B 933 -35.71 -28.03 21.70
CA VAL B 933 -35.24 -26.98 20.78
C VAL B 933 -34.21 -27.59 19.84
N TYR B 934 -34.42 -27.41 18.54
CA TYR B 934 -33.50 -27.89 17.53
C TYR B 934 -32.48 -26.79 17.20
N ARG B 935 -31.22 -27.19 17.09
CA ARG B 935 -30.13 -26.25 16.83
C ARG B 935 -29.33 -26.72 15.62
N GLU B 936 -28.72 -25.76 14.94
CA GLU B 936 -28.02 -25.99 13.68
C GLU B 936 -26.59 -25.51 13.80
N LYS B 937 -25.65 -26.30 13.25
CA LYS B 937 -24.23 -25.99 13.30
C LYS B 937 -23.65 -25.51 11.98
N ASP B 938 -24.25 -25.88 10.86
CA ASP B 938 -23.77 -25.48 9.53
C ASP B 938 -24.36 -24.16 9.04
N ILE B 939 -24.28 -23.15 9.91
CA ILE B 939 -24.89 -21.84 9.68
C ILE B 939 -24.41 -21.24 8.38
N ILE B 940 -25.25 -20.40 7.76
CA ILE B 940 -24.99 -19.86 6.43
C ILE B 940 -24.19 -18.58 6.57
N THR B 941 -23.09 -18.50 5.81
CA THR B 941 -22.24 -17.32 5.82
C THR B 941 -22.84 -16.21 4.95
N HIS B 942 -22.29 -15.01 5.11
CA HIS B 942 -22.80 -13.81 4.46
C HIS B 942 -21.99 -13.39 3.23
N GLU B 943 -21.00 -14.18 2.82
CA GLU B 943 -20.04 -13.74 1.81
C GLU B 943 -20.29 -14.36 0.44
N GLU B 944 -21.46 -14.94 0.20
CA GLU B 944 -21.73 -15.55 -1.09
C GLU B 944 -23.24 -15.61 -1.32
N PHE B 945 -23.63 -15.35 -2.56
CA PHE B 945 -25.02 -15.49 -3.01
C PHE B 945 -25.17 -16.91 -3.54
N THR B 946 -25.61 -17.82 -2.67
CA THR B 946 -25.76 -19.22 -3.06
C THR B 946 -26.83 -19.37 -4.13
N GLU B 947 -26.62 -20.34 -5.02
CA GLU B 947 -27.48 -20.48 -6.19
C GLU B 947 -28.88 -20.92 -5.81
N GLU B 948 -29.00 -21.83 -4.84
CA GLU B 948 -30.27 -22.42 -4.47
C GLU B 948 -31.00 -21.65 -3.37
N LEU B 949 -30.61 -20.40 -3.12
CA LEU B 949 -31.22 -19.58 -2.09
C LEU B 949 -31.78 -18.30 -2.70
N LEU B 950 -32.96 -17.91 -2.25
CA LEU B 950 -33.69 -16.79 -2.81
C LEU B 950 -33.34 -15.49 -2.10
N SER B 951 -33.60 -14.38 -2.78
CA SER B 951 -33.35 -13.05 -2.23
C SER B 951 -34.24 -12.05 -2.96
N GLY B 952 -35.13 -11.38 -2.22
CA GLY B 952 -36.07 -10.44 -2.82
C GLY B 952 -36.56 -9.43 -1.82
N LYS B 953 -37.82 -9.01 -1.97
CA LYS B 953 -38.41 -7.99 -1.12
C LYS B 953 -39.92 -8.20 -1.09
N ILE B 954 -40.55 -7.73 -0.01
CA ILE B 954 -41.98 -7.88 0.20
C ILE B 954 -42.58 -6.51 0.51
N ASN B 955 -43.75 -6.24 -0.07
CA ASN B 955 -44.51 -5.03 0.21
C ASN B 955 -45.85 -5.42 0.81
N CYS B 956 -46.26 -4.74 1.89
CA CYS B 956 -47.47 -5.11 2.60
C CYS B 956 -48.15 -3.85 3.14
N LYS B 957 -49.43 -4.00 3.46
CA LYS B 957 -50.25 -2.93 4.00
C LYS B 957 -50.77 -3.32 5.38
N LEU B 958 -51.06 -2.30 6.19
CA LEU B 958 -51.53 -2.50 7.56
C LEU B 958 -52.84 -1.76 7.75
N GLU B 959 -53.84 -2.43 8.31
CA GLU B 959 -55.13 -1.85 8.62
C GLU B 959 -55.43 -2.04 10.10
N THR B 960 -55.95 -0.99 10.72
CA THR B 960 -56.22 -0.99 12.16
C THR B 960 -57.69 -1.30 12.42
N LEU B 961 -57.94 -2.01 13.52
CA LEU B 961 -59.28 -2.37 13.96
C LEU B 961 -59.74 -1.59 15.18
N THR B 962 -58.86 -1.38 16.14
CA THR B 962 -59.16 -0.59 17.34
C THR B 962 -58.28 0.66 17.31
N PRO B 963 -58.55 1.66 18.16
CA PRO B 963 -57.70 2.85 18.18
C PRO B 963 -56.24 2.51 18.47
N LEU B 964 -55.34 3.23 17.82
CA LEU B 964 -53.91 3.00 17.91
C LEU B 964 -53.23 4.17 18.61
N ILE B 965 -52.28 3.87 19.49
CA ILE B 965 -51.53 4.88 20.22
C ILE B 965 -50.05 4.59 20.05
N ILE B 966 -49.32 5.50 19.43
CA ILE B 966 -47.87 5.43 19.31
C ILE B 966 -47.29 6.69 19.95
N PRO B 967 -46.90 6.62 21.22
CA PRO B 967 -46.44 7.82 21.91
C PRO B 967 -45.11 8.32 21.37
N ASP B 968 -44.92 9.63 21.47
CA ASP B 968 -43.66 10.28 21.11
C ASP B 968 -43.04 10.82 22.38
N THR B 969 -41.99 10.16 22.85
CA THR B 969 -41.37 10.47 24.14
C THR B 969 -40.34 11.59 24.05
N SER B 970 -40.13 12.14 22.84
CA SER B 970 -39.15 13.22 22.69
C SER B 970 -39.51 14.43 23.54
N ASP B 971 -40.79 14.80 23.54
CA ASP B 971 -41.29 15.91 24.35
C ASP B 971 -42.29 15.37 25.35
N GLU B 972 -42.05 15.64 26.64
CA GLU B 972 -42.98 15.22 27.69
C GLU B 972 -44.13 16.20 27.88
N ASN B 973 -44.06 17.39 27.29
CA ASN B 973 -45.14 18.37 27.32
C ASN B 973 -45.37 18.82 25.88
N GLY B 974 -46.19 18.06 25.15
CA GLY B 974 -46.45 18.36 23.76
C GLY B 974 -47.79 19.01 23.53
N LEU B 975 -48.77 18.65 24.34
CA LEU B 975 -50.10 19.24 24.24
C LEU B 975 -50.21 20.57 24.98
N LYS B 976 -49.18 20.97 25.71
CA LYS B 976 -49.12 22.26 26.41
C LYS B 976 -50.26 22.38 27.42
N LEU B 977 -50.26 21.48 28.40
CA LEU B 977 -51.23 21.50 29.48
C LEU B 977 -50.55 21.26 30.83
N GLN B 978 -49.24 21.45 30.90
CA GLN B 978 -48.46 21.30 32.13
C GLN B 978 -48.33 22.63 32.86
N GLY B 979 -49.39 23.43 32.80
CA GLY B 979 -49.44 24.71 33.48
C GLY B 979 -50.21 24.60 34.79
N ASN B 980 -51.50 24.94 34.74
CA ASN B 980 -52.33 24.85 35.95
C ASN B 980 -52.35 23.44 36.52
N LYS B 981 -52.10 22.42 35.70
CA LYS B 981 -51.96 21.04 36.17
C LYS B 981 -50.50 20.61 36.02
N PRO B 982 -49.71 20.66 37.07
CA PRO B 982 -48.32 20.21 36.97
C PRO B 982 -48.18 18.71 37.16
N GLY B 983 -47.07 18.18 36.64
CA GLY B 983 -46.76 16.77 36.81
C GLY B 983 -47.54 15.80 35.94
N HIS B 984 -48.30 16.30 34.97
CA HIS B 984 -49.10 15.47 34.09
C HIS B 984 -48.44 15.44 32.71
N LYS B 985 -47.97 14.27 32.30
CA LYS B 985 -47.24 14.12 31.05
C LYS B 985 -48.18 14.10 29.87
N ASN B 986 -47.80 14.79 28.80
CA ASN B 986 -48.61 14.87 27.59
C ASN B 986 -47.74 14.56 26.39
N TYR B 987 -48.10 13.55 25.61
CA TYR B 987 -47.42 13.19 24.39
C TYR B 987 -48.33 13.42 23.19
N LYS B 988 -47.83 13.07 22.01
CA LYS B 988 -48.63 13.09 20.78
C LYS B 988 -48.19 11.90 19.94
N PHE B 989 -48.62 11.87 18.69
CA PHE B 989 -48.31 10.77 17.80
C PHE B 989 -46.93 10.94 17.18
N PHE B 990 -46.24 9.82 16.97
CA PHE B 990 -44.90 9.85 16.41
C PHE B 990 -44.94 10.44 15.00
N ASN B 991 -44.02 11.37 14.73
CA ASN B 991 -43.98 12.02 13.43
C ASN B 991 -42.58 12.56 13.17
N ILE B 992 -42.24 12.66 11.89
CA ILE B 992 -41.02 13.32 11.43
C ILE B 992 -41.43 14.34 10.38
N ASN B 993 -41.07 15.60 10.61
CA ASN B 993 -41.45 16.70 9.71
C ASN B 993 -42.96 16.77 9.53
N GLY B 994 -43.70 16.51 10.60
CA GLY B 994 -45.15 16.53 10.55
C GLY B 994 -45.78 15.46 9.70
N GLU B 995 -45.22 14.25 9.70
CA GLU B 995 -45.77 13.12 8.97
C GLU B 995 -45.87 11.93 9.90
N LEU B 996 -47.09 11.44 10.13
CA LEU B 996 -47.29 10.30 11.00
C LEU B 996 -46.58 9.07 10.46
N MET B 997 -45.88 8.35 11.32
CA MET B 997 -45.10 7.19 10.92
C MET B 997 -45.13 6.15 12.03
N ILE B 998 -44.59 4.98 11.73
CA ILE B 998 -44.39 3.91 12.71
C ILE B 998 -42.95 3.43 12.60
N PRO B 999 -42.18 3.43 13.68
CA PRO B 999 -40.79 2.94 13.59
C PRO B 999 -40.73 1.45 13.28
N GLY B 1000 -39.66 1.07 12.58
CA GLY B 1000 -39.49 -0.32 12.22
C GLY B 1000 -39.09 -1.24 13.36
N SER B 1001 -38.64 -0.66 14.48
CA SER B 1001 -38.24 -1.47 15.63
C SER B 1001 -39.44 -2.23 16.21
N GLU B 1002 -40.59 -1.56 16.33
CA GLU B 1002 -41.76 -2.21 16.88
C GLU B 1002 -42.24 -3.34 15.99
N LEU B 1003 -42.27 -3.12 14.68
CA LEU B 1003 -42.66 -4.17 13.75
C LEU B 1003 -41.69 -5.35 13.80
N ARG B 1004 -40.39 -5.06 13.82
CA ARG B 1004 -39.40 -6.12 13.89
C ARG B 1004 -39.58 -6.94 15.17
N GLY B 1005 -39.80 -6.27 16.30
CA GLY B 1005 -40.00 -6.98 17.54
C GLY B 1005 -41.26 -7.83 17.54
N MET B 1006 -42.36 -7.29 16.99
CA MET B 1006 -43.62 -8.03 16.97
C MET B 1006 -43.49 -9.30 16.12
N LEU B 1007 -43.00 -9.16 14.88
CA LEU B 1007 -42.83 -10.35 14.06
C LEU B 1007 -41.77 -11.30 14.61
N ARG B 1008 -40.73 -10.79 15.26
CA ARG B 1008 -39.75 -11.69 15.86
C ARG B 1008 -40.37 -12.51 16.98
N THR B 1009 -41.18 -11.88 17.83
CA THR B 1009 -41.85 -12.62 18.89
C THR B 1009 -42.82 -13.64 18.32
N HIS B 1010 -43.56 -13.27 17.27
CA HIS B 1010 -44.48 -14.23 16.64
C HIS B 1010 -43.73 -15.42 16.06
N PHE B 1011 -42.62 -15.16 15.36
CA PHE B 1011 -41.84 -16.25 14.78
C PHE B 1011 -41.23 -17.14 15.86
N GLU B 1012 -40.77 -16.54 16.95
CA GLU B 1012 -40.23 -17.34 18.05
C GLU B 1012 -41.31 -18.24 18.66
N ALA B 1013 -42.52 -17.69 18.85
CA ALA B 1013 -43.61 -18.51 19.37
C ALA B 1013 -43.97 -19.64 18.41
N LEU B 1014 -43.99 -19.34 17.11
CA LEU B 1014 -44.36 -20.36 16.12
C LEU B 1014 -43.33 -21.47 16.04
N THR B 1015 -42.04 -21.13 16.11
CA THR B 1015 -40.97 -22.08 15.85
C THR B 1015 -40.33 -22.61 17.14
N LYS B 1016 -40.94 -22.34 18.29
CA LYS B 1016 -40.48 -22.82 19.61
C LYS B 1016 -38.97 -22.65 19.78
N SER B 1017 -38.52 -21.42 19.51
CA SER B 1017 -37.11 -21.07 19.66
C SER B 1017 -36.79 -20.77 21.12
N CYS B 1018 -35.60 -20.21 21.37
CA CYS B 1018 -35.16 -19.88 22.71
C CYS B 1018 -35.63 -18.49 23.10
N PHE B 1019 -35.51 -18.18 24.40
CA PHE B 1019 -35.90 -16.88 24.93
C PHE B 1019 -34.77 -15.89 24.70
N ALA B 1020 -34.94 -15.00 23.73
CA ALA B 1020 -33.88 -14.04 23.41
C ALA B 1020 -33.66 -13.06 24.54
N ILE B 1021 -34.72 -12.58 25.18
CA ILE B 1021 -34.64 -11.60 26.25
C ILE B 1021 -35.19 -12.23 27.52
N PHE B 1022 -34.43 -12.11 28.61
CA PHE B 1022 -34.82 -12.72 29.87
C PHE B 1022 -34.09 -12.02 31.01
N GLY B 1023 -34.75 -11.92 32.16
CA GLY B 1023 -34.12 -11.41 33.36
C GLY B 1023 -33.52 -12.54 34.18
N GLU B 1024 -32.20 -12.72 34.07
CA GLU B 1024 -31.55 -13.89 34.65
C GLU B 1024 -31.62 -13.87 36.18
N ASP B 1025 -31.36 -12.72 36.79
CA ASP B 1025 -31.26 -12.60 38.25
C ASP B 1025 -32.45 -11.82 38.79
N SER B 1026 -33.16 -12.43 39.73
CA SER B 1026 -34.29 -11.81 40.40
C SER B 1026 -34.67 -12.65 41.61
N THR B 1027 -35.36 -12.03 42.57
CA THR B 1027 -35.80 -12.69 43.78
C THR B 1027 -37.29 -12.46 43.98
N LEU B 1028 -37.91 -13.39 44.70
CA LEU B 1028 -39.35 -13.35 44.98
C LEU B 1028 -39.57 -13.39 46.49
N SER B 1029 -40.51 -12.57 46.96
CA SER B 1029 -40.88 -12.54 48.37
C SER B 1029 -42.40 -12.55 48.47
N TRP B 1030 -42.90 -13.14 49.56
CA TRP B 1030 -44.33 -13.29 49.80
C TRP B 1030 -44.73 -12.38 50.95
N ARG B 1031 -45.67 -11.46 50.68
CA ARG B 1031 -46.15 -10.50 51.68
C ARG B 1031 -45.01 -9.74 52.35
N CYS B 1390 -38.05 -14.72 49.84
CA CYS B 1390 -37.22 -15.71 50.51
C CYS B 1390 -37.30 -17.06 49.80
N ALA B 1391 -37.08 -17.04 48.49
CA ALA B 1391 -37.13 -18.25 47.68
C ALA B 1391 -35.81 -19.01 47.82
N SER B 1392 -35.64 -20.05 46.99
CA SER B 1392 -34.43 -20.86 47.03
C SER B 1392 -33.39 -20.35 46.02
N LYS B 1393 -33.77 -20.28 44.75
CA LYS B 1393 -32.88 -19.84 43.68
C LYS B 1393 -33.45 -18.58 43.03
N THR B 1394 -32.78 -18.14 41.96
CA THR B 1394 -33.23 -16.98 41.21
C THR B 1394 -34.16 -17.42 40.08
N LEU B 1395 -34.69 -16.44 39.34
CA LEU B 1395 -35.60 -16.71 38.25
C LEU B 1395 -34.91 -17.38 37.05
N GLY B 1396 -33.58 -17.32 36.98
CA GLY B 1396 -32.87 -17.97 35.90
C GLY B 1396 -32.61 -19.44 36.20
N GLY B 1397 -32.73 -19.83 37.47
CA GLY B 1397 -32.53 -21.21 37.84
C GLY B 1397 -33.69 -22.11 37.50
N LYS B 1398 -34.91 -21.58 37.51
CA LYS B 1398 -36.09 -22.36 37.18
C LYS B 1398 -36.29 -22.52 35.68
N LEU B 1399 -35.66 -21.68 34.86
CA LEU B 1399 -35.77 -21.81 33.42
C LEU B 1399 -35.07 -23.07 32.94
N ASP B 1400 -35.64 -23.70 31.91
CA ASP B 1400 -35.07 -24.92 31.38
C ASP B 1400 -33.73 -24.65 30.71
N LYS B 1401 -32.85 -25.65 30.73
CA LYS B 1401 -31.51 -25.48 30.18
C LYS B 1401 -31.54 -25.20 28.68
N ALA B 1402 -32.38 -25.92 27.94
CA ALA B 1402 -32.40 -25.78 26.50
C ALA B 1402 -33.00 -24.45 26.04
N LEU B 1403 -33.84 -23.83 26.85
CA LEU B 1403 -34.49 -22.58 26.47
C LEU B 1403 -33.63 -21.35 26.72
N HIS B 1404 -32.44 -21.52 27.30
CA HIS B 1404 -31.59 -20.38 27.57
C HIS B 1404 -31.11 -19.75 26.26
N PRO B 1405 -30.90 -18.43 26.24
CA PRO B 1405 -30.48 -17.76 25.00
C PRO B 1405 -29.13 -18.27 24.52
N CYS B 1406 -28.98 -18.33 23.20
CA CYS B 1406 -27.74 -18.79 22.60
C CYS B 1406 -26.61 -17.81 22.91
N THR B 1407 -25.43 -18.37 23.23
CA THR B 1407 -24.29 -17.56 23.64
C THR B 1407 -23.04 -17.78 22.78
N GLY B 1408 -23.09 -18.68 21.80
CA GLY B 1408 -21.94 -18.94 20.97
C GLY B 1408 -22.33 -19.65 19.69
N LEU B 1409 -21.43 -19.58 18.72
CA LEU B 1409 -21.67 -20.18 17.40
C LEU B 1409 -21.29 -21.65 17.34
N SER B 1410 -20.74 -22.21 18.42
CA SER B 1410 -20.32 -23.61 18.41
C SER B 1410 -21.44 -24.56 18.80
N ASP B 1411 -22.21 -24.22 19.83
CA ASP B 1411 -23.27 -25.10 20.30
C ASP B 1411 -24.36 -25.28 19.25
N GLY B 1412 -24.75 -24.20 18.60
CA GLY B 1412 -25.80 -24.21 17.60
C GLY B 1412 -26.76 -23.06 17.82
N LEU B 1413 -27.47 -22.70 16.75
CA LEU B 1413 -28.41 -21.58 16.78
C LEU B 1413 -29.82 -22.09 16.50
N CYS B 1414 -30.76 -21.68 17.34
CA CYS B 1414 -32.16 -22.00 17.11
C CYS B 1414 -32.68 -21.20 15.91
N PRO B 1415 -33.78 -21.64 15.30
CA PRO B 1415 -34.27 -20.95 14.08
C PRO B 1415 -34.50 -19.46 14.26
N GLY B 1416 -35.02 -19.03 15.43
CA GLY B 1416 -35.24 -17.61 15.64
C GLY B 1416 -33.95 -16.82 15.65
N CYS B 1417 -32.96 -17.30 16.40
CA CYS B 1417 -31.66 -16.62 16.43
C CYS B 1417 -30.92 -16.78 15.11
N HIS B 1418 -31.06 -17.94 14.47
CA HIS B 1418 -30.40 -18.16 13.19
C HIS B 1418 -30.99 -17.31 12.08
N LEU B 1419 -32.23 -16.87 12.21
CA LEU B 1419 -32.89 -16.07 11.18
C LEU B 1419 -32.84 -14.57 11.46
N PHE B 1420 -33.06 -14.15 12.71
CA PHE B 1420 -33.13 -12.74 13.04
C PHE B 1420 -31.81 -12.15 13.52
N GLY B 1421 -30.94 -12.95 14.11
CA GLY B 1421 -29.62 -12.47 14.46
C GLY B 1421 -29.22 -12.61 15.91
N THR B 1422 -27.91 -12.56 16.18
CA THR B 1422 -27.36 -12.65 17.52
C THR B 1422 -26.20 -11.67 17.63
N THR B 1423 -25.66 -11.53 18.84
CA THR B 1423 -24.54 -10.62 19.06
C THR B 1423 -23.31 -11.00 18.25
N ASP B 1424 -23.15 -12.28 17.91
CA ASP B 1424 -22.03 -12.75 17.11
C ASP B 1424 -22.46 -13.22 15.73
N TYR B 1425 -23.64 -12.82 15.28
CA TYR B 1425 -24.16 -13.28 13.98
C TYR B 1425 -25.21 -12.30 13.50
N LYS B 1426 -24.95 -11.64 12.38
CA LYS B 1426 -25.88 -10.66 11.83
C LYS B 1426 -27.07 -11.35 11.20
N GLY B 1427 -28.27 -10.79 11.43
CA GLY B 1427 -29.49 -11.38 10.92
C GLY B 1427 -29.63 -11.25 9.42
N ARG B 1428 -30.66 -11.92 8.90
CA ARG B 1428 -30.87 -12.01 7.45
C ARG B 1428 -32.16 -11.34 6.99
N VAL B 1429 -32.85 -10.60 7.86
CA VAL B 1429 -34.08 -9.92 7.49
C VAL B 1429 -34.01 -8.47 7.95
N LYS B 1430 -34.69 -7.59 7.22
CA LYS B 1430 -34.71 -6.17 7.51
C LYS B 1430 -36.14 -5.64 7.47
N PHE B 1431 -36.40 -4.61 8.27
CA PHE B 1431 -37.69 -3.97 8.33
C PHE B 1431 -37.52 -2.45 8.22
N GLY B 1432 -38.55 -1.78 7.70
CA GLY B 1432 -38.50 -0.36 7.46
C GLY B 1432 -39.65 0.38 8.13
N PHE B 1433 -39.62 1.70 7.99
CA PHE B 1433 -40.65 2.56 8.55
C PHE B 1433 -41.93 2.46 7.72
N ALA B 1434 -43.05 2.73 8.39
CA ALA B 1434 -44.37 2.69 7.76
C ALA B 1434 -44.96 4.08 7.71
N LYS B 1435 -45.41 4.49 6.52
CA LYS B 1435 -45.98 5.82 6.32
C LYS B 1435 -47.50 5.75 6.25
N TYR B 1436 -48.12 6.90 6.42
CA TYR B 1436 -49.58 7.04 6.46
C TYR B 1436 -50.09 7.43 5.07
N GLU B 1437 -51.15 6.76 4.62
CA GLU B 1437 -51.68 6.96 3.28
C GLU B 1437 -53.07 7.60 3.29
N ASN B 1438 -54.03 6.98 3.98
CA ASN B 1438 -55.38 7.51 4.02
C ASN B 1438 -56.01 7.15 5.36
N GLY B 1439 -57.26 7.58 5.56
CA GLY B 1439 -57.94 7.39 6.82
C GLY B 1439 -58.79 8.62 7.14
N PRO B 1440 -59.91 8.41 7.82
CA PRO B 1440 -60.85 9.52 8.05
C PRO B 1440 -60.24 10.67 8.85
N GLU B 1441 -59.84 10.40 10.08
CA GLU B 1441 -59.29 11.41 10.98
C GLU B 1441 -58.81 10.77 12.28
N TRP B 1442 -58.43 11.58 13.25
CA TRP B 1442 -58.20 11.08 14.59
C TRP B 1442 -59.53 10.70 15.24
N LEU B 1443 -59.45 10.20 16.47
CA LEU B 1443 -60.64 9.86 17.25
C LEU B 1443 -61.13 11.13 17.93
N ILE B 1444 -62.04 11.82 17.27
CA ILE B 1444 -62.55 13.09 17.77
C ILE B 1444 -63.66 12.83 18.80
N THR B 1445 -63.52 13.41 19.97
CA THR B 1445 -64.50 13.31 21.04
C THR B 1445 -65.02 14.71 21.37
N ARG B 1446 -65.85 14.79 22.40
CA ARG B 1446 -66.42 16.07 22.87
C ARG B 1446 -66.36 16.08 24.40
N GLY B 1447 -65.34 16.73 24.94
CA GLY B 1447 -65.18 16.83 26.37
C GLY B 1447 -64.67 18.19 26.82
N ASN B 1448 -63.65 18.19 27.67
CA ASN B 1448 -63.02 19.41 28.16
C ASN B 1448 -61.63 19.63 27.56
N ASN B 1449 -60.93 18.55 27.22
CA ASN B 1449 -59.59 18.62 26.67
C ASN B 1449 -59.69 18.75 25.15
N PRO B 1450 -58.56 18.94 24.43
CA PRO B 1450 -58.62 18.94 22.96
C PRO B 1450 -59.24 17.66 22.42
N GLU B 1451 -60.04 17.79 21.35
CA GLU B 1451 -60.87 16.69 20.88
C GLU B 1451 -60.06 15.52 20.34
N ARG B 1452 -58.80 15.73 19.98
CA ARG B 1452 -57.96 14.68 19.44
C ARG B 1452 -57.13 13.98 20.52
N SER B 1453 -57.56 14.05 21.78
CA SER B 1453 -56.79 13.49 22.89
C SER B 1453 -57.68 12.60 23.74
N LEU B 1454 -57.03 11.86 24.63
CA LEU B 1454 -57.73 10.96 25.56
C LEU B 1454 -56.89 10.81 26.82
N THR B 1455 -57.54 10.39 27.90
CA THR B 1455 -56.88 10.15 29.17
C THR B 1455 -56.96 8.67 29.49
N LEU B 1456 -55.80 8.05 29.73
CA LEU B 1456 -55.73 6.62 29.98
C LEU B 1456 -55.96 6.34 31.48
N GLY B 1457 -55.86 5.06 31.84
CA GLY B 1457 -56.05 4.65 33.21
C GLY B 1457 -54.73 4.38 33.93
N VAL B 1458 -54.76 3.47 34.91
CA VAL B 1458 -53.56 3.15 35.66
C VAL B 1458 -52.98 1.84 35.16
N LEU B 1459 -51.72 1.88 34.73
CA LEU B 1459 -51.01 0.68 34.28
C LEU B 1459 -49.59 0.78 34.83
N GLU B 1460 -49.17 -0.24 35.58
CA GLU B 1460 -47.87 -0.19 36.23
C GLU B 1460 -47.47 -1.55 36.77
N SER B 1461 -46.17 -1.79 36.82
CA SER B 1461 -45.53 -2.84 37.60
C SER B 1461 -46.10 -4.24 37.36
N PRO B 1462 -45.78 -4.87 36.24
CA PRO B 1462 -46.10 -6.30 36.09
C PRO B 1462 -45.44 -7.10 37.19
N ARG B 1463 -46.14 -8.11 37.69
CA ARG B 1463 -45.67 -8.85 38.85
C ARG B 1463 -45.34 -10.29 38.47
N PRO B 1464 -44.06 -10.63 38.27
CA PRO B 1464 -43.71 -12.03 38.01
C PRO B 1464 -44.16 -12.98 39.11
N ALA B 1465 -44.17 -12.54 40.36
CA ALA B 1465 -44.48 -13.42 41.48
C ALA B 1465 -45.99 -13.56 41.66
N PHE B 1466 -46.70 -13.90 40.59
CA PHE B 1466 -48.12 -14.18 40.64
C PHE B 1466 -48.47 -15.52 40.02
N SER B 1467 -47.77 -15.92 38.96
CA SER B 1467 -47.95 -17.22 38.33
C SER B 1467 -47.16 -18.32 39.02
N ILE B 1468 -46.21 -17.97 39.88
CA ILE B 1468 -45.42 -18.94 40.64
C ILE B 1468 -45.73 -18.74 42.11
N PRO B 1469 -46.54 -19.60 42.74
CA PRO B 1469 -46.96 -19.34 44.12
C PRO B 1469 -45.82 -19.35 45.12
N ASP B 1470 -45.10 -20.48 45.25
CA ASP B 1470 -43.94 -20.52 46.13
C ASP B 1470 -43.05 -21.70 45.72
N ASP B 1471 -42.01 -21.42 44.93
CA ASP B 1471 -40.87 -22.31 44.76
C ASP B 1471 -41.23 -23.72 44.29
N GLU B 1472 -42.48 -23.95 43.91
CA GLU B 1472 -42.93 -25.29 43.57
C GLU B 1472 -43.41 -25.42 42.13
N SER B 1473 -43.23 -24.39 41.31
CA SER B 1473 -43.68 -24.42 39.93
C SER B 1473 -42.64 -23.75 39.05
N GLU B 1474 -42.62 -24.17 37.78
CA GLU B 1474 -41.77 -23.57 36.77
C GLU B 1474 -42.52 -22.46 36.04
N ILE B 1475 -41.79 -21.68 35.26
CA ILE B 1475 -42.42 -20.57 34.53
C ILE B 1475 -43.35 -21.13 33.47
N PRO B 1476 -44.50 -20.50 33.21
CA PRO B 1476 -45.42 -21.01 32.19
C PRO B 1476 -44.90 -20.81 30.77
N GLY B 1477 -44.41 -19.61 30.48
CA GLY B 1477 -43.92 -19.31 29.15
C GLY B 1477 -44.26 -17.91 28.68
N ARG B 1478 -44.31 -17.72 27.36
CA ARG B 1478 -44.59 -16.40 26.80
C ARG B 1478 -46.01 -15.95 27.12
N LYS B 1479 -46.18 -14.64 27.25
CA LYS B 1479 -47.44 -14.03 27.62
C LYS B 1479 -48.02 -13.24 26.46
N PHE B 1480 -49.32 -13.39 26.23
CA PHE B 1480 -50.01 -12.72 25.14
C PHE B 1480 -51.31 -12.10 25.66
N TYR B 1481 -51.76 -11.07 24.96
CA TYR B 1481 -52.98 -10.36 25.30
C TYR B 1481 -54.12 -10.82 24.38
N LEU B 1482 -55.27 -10.15 24.48
CA LEU B 1482 -56.46 -10.55 23.75
C LEU B 1482 -57.07 -9.35 23.03
N HIS B 1483 -57.80 -9.63 21.96
CA HIS B 1483 -58.50 -8.61 21.19
C HIS B 1483 -59.91 -8.43 21.74
N HIS B 1484 -60.30 -7.18 21.97
CA HIS B 1484 -61.65 -6.87 22.45
C HIS B 1484 -61.92 -5.40 22.18
N ASN B 1485 -63.04 -4.90 22.72
CA ASN B 1485 -63.48 -3.52 22.54
C ASN B 1485 -63.70 -2.86 23.89
N GLY B 1486 -62.75 -3.01 24.80
CA GLY B 1486 -62.83 -2.43 26.12
C GLY B 1486 -62.40 -0.99 26.20
N TRP B 1487 -62.05 -0.36 25.09
CA TRP B 1487 -61.63 1.03 25.05
C TRP B 1487 -62.79 2.01 25.19
N ARG B 1488 -64.03 1.53 25.08
CA ARG B 1488 -65.19 2.40 25.28
C ARG B 1488 -65.39 2.77 26.75
N ILE B 1489 -65.01 1.87 27.67
CA ILE B 1489 -65.11 2.15 29.10
C ILE B 1489 -64.25 3.35 29.49
N ILE B 1490 -63.03 3.44 28.98
CA ILE B 1490 -62.20 4.61 29.23
C ILE B 1490 -62.82 5.86 28.64
N ARG B 1491 -63.35 5.77 27.42
CA ARG B 1491 -63.89 6.94 26.74
C ARG B 1491 -65.10 7.51 27.48
N GLN B 1492 -66.02 6.66 27.93
CA GLN B 1492 -67.21 7.16 28.62
C GLN B 1492 -66.90 7.63 30.03
N LYS B 1493 -66.00 6.95 30.75
CA LYS B 1493 -65.61 7.38 32.08
C LYS B 1493 -64.68 8.58 32.08
N GLN B 1494 -64.12 8.96 30.92
CA GLN B 1494 -63.46 10.24 30.79
C GLN B 1494 -64.44 11.35 31.19
N LEU B 1495 -63.91 12.55 31.46
CA LEU B 1495 -64.75 13.62 31.99
C LEU B 1495 -65.31 13.23 33.35
N GLU B 1496 -64.49 13.38 34.39
CA GLU B 1496 -64.63 12.87 35.76
C GLU B 1496 -63.98 11.49 35.93
N ILE B 1497 -63.19 11.05 34.95
CA ILE B 1497 -62.06 10.20 35.30
C ILE B 1497 -60.91 11.05 35.85
N ARG B 1498 -60.91 12.35 35.56
CA ARG B 1498 -59.86 13.25 36.04
C ARG B 1498 -60.27 14.03 37.29
N GLU B 1499 -61.56 14.00 37.66
CA GLU B 1499 -62.05 14.81 38.77
C GLU B 1499 -61.61 14.19 40.09
N THR B 1500 -60.46 14.68 40.57
CA THR B 1500 -59.86 14.33 41.86
C THR B 1500 -60.02 12.85 42.21
N VAL B 1501 -59.60 11.99 41.27
CA VAL B 1501 -59.48 10.55 41.50
C VAL B 1501 -58.06 10.08 41.28
N GLN B 1502 -57.49 10.42 40.12
CA GLN B 1502 -56.09 10.12 39.83
C GLN B 1502 -55.31 11.42 39.69
N PRO B 1503 -54.51 11.82 40.69
CA PRO B 1503 -53.86 13.13 40.63
C PRO B 1503 -52.87 13.29 39.50
N GLU B 1504 -51.85 12.42 39.44
CA GLU B 1504 -50.83 12.54 38.41
C GLU B 1504 -50.40 11.19 37.84
N ARG B 1505 -51.07 10.09 38.19
CA ARG B 1505 -50.66 8.78 37.73
C ARG B 1505 -51.10 8.47 36.31
N ASN B 1506 -51.91 9.33 35.70
CA ASN B 1506 -52.40 9.12 34.35
C ASN B 1506 -51.61 9.96 33.36
N VAL B 1507 -51.83 9.67 32.07
CA VAL B 1507 -51.19 10.40 30.98
C VAL B 1507 -52.23 10.71 29.92
N THR B 1508 -51.92 11.71 29.09
CA THR B 1508 -52.80 12.15 28.02
C THR B 1508 -52.02 12.17 26.72
N THR B 1509 -52.58 11.58 25.67
CA THR B 1509 -51.92 11.49 24.39
C THR B 1509 -52.94 11.42 23.27
N GLU B 1510 -52.51 11.77 22.07
CA GLU B 1510 -53.38 11.71 20.90
C GLU B 1510 -53.65 10.26 20.50
N VAL B 1511 -54.73 10.07 19.75
CA VAL B 1511 -55.19 8.74 19.36
C VAL B 1511 -55.51 8.74 17.88
N MET B 1512 -55.59 7.53 17.32
CA MET B 1512 -55.92 7.32 15.91
C MET B 1512 -57.19 6.47 15.80
N ASP B 1513 -57.98 6.76 14.78
CA ASP B 1513 -59.27 6.11 14.59
C ASP B 1513 -59.15 4.88 13.70
N LYS B 1514 -60.21 4.09 13.68
CA LYS B 1514 -60.25 2.89 12.86
C LYS B 1514 -60.27 3.23 11.37
N GLY B 1515 -59.85 2.26 10.56
CA GLY B 1515 -59.86 2.42 9.12
C GLY B 1515 -58.65 3.10 8.54
N ASN B 1516 -57.52 3.13 9.24
CA ASN B 1516 -56.31 3.77 8.77
C ASN B 1516 -55.38 2.74 8.14
N VAL B 1517 -54.61 3.17 7.16
CA VAL B 1517 -53.77 2.28 6.35
C VAL B 1517 -52.33 2.77 6.38
N PHE B 1518 -51.40 1.85 6.65
CA PHE B 1518 -49.97 2.11 6.59
C PHE B 1518 -49.31 1.08 5.69
N SER B 1519 -48.20 1.48 5.07
CA SER B 1519 -47.48 0.61 4.15
C SER B 1519 -45.98 0.63 4.47
N PHE B 1520 -45.36 -0.55 4.45
CA PHE B 1520 -43.94 -0.69 4.74
C PHE B 1520 -43.36 -1.80 3.88
N ASP B 1521 -42.05 -2.02 4.02
CA ASP B 1521 -41.32 -3.00 3.21
C ASP B 1521 -40.51 -3.91 4.12
N VAL B 1522 -40.20 -5.10 3.60
CA VAL B 1522 -39.38 -6.09 4.29
C VAL B 1522 -38.38 -6.64 3.29
N ARG B 1523 -37.12 -6.75 3.70
CA ARG B 1523 -36.04 -7.24 2.86
C ARG B 1523 -35.44 -8.51 3.45
N PHE B 1524 -34.97 -9.39 2.56
CA PHE B 1524 -34.30 -10.62 2.98
C PHE B 1524 -33.32 -11.03 1.89
N GLU B 1525 -32.37 -11.88 2.26
CA GLU B 1525 -31.39 -12.39 1.32
C GLU B 1525 -30.85 -13.72 1.81
N ASN B 1526 -30.44 -14.56 0.86
CA ASN B 1526 -29.88 -15.89 1.14
C ASN B 1526 -30.84 -16.73 1.99
N LEU B 1527 -32.11 -16.75 1.59
CA LEU B 1527 -33.13 -17.48 2.31
C LEU B 1527 -33.40 -18.83 1.63
N ARG B 1528 -33.74 -19.82 2.46
CA ARG B 1528 -34.14 -21.13 1.96
C ARG B 1528 -35.60 -21.09 1.52
N GLU B 1529 -36.20 -22.25 1.30
CA GLU B 1529 -37.58 -22.32 0.85
C GLU B 1529 -38.56 -22.37 2.01
N TRP B 1530 -38.37 -23.30 2.94
CA TRP B 1530 -39.28 -23.41 4.08
C TRP B 1530 -39.17 -22.20 4.99
N GLU B 1531 -37.99 -21.58 5.07
CA GLU B 1531 -37.85 -20.36 5.86
C GLU B 1531 -38.72 -19.25 5.30
N LEU B 1532 -38.69 -19.07 3.98
CA LEU B 1532 -39.54 -18.07 3.35
C LEU B 1532 -41.01 -18.41 3.50
N GLY B 1533 -41.36 -19.70 3.42
CA GLY B 1533 -42.73 -20.10 3.64
C GLY B 1533 -43.23 -19.76 5.03
N LEU B 1534 -42.41 -20.06 6.05
CA LEU B 1534 -42.76 -19.72 7.42
C LEU B 1534 -42.86 -18.21 7.61
N LEU B 1535 -41.94 -17.45 7.00
CA LEU B 1535 -41.99 -16.00 7.09
C LEU B 1535 -43.29 -15.46 6.51
N LEU B 1536 -43.67 -15.94 5.32
CA LEU B 1536 -44.90 -15.48 4.69
C LEU B 1536 -46.13 -15.87 5.51
N GLN B 1537 -46.12 -17.08 6.08
CA GLN B 1537 -47.25 -17.51 6.91
C GLN B 1537 -47.37 -16.66 8.16
N SER B 1538 -46.26 -16.35 8.82
CA SER B 1538 -46.31 -15.54 10.04
C SER B 1538 -46.67 -14.09 9.75
N LEU B 1539 -46.26 -13.57 8.59
CA LEU B 1539 -46.61 -12.20 8.24
C LEU B 1539 -48.11 -12.02 8.03
N ASP B 1540 -48.83 -13.09 7.70
CA ASP B 1540 -50.28 -13.04 7.53
C ASP B 1540 -50.83 -14.44 7.76
N PRO B 1541 -51.22 -14.75 9.00
CA PRO B 1541 -51.74 -16.10 9.27
C PRO B 1541 -52.99 -16.46 8.48
N GLY B 1542 -53.80 -15.47 8.10
CA GLY B 1542 -55.02 -15.70 7.36
C GLY B 1542 -56.07 -14.71 7.79
N LYS B 1543 -57.33 -15.02 7.45
CA LYS B 1543 -58.44 -14.17 7.87
C LYS B 1543 -58.71 -14.36 9.36
N ASN B 1544 -59.59 -13.49 9.88
CA ASN B 1544 -60.06 -13.45 11.27
C ASN B 1544 -58.93 -13.69 12.29
N ILE B 1545 -57.70 -13.27 11.95
CA ILE B 1545 -56.57 -13.31 12.86
C ILE B 1545 -55.77 -12.03 12.70
N ALA B 1546 -55.42 -11.40 13.82
CA ALA B 1546 -54.77 -10.10 13.80
C ALA B 1546 -53.61 -10.09 14.80
N HIS B 1547 -52.93 -8.96 14.89
CA HIS B 1547 -51.78 -8.75 15.76
C HIS B 1547 -52.10 -7.65 16.78
N LYS B 1548 -51.13 -7.37 17.64
CA LYS B 1548 -51.23 -6.32 18.64
C LYS B 1548 -50.00 -5.42 18.56
N LEU B 1549 -50.22 -4.11 18.65
CA LEU B 1549 -49.13 -3.15 18.51
C LEU B 1549 -49.55 -1.83 19.14
N GLY B 1550 -48.67 -1.27 19.97
CA GLY B 1550 -48.89 0.03 20.59
C GLY B 1550 -48.94 -0.06 22.10
N LYS B 1551 -49.32 1.05 22.72
CA LYS B 1551 -49.44 1.15 24.16
C LYS B 1551 -50.90 1.06 24.58
N GLY B 1552 -51.15 0.39 25.70
CA GLY B 1552 -52.50 0.17 26.15
C GLY B 1552 -53.11 -1.15 25.70
N LYS B 1553 -52.28 -2.17 25.47
CA LYS B 1553 -52.80 -3.45 25.00
C LYS B 1553 -53.81 -4.09 25.94
N PRO B 1554 -53.61 -4.14 27.28
CA PRO B 1554 -54.60 -4.80 28.13
C PRO B 1554 -55.92 -4.04 28.24
N TYR B 1555 -56.03 -2.90 27.56
CA TYR B 1555 -57.26 -2.12 27.52
C TYR B 1555 -57.95 -2.19 26.16
N GLY B 1556 -57.53 -3.12 25.30
CA GLY B 1556 -58.15 -3.26 24.00
C GLY B 1556 -57.63 -2.34 22.92
N PHE B 1557 -56.57 -1.60 23.18
CA PHE B 1557 -56.01 -0.67 22.20
C PHE B 1557 -55.02 -1.37 21.28
N GLY B 1558 -54.92 -0.87 20.05
CA GLY B 1558 -53.89 -1.29 19.13
C GLY B 1558 -54.02 -2.70 18.59
N SER B 1559 -55.02 -2.94 17.75
CA SER B 1559 -55.16 -4.19 17.03
C SER B 1559 -55.10 -3.91 15.54
N VAL B 1560 -54.19 -4.58 14.83
CA VAL B 1560 -53.93 -4.30 13.42
C VAL B 1560 -53.96 -5.59 12.63
N LYS B 1561 -54.18 -5.44 11.32
CA LYS B 1561 -54.18 -6.56 10.38
C LYS B 1561 -53.27 -6.23 9.21
N ILE B 1562 -52.54 -7.23 8.74
CA ILE B 1562 -51.53 -7.07 7.70
C ILE B 1562 -51.87 -7.97 6.53
N LYS B 1563 -51.83 -7.42 5.32
CA LYS B 1563 -52.03 -8.18 4.09
C LYS B 1563 -50.86 -7.93 3.15
N ILE B 1564 -50.55 -8.93 2.33
CA ILE B 1564 -49.41 -8.87 1.42
C ILE B 1564 -49.89 -8.31 0.08
N ASP B 1565 -49.19 -7.28 -0.41
CA ASP B 1565 -49.58 -6.64 -1.66
C ASP B 1565 -48.89 -7.26 -2.87
N SER B 1566 -47.62 -7.64 -2.74
CA SER B 1566 -46.88 -8.24 -3.84
C SER B 1566 -45.66 -8.94 -3.27
N LEU B 1567 -44.84 -9.48 -4.17
CA LEU B 1567 -43.61 -10.17 -3.78
C LEU B 1567 -42.70 -10.24 -5.00
N HIS B 1568 -41.43 -9.86 -4.82
CA HIS B 1568 -40.44 -9.88 -5.88
C HIS B 1568 -39.25 -10.72 -5.44
N THR B 1569 -38.45 -11.12 -6.42
CA THR B 1569 -37.25 -11.92 -6.15
C THR B 1569 -36.28 -11.74 -7.30
N PHE B 1570 -35.05 -11.37 -6.99
CA PHE B 1570 -33.99 -11.23 -7.99
C PHE B 1570 -33.06 -12.43 -7.94
N LYS B 1571 -32.68 -12.91 -9.12
CA LYS B 1571 -31.82 -14.08 -9.26
C LYS B 1571 -30.45 -13.62 -9.75
N ILE B 1572 -29.39 -14.07 -9.08
CA ILE B 1572 -28.04 -13.72 -9.46
C ILE B 1572 -27.34 -14.95 -10.04
N ASN B 1573 -27.05 -14.92 -11.34
CA ASN B 1573 -26.40 -16.00 -12.04
C ASN B 1573 -25.22 -15.46 -12.84
N SER B 1574 -24.65 -16.31 -13.69
CA SER B 1574 -23.56 -15.88 -14.55
C SER B 1574 -24.04 -14.93 -15.63
N ASN B 1575 -25.31 -15.06 -16.04
CA ASN B 1575 -25.87 -14.24 -17.11
C ASN B 1575 -26.48 -12.94 -16.59
N ASN B 1576 -26.38 -12.67 -15.29
CA ASN B 1576 -26.86 -11.43 -14.67
C ASN B 1576 -28.36 -11.25 -14.91
N ASP B 1577 -29.12 -12.17 -14.32
CA ASP B 1577 -30.58 -12.13 -14.41
C ASP B 1577 -31.13 -10.92 -13.65
N LYS B 1578 -32.42 -10.66 -13.84
CA LYS B 1578 -33.06 -9.49 -13.24
C LYS B 1578 -34.19 -9.89 -12.31
N ILE B 1579 -34.92 -8.90 -11.81
CA ILE B 1579 -35.98 -9.13 -10.83
C ILE B 1579 -37.27 -9.48 -11.57
N LYS B 1580 -38.17 -10.18 -10.88
CA LYS B 1580 -39.45 -10.59 -11.45
C LYS B 1580 -40.45 -10.82 -10.33
N ARG B 1581 -41.74 -10.79 -10.69
CA ARG B 1581 -42.82 -11.01 -9.74
C ARG B 1581 -43.28 -12.46 -9.83
N VAL B 1582 -43.35 -13.13 -8.67
CA VAL B 1582 -43.74 -14.53 -8.63
C VAL B 1582 -45.25 -14.65 -8.65
N PRO B 1583 -45.80 -15.69 -9.28
CA PRO B 1583 -47.26 -15.91 -9.22
C PRO B 1583 -47.72 -16.48 -7.89
N GLN B 1584 -49.00 -16.83 -7.80
CA GLN B 1584 -49.55 -17.39 -6.57
C GLN B 1584 -49.16 -18.86 -6.37
N SER B 1585 -48.93 -19.59 -7.47
CA SER B 1585 -48.68 -21.03 -7.35
C SER B 1585 -47.39 -21.31 -6.59
N ASP B 1586 -46.31 -20.61 -6.94
CA ASP B 1586 -45.06 -20.83 -6.23
C ASP B 1586 -45.12 -20.34 -4.78
N ILE B 1587 -45.91 -19.31 -4.51
CA ILE B 1587 -46.09 -18.86 -3.13
C ILE B 1587 -46.80 -19.94 -2.31
N ARG B 1588 -47.86 -20.53 -2.88
CA ARG B 1588 -48.53 -21.63 -2.19
C ARG B 1588 -47.61 -22.83 -2.02
N GLU B 1589 -46.74 -23.08 -3.01
CA GLU B 1589 -45.75 -24.14 -2.87
C GLU B 1589 -44.78 -23.84 -1.72
N TYR B 1590 -44.37 -22.58 -1.59
CA TYR B 1590 -43.50 -22.20 -0.47
C TYR B 1590 -44.18 -22.45 0.86
N ILE B 1591 -45.44 -22.07 0.97
CA ILE B 1591 -46.18 -22.27 2.22
C ILE B 1591 -46.32 -23.76 2.52
N ASN B 1592 -46.61 -24.56 1.49
CA ASN B 1592 -46.72 -26.00 1.68
C ASN B 1592 -45.40 -26.62 2.10
N LYS B 1593 -44.29 -26.15 1.52
CA LYS B 1593 -42.98 -26.64 1.93
C LYS B 1593 -42.67 -26.26 3.37
N GLY B 1594 -43.07 -25.05 3.79
CA GLY B 1594 -42.91 -24.69 5.18
C GLY B 1594 -43.73 -25.57 6.11
N TYR B 1595 -44.95 -25.89 5.71
CA TYR B 1595 -45.77 -26.82 6.49
C TYR B 1595 -45.09 -28.19 6.58
N GLN B 1596 -44.55 -28.67 5.47
CA GLN B 1596 -43.86 -29.95 5.46
C GLN B 1596 -42.66 -29.95 6.41
N LYS B 1597 -41.88 -28.87 6.38
CA LYS B 1597 -40.73 -28.78 7.28
C LYS B 1597 -41.18 -28.74 8.73
N LEU B 1598 -42.25 -28.00 9.03
CA LEU B 1598 -42.74 -27.93 10.40
C LEU B 1598 -43.25 -29.28 10.89
N ILE B 1599 -43.98 -30.01 10.04
CA ILE B 1599 -44.51 -31.30 10.46
C ILE B 1599 -43.39 -32.33 10.57
N GLU B 1600 -42.33 -32.19 9.76
CA GLU B 1600 -41.15 -33.02 9.96
C GLU B 1600 -40.48 -32.71 11.30
N TRP B 1601 -40.41 -31.42 11.65
CA TRP B 1601 -39.85 -31.04 12.94
C TRP B 1601 -40.70 -31.55 14.10
N SER B 1602 -42.00 -31.73 13.87
CA SER B 1602 -42.87 -32.24 14.92
C SER B 1602 -42.43 -33.61 15.41
N GLY B 1603 -41.86 -34.42 14.52
CA GLY B 1603 -41.30 -35.71 14.88
C GLY B 1603 -42.27 -36.87 14.82
N ASN B 1604 -43.56 -36.62 14.59
CA ASN B 1604 -44.52 -37.70 14.50
C ASN B 1604 -44.34 -38.49 13.21
N ASN B 1605 -44.54 -39.80 13.29
CA ASN B 1605 -44.44 -40.69 12.15
C ASN B 1605 -45.78 -41.27 11.71
N SER B 1606 -46.80 -41.22 12.56
CA SER B 1606 -48.11 -41.73 12.18
C SER B 1606 -48.72 -40.93 11.04
N ILE B 1607 -48.54 -39.61 11.06
CA ILE B 1607 -49.12 -38.74 10.04
C ILE B 1607 -48.28 -38.84 8.77
N GLN B 1608 -48.94 -39.18 7.66
CA GLN B 1608 -48.27 -39.28 6.38
C GLN B 1608 -47.97 -37.88 5.82
N LYS B 1609 -46.94 -37.82 4.97
CA LYS B 1609 -46.50 -36.56 4.38
C LYS B 1609 -46.70 -36.58 2.87
N GLY B 1610 -47.06 -35.43 2.32
CA GLY B 1610 -47.29 -35.31 0.90
C GLY B 1610 -47.89 -33.97 0.50
N ASN B 1611 -48.85 -33.99 -0.43
CA ASN B 1611 -49.50 -32.77 -0.89
C ASN B 1611 -50.82 -32.62 -0.13
N VAL B 1612 -50.71 -32.18 1.12
CA VAL B 1612 -51.85 -32.03 2.00
C VAL B 1612 -52.17 -30.55 2.15
N LEU B 1613 -53.45 -30.21 2.06
CA LEU B 1613 -53.88 -28.82 2.22
C LEU B 1613 -53.53 -28.34 3.62
N PRO B 1614 -53.09 -27.09 3.78
CA PRO B 1614 -52.57 -26.65 5.09
C PRO B 1614 -53.65 -26.45 6.14
N GLN B 1615 -53.75 -27.39 7.07
CA GLN B 1615 -54.61 -27.29 8.24
C GLN B 1615 -53.73 -27.10 9.46
N TRP B 1616 -53.63 -25.86 9.94
CA TRP B 1616 -52.74 -25.52 11.04
C TRP B 1616 -53.30 -25.89 12.41
N HIS B 1617 -54.58 -26.22 12.51
CA HIS B 1617 -55.17 -26.55 13.80
C HIS B 1617 -54.77 -27.94 14.30
N VAL B 1618 -54.16 -28.76 13.44
CA VAL B 1618 -53.79 -30.11 13.85
C VAL B 1618 -52.66 -30.08 14.87
N ILE B 1619 -51.64 -29.25 14.61
CA ILE B 1619 -50.51 -29.15 15.53
C ILE B 1619 -50.98 -28.49 16.83
N PRO B 1620 -50.67 -29.06 18.00
CA PRO B 1620 -51.24 -28.52 19.25
C PRO B 1620 -50.79 -27.09 19.56
N HIS B 1621 -49.48 -26.84 19.58
CA HIS B 1621 -49.01 -25.52 20.00
C HIS B 1621 -49.37 -24.44 18.98
N ILE B 1622 -49.38 -24.79 17.69
CA ILE B 1622 -49.80 -23.82 16.68
C ILE B 1622 -51.26 -23.44 16.87
N ASP B 1623 -52.12 -24.42 17.14
CA ASP B 1623 -53.53 -24.13 17.38
C ASP B 1623 -53.71 -23.30 18.64
N LYS B 1624 -52.94 -23.61 19.69
CA LYS B 1624 -53.02 -22.82 20.92
C LYS B 1624 -52.59 -21.38 20.69
N LEU B 1625 -51.53 -21.18 19.90
CA LEU B 1625 -51.09 -19.83 19.59
C LEU B 1625 -52.11 -19.08 18.75
N TYR B 1626 -52.71 -19.75 17.77
CA TYR B 1626 -53.70 -19.11 16.91
C TYR B 1626 -55.00 -18.81 17.63
N LYS B 1627 -55.31 -19.55 18.71
CA LYS B 1627 -56.49 -19.21 19.51
C LYS B 1627 -56.33 -17.87 20.21
N LEU B 1628 -55.10 -17.42 20.42
CA LEU B 1628 -54.83 -16.16 21.09
C LEU B 1628 -55.08 -14.94 20.21
N LEU B 1629 -55.07 -15.11 18.88
CA LEU B 1629 -55.15 -13.98 17.96
C LEU B 1629 -56.46 -13.97 17.17
N TRP B 1630 -57.47 -14.70 17.64
CA TRP B 1630 -58.75 -14.77 16.93
C TRP B 1630 -59.58 -13.54 17.27
N VAL B 1631 -60.03 -12.83 16.23
CA VAL B 1631 -60.83 -11.62 16.39
C VAL B 1631 -62.30 -12.04 16.40
N PRO B 1632 -63.03 -11.85 17.51
CA PRO B 1632 -64.41 -12.31 17.60
C PRO B 1632 -65.47 -11.30 17.20
N PHE B 1633 -65.08 -10.09 16.77
CA PHE B 1633 -66.04 -9.05 16.44
C PHE B 1633 -65.89 -8.54 15.01
N LEU B 1634 -65.31 -9.35 14.13
CA LEU B 1634 -65.05 -8.89 12.77
C LEU B 1634 -66.32 -8.95 11.91
N ASN B 1635 -66.87 -10.14 11.74
CA ASN B 1635 -68.06 -10.33 10.91
C ASN B 1635 -69.30 -9.95 11.72
N ASP B 1636 -70.49 -10.30 11.20
CA ASP B 1636 -71.75 -10.02 11.89
C ASP B 1636 -72.00 -11.07 12.98
N SER B 1637 -70.99 -11.24 13.82
CA SER B 1637 -71.00 -12.16 14.95
C SER B 1637 -70.43 -11.47 16.19
N LYS B 1638 -70.98 -10.27 16.47
CA LYS B 1638 -70.37 -9.31 17.40
C LYS B 1638 -69.84 -9.98 18.66
N LEU B 1639 -70.73 -10.57 19.46
CA LEU B 1639 -70.34 -11.37 20.61
C LEU B 1639 -69.35 -10.65 21.52
N GLU B 1640 -69.62 -9.38 21.83
CA GLU B 1640 -68.65 -8.55 22.53
C GLU B 1640 -68.45 -9.06 23.96
N PRO B 1641 -67.23 -9.48 24.30
CA PRO B 1641 -66.98 -10.03 25.64
C PRO B 1641 -66.72 -8.91 26.65
N ASP B 1642 -66.38 -9.32 27.87
CA ASP B 1642 -66.08 -8.39 28.95
C ASP B 1642 -64.81 -8.86 29.63
N VAL B 1643 -63.72 -8.13 29.42
CA VAL B 1643 -62.42 -8.44 30.01
C VAL B 1643 -61.96 -7.25 30.84
N ARG B 1644 -61.75 -7.48 32.13
CA ARG B 1644 -61.29 -6.45 33.05
C ARG B 1644 -60.40 -7.08 34.10
N TYR B 1645 -59.50 -6.25 34.65
CA TYR B 1645 -58.71 -6.69 35.78
C TYR B 1645 -59.57 -6.69 37.05
N PRO B 1646 -59.27 -7.55 38.02
CA PRO B 1646 -60.03 -7.55 39.27
C PRO B 1646 -59.89 -6.20 39.98
N VAL B 1647 -61.00 -5.73 40.53
CA VAL B 1647 -61.08 -4.43 41.18
C VAL B 1647 -60.58 -4.52 42.62
N LEU B 1648 -60.42 -3.37 43.27
CA LEU B 1648 -60.07 -3.31 44.67
C LEU B 1648 -61.17 -3.98 45.51
N ASN B 1649 -60.82 -4.32 46.76
CA ASN B 1649 -61.67 -5.17 47.58
C ASN B 1649 -63.04 -4.58 47.86
N GLU B 1650 -63.10 -3.47 48.60
CA GLU B 1650 -64.38 -2.93 49.02
C GLU B 1650 -64.47 -1.43 48.76
N GLU B 1651 -63.34 -0.75 48.72
CA GLU B 1651 -63.28 0.71 48.59
C GLU B 1651 -62.81 1.14 47.21
N SER B 1652 -63.26 0.42 46.17
CA SER B 1652 -62.90 0.75 44.80
C SER B 1652 -63.82 1.85 44.27
N LYS B 1653 -63.67 2.19 43.00
CA LYS B 1653 -64.53 3.16 42.34
C LYS B 1653 -65.48 2.52 41.34
N GLY B 1654 -64.97 1.63 40.49
CA GLY B 1654 -65.78 0.91 39.52
C GLY B 1654 -66.25 -0.46 39.96
N TYR B 1655 -66.10 -0.80 41.23
CA TYR B 1655 -66.48 -2.12 41.72
C TYR B 1655 -68.00 -2.22 41.79
N ILE B 1656 -68.56 -3.20 41.10
CA ILE B 1656 -69.99 -3.46 41.12
C ILE B 1656 -70.24 -4.73 41.93
N GLU B 1657 -71.38 -4.76 42.60
CA GLU B 1657 -71.74 -5.91 43.43
C GLU B 1657 -72.06 -7.11 42.55
N GLY B 1658 -72.10 -8.29 43.17
CA GLY B 1658 -72.39 -9.50 42.45
C GLY B 1658 -71.35 -10.59 42.58
N SER B 1659 -70.64 -10.85 41.47
CA SER B 1659 -69.75 -12.01 41.41
C SER B 1659 -68.57 -11.91 42.36
N ASP B 1660 -68.29 -10.73 42.91
CA ASP B 1660 -67.15 -10.51 43.81
C ASP B 1660 -65.84 -10.88 43.12
N TYR B 1661 -65.53 -10.13 42.06
CA TYR B 1661 -64.39 -10.41 41.20
C TYR B 1661 -63.07 -9.87 41.76
N THR B 1662 -63.09 -9.22 42.92
CA THR B 1662 -61.89 -8.62 43.46
C THR B 1662 -60.84 -9.68 43.81
N TYR B 1663 -59.62 -9.20 44.10
CA TYR B 1663 -58.52 -10.09 44.39
C TYR B 1663 -58.68 -10.81 45.73
N LYS B 1664 -59.55 -10.32 46.61
CA LYS B 1664 -59.72 -10.95 47.91
C LYS B 1664 -60.27 -12.36 47.79
N LYS B 1665 -61.29 -12.55 46.95
CA LYS B 1665 -61.91 -13.87 46.80
C LYS B 1665 -60.95 -14.86 46.15
N LEU B 1666 -60.37 -14.48 45.02
CA LEU B 1666 -59.43 -15.35 44.30
C LEU B 1666 -57.98 -15.09 44.70
N GLY B 1667 -57.73 -15.07 46.01
CA GLY B 1667 -56.39 -14.85 46.52
C GLY B 1667 -56.07 -15.71 47.72
N ASP B 1668 -57.01 -16.59 48.09
CA ASP B 1668 -56.87 -17.47 49.23
C ASP B 1668 -57.06 -18.91 48.78
N LYS B 1669 -56.36 -19.83 49.45
CA LYS B 1669 -56.44 -21.25 49.11
C LYS B 1669 -57.65 -21.90 49.76
N ASP B 1670 -58.82 -21.27 49.59
CA ASP B 1670 -60.08 -21.84 50.07
C ASP B 1670 -61.11 -21.83 48.94
N ASN B 1671 -60.98 -20.86 48.04
CA ASN B 1671 -61.85 -20.77 46.87
C ASN B 1671 -61.12 -21.05 45.57
N LEU B 1672 -59.79 -20.97 45.55
CA LEU B 1672 -59.01 -21.19 44.34
C LEU B 1672 -57.65 -21.79 44.68
N PRO B 1673 -57.44 -23.07 44.41
CA PRO B 1673 -56.12 -23.67 44.65
C PRO B 1673 -55.09 -23.15 43.66
N TYR B 1674 -53.82 -23.31 44.04
CA TYR B 1674 -52.73 -22.82 43.21
C TYR B 1674 -52.71 -23.51 41.84
N LYS B 1675 -52.93 -24.83 41.82
CA LYS B 1675 -52.95 -25.56 40.55
C LYS B 1675 -54.08 -25.09 39.65
N THR B 1676 -55.25 -24.80 40.24
CA THR B 1676 -56.36 -24.27 39.45
C THR B 1676 -56.02 -22.90 38.87
N ARG B 1677 -55.34 -22.06 39.64
CA ARG B 1677 -54.93 -20.75 39.14
C ARG B 1677 -53.94 -20.90 37.99
N VAL B 1678 -52.99 -21.83 38.11
CA VAL B 1678 -52.03 -22.06 37.04
C VAL B 1678 -52.74 -22.57 35.79
N LYS B 1679 -53.68 -23.49 35.95
CA LYS B 1679 -54.43 -24.00 34.81
C LYS B 1679 -55.26 -22.91 34.14
N GLY B 1680 -55.88 -22.04 34.93
CA GLY B 1680 -56.62 -20.94 34.34
C GLY B 1680 -55.72 -19.96 33.61
N LEU B 1681 -54.54 -19.70 34.14
CA LEU B 1681 -53.56 -18.85 33.47
C LEU B 1681 -53.04 -19.46 32.17
N THR B 1682 -52.85 -20.77 32.12
CA THR B 1682 -52.24 -21.44 30.97
C THR B 1682 -53.33 -22.04 30.08
N THR B 1683 -54.47 -21.37 29.96
CA THR B 1683 -55.53 -21.82 29.08
C THR B 1683 -56.29 -20.60 28.54
N PRO B 1684 -56.19 -20.31 27.24
CA PRO B 1684 -56.80 -19.09 26.71
C PRO B 1684 -58.33 -19.15 26.75
N TRP B 1685 -58.93 -17.97 26.88
CA TRP B 1685 -60.38 -17.78 26.80
C TRP B 1685 -61.10 -18.62 27.85
N SER B 1686 -60.50 -18.69 29.05
CA SER B 1686 -61.09 -19.39 30.19
C SER B 1686 -61.75 -18.36 31.08
N PRO B 1687 -63.05 -18.50 31.34
CA PRO B 1687 -63.78 -17.46 32.08
C PRO B 1687 -63.46 -17.46 33.57
N TRP B 1688 -63.28 -16.27 34.12
CA TRP B 1688 -63.09 -16.07 35.56
C TRP B 1688 -64.36 -15.56 36.23
N ASN B 1689 -65.45 -15.55 35.47
CA ASN B 1689 -66.75 -15.12 35.97
C ASN B 1689 -67.22 -15.97 37.14
N PRO B 1690 -67.15 -17.31 37.08
CA PRO B 1690 -67.56 -18.05 38.28
C PRO B 1690 -66.54 -17.95 39.41
#